data_8WPK
#
_entry.id   8WPK
#
loop_
_entity.id
_entity.type
_entity.pdbx_description
1 polymer 'DNA polymerase'
2 polymer 'DNA polymerase processivity factor'
3 polymer 'E4R Uracil-DNA glycosylase, DNA polymerase processivity factor'
4 polymer 'H5R late gene transcription factor'
5 polymer 'Primer DNA'
6 polymer 'Template DNA'
7 non-polymer "2',3'-DIDEOXY-THYMIDINE-5'-TRIPHOSPHATE"
8 non-polymer 'MAGNESIUM ION'
#
loop_
_entity_poly.entity_id
_entity_poly.type
_entity_poly.pdbx_seq_one_letter_code
_entity_poly.pdbx_strand_id
1 'polypeptide(L)'
;MDVRCINWFESHGENRFLYLKSRCRNGETVFIRFPHYFYYVVTDEIYQSLSPPPFNARPMGKMRTIDIDETISYNLDIKD
RKCSVADMWLIEEPKKRSIQNATMDEFFNISWFYISNGISPDGCYSLDEQYLTKINNGCYHCDDPRNCFAKEIPRFDIPR
SYLFLDIECHFDKKFPSVFINPISHTSYCYIDLSGKRLLFTLINEEMLTEQEIQEAVDRGCLRIQSLMEMDYERELVLCS
EIVLLRIAKQLLELTFDYVVTFNGHNFDLRYITNRLELLTGEKIIFRSPDKKEAVHLCIYERNQSSHKGVCGMANTTFHV
NNNNGTIFFDLYSFIQKSEKLDSYKLDSISKNAFSCMGKVLNRGVREMTFIGDDTTDAKGKADTFAKVLTTGNYVTVDED
IICKVIRKDILENGFKVVLSCPTLPNDIYKLSFGKDDIDLAQMYKDYNLNIALDMARYCIHDACLCQYLWEYYGVETKTD
AGAATYVLPQSMVFEYRASTIIKGPLLKLLLETKTILVRSETKQKFPYEGGKVFAPKQKMFSNNVLIFDYNSLYPNVCIF
GNLSPETLVGVVVSTNRLEEEINNQLLLQKYPPPRYITVHCEPRLPNLISEIAIFDRSIEGTIPRLLRTFLAERARYKKM
LKQATSSTEKAIYDSMQYTYKIVANSVYGLMGFRNSALYSYASAKSCTSIGRRMILYLESVLNGAELSNGMLRFANTLSN
PFYMDDRDINPIVKTSLPIDYRFRFRSVYGDTDSVFTEIDSQDVDKSIEIAKELERLINSRVLFNNFKIEFEAVYKNLIM
QSKKKYTTMKYSASSNSKSVPERINKGTSETRRDVSKFHKNMIKTYKTRLSEMLSEGRMNSNQVCIDILRSLETDLRSEF
DSRSSPLELFMLSRMHHSNYKSADNPNMYLVTEYNKNNPETIELGERYYFAYICPANVPWTKKLVNIKTYETIIDRSFKL
GSNQRIFYEVYFKRLTSEIVNLLDNKVLCISFFQRMFGSRPTFYEA
;
A
2 'polypeptide(L)'
;MHHHHHHGTGSMTSSADLTNLKELLSLYKSLRFSDSVAIEKYNSLVEWGTSTYWKIGVQKVTNVETSISDYYDEVKNKPF
NIDPGYYIFLPVYFGSVFIYSKGKNMVELGSGNSFQIPDEIRSACNKVLDSDNGIDFLRFVLLNNRWIMEDAISKYQSPV
NIFKLASEYGLNIPNYLEIEIEEDTLFDDELYSIMERSFDDTFPKISISYIKLGELKRQVVDFFKFSFMYIESIKVDRIG
DNIFIPSVITKSGKKILVKDVDHLIRSKVREHTFVKVKKKNTFSILYDYDGNGTETRGEVIKRIIDTIGRDYYVNGKYFS
KVGIAGLKQLTNKLDINECATVDELVDEINKSGTVKRKIKNQSVFDLSRECLGYPEADFITLVNNMRFKIENCKVVNFNI
ENTNCLNNPSIETIYGNFNQFVSIFNTVTDVKKRLFE
;
B
3 'polypeptide(L)'
;MNSVTISHAPYTITYHDDWEPVMSQLVEFYNEVASWLLRDETSPIPDKFFIQLKQPLRNKRVCVCGIDPYPKDGTGVPFE
SPNFTKKSIKEIASSISRLTGVIDYKGYNLNIIDGVIPWNYYLSCKLGETKSHAIYWDKISKLLLQHITKHVSVLYCLGK
TDFSNIRAKLESPVTTIVGYHPAARDHQFEKDRSFEIINVLLELDNKTPINWAQGFIY
;
C
4 'polypeptide(L)'
;MAWSITNKADTSSFTKMAEIRAHLRNSAENKDKNEDIFPEDVIIPSTKPKTKRTTTPRKPAATKRSTKKDKEKEEVEEVV
IEEYHQTTEENSPPPSSSPGVGDIVESVAAVELDDSDGDDEPMVQVEAGKVNHSARSDLSDLKVATDNIVKDLKKIITRI
SAVSTVLEDVQAAGISRQFTSMTKAITTLSDLVTEGKSKVVRKKVKTCKK
;
D,E,F,G
5 'polydeoxyribonucleotide'
;(DA)(DT)(DT)(DT)(DC)(DG)(DC)(DG)(DG)(DG)(DA)(DG)(DC)(DT)(DA)(DT)(DG)(DA)(DC)(DC)
(DA)(DT)(DG)(DA)(DT)(DT)(DA)(DC)(DG)(DA)(DA)(DT)(DT)(DG)(DC)
;
H
6 'polydeoxyribonucleotide'
;(DC)(DT)(DG)(DC)(DA)(DC)(DG)(DA)(DA)(DT)(DT)(DA)(DA)(DG)(DC)(DA)(DA)(DT)(DT)(DC)
(DG)(DT)(DA)(DA)(DT)(DC)(DA)(DT)(DG)(DG)(DT)(DC)(DA)(DT)(DA)(DG)(DC)(DT)(DC)(DC)
(DC)(DG)(DC)(DG)(DA)(DA)(DA)(DT)
;
I
#
loop_
_chem_comp.id
_chem_comp.type
_chem_comp.name
_chem_comp.formula
D3T DNA OH 3 prime terminus 2',3'-DIDEOXY-THYMIDINE-5'-TRIPHOSPHATE 'C10 H17 N2 O13 P3'
DA DNA linking 2'-DEOXYADENOSINE-5'-MONOPHOSPHATE 'C10 H14 N5 O6 P'
DC DNA linking 2'-DEOXYCYTIDINE-5'-MONOPHOSPHATE 'C9 H14 N3 O7 P'
DG DNA linking 2'-DEOXYGUANOSINE-5'-MONOPHOSPHATE 'C10 H14 N5 O7 P'
DT DNA linking THYMIDINE-5'-MONOPHOSPHATE 'C10 H15 N2 O8 P'
MG non-polymer 'MAGNESIUM ION' 'Mg 2'
#
# COMPACT_ATOMS: atom_id res chain seq x y z
N MET A 1 -54.93 1.64 -16.73
CA MET A 1 -54.93 1.69 -15.29
C MET A 1 -53.73 2.46 -14.78
N ASP A 2 -53.96 3.70 -14.36
CA ASP A 2 -52.88 4.64 -14.04
C ASP A 2 -52.29 4.31 -12.68
N VAL A 3 -51.02 3.92 -12.65
CA VAL A 3 -50.31 3.63 -11.41
C VAL A 3 -49.03 4.46 -11.39
N ARG A 4 -48.50 4.67 -10.18
CA ARG A 4 -47.18 5.25 -9.98
C ARG A 4 -46.33 4.27 -9.20
N CYS A 5 -45.16 3.94 -9.74
CA CYS A 5 -44.29 2.95 -9.13
C CYS A 5 -43.67 3.48 -7.85
N ILE A 6 -43.89 2.77 -6.75
CA ILE A 6 -43.33 3.14 -5.45
C ILE A 6 -42.08 2.34 -5.14
N ASN A 7 -42.15 1.01 -5.29
CA ASN A 7 -41.03 0.15 -4.92
C ASN A 7 -41.13 -1.14 -5.71
N TRP A 8 -39.97 -1.67 -6.09
CA TRP A 8 -39.86 -2.97 -6.74
C TRP A 8 -39.11 -3.89 -5.80
N PHE A 9 -39.54 -5.14 -5.74
CA PHE A 9 -39.03 -6.08 -4.74
C PHE A 9 -39.28 -7.51 -5.20
N GLU A 10 -38.33 -8.37 -4.86
CA GLU A 10 -38.33 -9.75 -5.32
C GLU A 10 -38.86 -10.66 -4.23
N SER A 11 -39.38 -11.82 -4.63
CA SER A 11 -39.89 -12.78 -3.68
C SER A 11 -38.74 -13.48 -2.96
N HIS A 12 -38.92 -13.72 -1.66
CA HIS A 12 -37.87 -14.34 -0.87
C HIS A 12 -37.85 -15.86 -1.06
N GLY A 13 -38.92 -16.42 -1.60
CA GLY A 13 -39.01 -17.86 -1.74
C GLY A 13 -38.23 -18.39 -2.93
N GLU A 14 -38.25 -19.71 -3.06
CA GLU A 14 -37.54 -20.35 -4.18
C GLU A 14 -38.25 -20.10 -5.50
N ASN A 15 -39.57 -19.95 -5.48
CA ASN A 15 -40.29 -19.57 -6.69
C ASN A 15 -40.19 -18.07 -6.87
N ARG A 16 -39.40 -17.66 -7.85
CA ARG A 16 -38.92 -16.28 -7.97
C ARG A 16 -40.00 -15.42 -8.62
N PHE A 17 -40.58 -14.52 -7.83
CA PHE A 17 -41.54 -13.54 -8.33
C PHE A 17 -40.95 -12.15 -8.16
N LEU A 18 -41.12 -11.32 -9.17
CA LEU A 18 -40.80 -9.90 -9.07
C LEU A 18 -42.07 -9.11 -8.86
N TYR A 19 -42.04 -8.21 -7.89
CA TYR A 19 -43.22 -7.45 -7.51
C TYR A 19 -43.01 -5.97 -7.75
N LEU A 20 -44.09 -5.28 -8.04
CA LEU A 20 -44.12 -3.83 -8.09
C LEU A 20 -45.11 -3.34 -7.03
N LYS A 21 -44.65 -2.42 -6.19
CA LYS A 21 -45.55 -1.68 -5.31
C LYS A 21 -45.94 -0.40 -6.03
N SER A 22 -47.23 -0.24 -6.30
CA SER A 22 -47.70 0.89 -7.11
C SER A 22 -48.92 1.51 -6.46
N ARG A 23 -49.14 2.78 -6.78
CA ARG A 23 -50.23 3.57 -6.23
C ARG A 23 -50.98 4.23 -7.37
N CYS A 24 -52.31 4.16 -7.32
CA CYS A 24 -53.14 4.80 -8.33
C CYS A 24 -53.45 6.24 -7.94
N ARG A 25 -54.29 6.90 -8.74
CA ARG A 25 -54.63 8.29 -8.48
C ARG A 25 -55.60 8.43 -7.31
N ASN A 26 -56.45 7.41 -7.08
CA ASN A 26 -57.41 7.49 -5.99
C ASN A 26 -56.81 7.14 -4.64
N GLY A 27 -55.55 6.73 -4.59
CA GLY A 27 -54.91 6.36 -3.35
C GLY A 27 -54.88 4.88 -3.05
N GLU A 28 -55.27 4.04 -4.00
CA GLU A 28 -55.27 2.61 -3.78
C GLU A 28 -53.90 2.03 -4.08
N THR A 29 -53.36 1.26 -3.14
CA THR A 29 -52.07 0.60 -3.34
C THR A 29 -52.28 -0.67 -4.17
N VAL A 30 -51.63 -0.74 -5.33
CA VAL A 30 -51.80 -1.82 -6.28
C VAL A 30 -50.48 -2.54 -6.44
N PHE A 31 -50.51 -3.86 -6.29
CA PHE A 31 -49.32 -4.69 -6.45
C PHE A 31 -49.39 -5.44 -7.76
N ILE A 32 -48.29 -5.46 -8.50
CA ILE A 32 -48.21 -6.18 -9.77
C ILE A 32 -47.10 -7.21 -9.66
N ARG A 33 -47.45 -8.48 -9.88
CA ARG A 33 -46.48 -9.56 -9.87
C ARG A 33 -45.93 -9.81 -11.27
N PHE A 34 -44.66 -10.15 -11.34
CA PHE A 34 -44.00 -10.54 -12.57
C PHE A 34 -43.23 -11.84 -12.35
N PRO A 35 -43.14 -12.68 -13.36
CA PRO A 35 -42.22 -13.83 -13.27
C PRO A 35 -40.79 -13.35 -13.48
N HIS A 36 -40.00 -13.40 -12.41
CA HIS A 36 -38.62 -12.92 -12.46
C HIS A 36 -37.74 -14.02 -13.02
N TYR A 37 -37.01 -13.69 -14.08
CA TYR A 37 -36.19 -14.64 -14.80
C TYR A 37 -34.72 -14.35 -14.58
N PHE A 38 -33.89 -15.36 -14.83
CA PHE A 38 -32.46 -15.17 -14.95
C PHE A 38 -32.15 -14.86 -16.41
N TYR A 39 -31.60 -13.67 -16.66
CA TYR A 39 -31.42 -13.17 -18.00
C TYR A 39 -30.00 -13.44 -18.48
N TYR A 40 -29.88 -14.06 -19.65
CA TYR A 40 -28.60 -14.36 -20.26
C TYR A 40 -28.59 -13.89 -21.70
N VAL A 41 -27.46 -13.38 -22.15
CA VAL A 41 -27.29 -12.91 -23.52
C VAL A 41 -26.26 -13.80 -24.20
N VAL A 42 -26.72 -14.55 -25.19
CA VAL A 42 -25.90 -15.48 -25.93
C VAL A 42 -25.95 -15.09 -27.40
N THR A 43 -25.02 -15.63 -28.18
CA THR A 43 -25.05 -15.42 -29.61
C THR A 43 -26.12 -16.31 -30.24
N ASP A 44 -26.33 -16.13 -31.54
CA ASP A 44 -27.32 -16.92 -32.26
C ASP A 44 -26.93 -18.38 -32.31
N GLU A 45 -25.65 -18.67 -32.54
CA GLU A 45 -25.19 -20.06 -32.61
C GLU A 45 -25.25 -20.74 -31.25
N ILE A 46 -24.97 -19.99 -30.17
CA ILE A 46 -25.12 -20.55 -28.83
C ILE A 46 -26.59 -20.76 -28.50
N TYR A 47 -27.46 -19.85 -28.96
CA TYR A 47 -28.90 -19.97 -28.73
C TYR A 47 -29.49 -21.19 -29.42
N GLN A 48 -29.09 -21.47 -30.66
CA GLN A 48 -29.62 -22.64 -31.33
C GLN A 48 -28.88 -23.91 -30.92
N SER A 49 -27.70 -23.77 -30.29
CA SER A 49 -26.97 -24.98 -29.87
C SER A 49 -27.34 -25.36 -28.44
N LEU A 50 -28.25 -24.64 -27.80
CA LEU A 50 -28.71 -25.01 -26.47
C LEU A 50 -29.55 -26.28 -26.53
N SER A 51 -28.98 -27.38 -25.98
CA SER A 51 -29.72 -28.64 -25.95
C SER A 51 -30.97 -28.59 -25.07
N PRO A 52 -30.97 -27.98 -23.87
CA PRO A 52 -32.26 -27.61 -23.27
C PRO A 52 -32.78 -26.32 -23.86
N PRO A 53 -34.02 -26.29 -24.31
CA PRO A 53 -34.58 -25.06 -24.89
C PRO A 53 -34.81 -24.01 -23.82
N PRO A 54 -34.63 -22.73 -24.16
CA PRO A 54 -34.94 -21.66 -23.20
C PRO A 54 -36.44 -21.57 -22.93
N PHE A 55 -36.78 -21.10 -21.73
CA PHE A 55 -38.18 -20.84 -21.41
C PHE A 55 -38.69 -19.66 -22.23
N ASN A 56 -37.88 -18.62 -22.37
CA ASN A 56 -38.20 -17.47 -23.19
C ASN A 56 -36.92 -16.91 -23.79
N ALA A 57 -37.00 -16.49 -25.04
CA ALA A 57 -35.84 -15.97 -25.77
C ALA A 57 -36.32 -14.88 -26.71
N ARG A 58 -35.79 -13.68 -26.54
CA ARG A 58 -36.19 -12.57 -27.37
C ARG A 58 -35.03 -12.07 -28.21
N PRO A 59 -35.27 -11.74 -29.49
CA PRO A 59 -34.17 -11.26 -30.34
C PRO A 59 -33.78 -9.84 -29.96
N MET A 60 -32.48 -9.63 -29.77
CA MET A 60 -31.95 -8.32 -29.41
C MET A 60 -31.29 -7.62 -30.59
N GLY A 61 -31.33 -8.21 -31.77
CA GLY A 61 -30.80 -7.58 -32.97
C GLY A 61 -29.33 -7.84 -33.18
N LYS A 62 -28.83 -7.28 -34.29
CA LYS A 62 -27.42 -7.40 -34.66
C LYS A 62 -26.62 -6.45 -33.80
N MET A 63 -25.94 -6.97 -32.78
CA MET A 63 -25.14 -6.16 -31.89
C MET A 63 -23.69 -6.60 -31.93
N ARG A 64 -22.80 -5.62 -32.02
CA ARG A 64 -21.37 -5.88 -32.07
C ARG A 64 -20.84 -6.24 -30.68
N THR A 65 -19.94 -7.21 -30.64
CA THR A 65 -19.38 -7.73 -29.39
C THR A 65 -17.89 -7.46 -29.40
N ILE A 66 -17.45 -6.54 -28.54
CA ILE A 66 -16.11 -5.98 -28.59
C ILE A 66 -15.32 -6.53 -27.41
N ASP A 67 -14.12 -7.04 -27.70
CA ASP A 67 -13.22 -7.56 -26.67
C ASP A 67 -12.45 -6.38 -26.10
N ILE A 68 -12.81 -5.96 -24.88
CA ILE A 68 -12.15 -4.80 -24.24
C ILE A 68 -10.98 -5.37 -23.45
N ASP A 69 -9.90 -5.63 -24.15
CA ASP A 69 -8.66 -6.06 -23.51
C ASP A 69 -7.54 -5.15 -23.98
N GLU A 70 -6.80 -4.60 -23.02
CA GLU A 70 -5.77 -3.61 -23.29
C GLU A 70 -4.44 -4.33 -23.51
N THR A 71 -4.02 -4.43 -24.76
CA THR A 71 -2.73 -4.99 -25.11
C THR A 71 -1.81 -3.86 -25.54
N ILE A 72 -0.67 -3.74 -24.90
CA ILE A 72 0.34 -2.77 -25.33
C ILE A 72 1.01 -3.31 -26.57
N SER A 73 1.46 -2.40 -27.43
CA SER A 73 2.14 -2.76 -28.66
C SER A 73 3.43 -1.96 -28.76
N TYR A 74 4.49 -2.63 -29.18
CA TYR A 74 5.78 -1.97 -29.36
C TYR A 74 5.98 -1.49 -30.78
N ASN A 75 4.99 -1.69 -31.64
CA ASN A 75 4.99 -1.21 -33.00
C ASN A 75 3.59 -0.72 -33.34
N LEU A 76 3.45 -0.12 -34.51
CA LEU A 76 2.16 0.40 -34.94
C LEU A 76 1.41 -0.56 -35.86
N ASP A 77 1.68 -1.85 -35.78
CA ASP A 77 0.85 -2.85 -36.43
C ASP A 77 -0.10 -3.43 -35.37
N ILE A 78 -0.97 -2.56 -34.85
CA ILE A 78 -1.96 -3.00 -33.89
C ILE A 78 -3.07 -3.74 -34.66
N LYS A 79 -3.36 -4.96 -34.23
CA LYS A 79 -4.49 -5.70 -34.78
C LYS A 79 -5.79 -5.01 -34.37
N ASP A 80 -6.79 -5.09 -35.25
CA ASP A 80 -8.08 -4.46 -34.98
C ASP A 80 -8.74 -5.13 -33.79
N ARG A 81 -9.44 -4.31 -32.99
CA ARG A 81 -10.11 -4.81 -31.79
C ARG A 81 -11.23 -5.75 -32.18
N LYS A 82 -11.31 -6.88 -31.48
CA LYS A 82 -12.13 -8.02 -31.91
C LYS A 82 -13.60 -7.67 -31.76
N CYS A 83 -14.23 -7.30 -32.87
CA CYS A 83 -15.65 -6.97 -32.91
C CYS A 83 -16.38 -8.09 -33.64
N SER A 84 -17.19 -8.84 -32.91
CA SER A 84 -17.95 -9.97 -33.47
C SER A 84 -19.41 -9.55 -33.54
N VAL A 85 -19.82 -9.06 -34.69
CA VAL A 85 -21.19 -8.61 -34.89
C VAL A 85 -22.08 -9.84 -35.10
N ALA A 86 -23.10 -9.98 -34.28
CA ALA A 86 -23.96 -11.15 -34.36
C ALA A 86 -25.35 -10.81 -33.83
N ASP A 87 -26.33 -11.63 -34.23
CA ASP A 87 -27.64 -11.59 -33.60
C ASP A 87 -27.55 -12.13 -32.19
N MET A 88 -28.11 -11.40 -31.24
CA MET A 88 -28.03 -11.81 -29.84
C MET A 88 -29.43 -12.04 -29.30
N TRP A 89 -29.55 -12.96 -28.35
CA TRP A 89 -30.83 -13.37 -27.81
C TRP A 89 -30.84 -13.21 -26.29
N LEU A 90 -31.98 -12.74 -25.78
CA LEU A 90 -32.17 -12.57 -24.35
C LEU A 90 -32.79 -13.85 -23.78
N ILE A 91 -31.96 -14.72 -23.23
CA ILE A 91 -32.40 -16.01 -22.71
C ILE A 91 -32.96 -15.81 -21.31
N GLU A 92 -34.18 -16.28 -21.09
CA GLU A 92 -34.87 -16.15 -19.81
C GLU A 92 -35.27 -17.53 -19.32
N GLU A 93 -34.87 -17.87 -18.10
CA GLU A 93 -35.34 -19.05 -17.40
C GLU A 93 -35.75 -18.69 -15.99
N PRO A 94 -36.74 -19.38 -15.42
CA PRO A 94 -37.04 -19.19 -14.00
C PRO A 94 -35.96 -19.70 -13.07
N LYS A 95 -35.15 -20.65 -13.51
CA LYS A 95 -34.03 -21.17 -12.74
C LYS A 95 -32.71 -20.64 -13.30
N LYS A 96 -31.69 -20.62 -12.44
CA LYS A 96 -30.37 -20.19 -12.87
C LYS A 96 -29.76 -21.23 -13.80
N ARG A 97 -29.21 -20.77 -14.92
CA ARG A 97 -28.69 -21.66 -15.96
C ARG A 97 -27.26 -21.25 -16.28
N SER A 98 -26.35 -22.21 -16.18
CA SER A 98 -24.94 -21.98 -16.48
C SER A 98 -24.74 -22.18 -17.97
N ILE A 99 -24.55 -21.08 -18.70
CA ILE A 99 -24.36 -21.10 -20.15
C ILE A 99 -22.93 -20.70 -20.45
N GLN A 100 -22.22 -21.54 -21.19
CA GLN A 100 -20.86 -21.22 -21.60
C GLN A 100 -20.87 -20.12 -22.64
N ASN A 101 -19.93 -19.17 -22.49
CA ASN A 101 -19.75 -18.00 -23.36
C ASN A 101 -21.01 -17.14 -23.45
N ALA A 102 -21.78 -17.07 -22.36
CA ALA A 102 -22.89 -16.15 -22.29
C ALA A 102 -22.39 -14.78 -21.88
N THR A 103 -22.72 -13.77 -22.67
CA THR A 103 -22.17 -12.44 -22.49
C THR A 103 -23.12 -11.57 -21.67
N MET A 104 -22.60 -10.39 -21.30
CA MET A 104 -23.34 -9.32 -20.62
C MET A 104 -23.90 -9.79 -19.28
N ASP A 105 -23.13 -10.63 -18.59
CA ASP A 105 -23.55 -11.22 -17.32
C ASP A 105 -23.25 -10.33 -16.13
N GLU A 106 -22.63 -9.17 -16.35
CA GLU A 106 -22.34 -8.25 -15.26
C GLU A 106 -23.58 -7.52 -14.75
N PHE A 107 -24.64 -7.50 -15.55
CA PHE A 107 -25.86 -6.79 -15.19
C PHE A 107 -26.82 -7.72 -14.45
N PHE A 108 -27.67 -7.12 -13.63
CA PHE A 108 -28.61 -7.92 -12.85
C PHE A 108 -29.85 -8.26 -13.66
N ASN A 109 -30.60 -9.22 -13.13
CA ASN A 109 -31.88 -9.62 -13.71
C ASN A 109 -32.92 -8.53 -13.58
N ILE A 110 -32.82 -7.70 -12.54
CA ILE A 110 -33.81 -6.64 -12.33
C ILE A 110 -33.61 -5.51 -13.33
N SER A 111 -32.35 -5.18 -13.64
CA SER A 111 -32.06 -4.18 -14.68
C SER A 111 -32.45 -4.71 -16.05
N TRP A 112 -32.24 -6.00 -16.29
CA TRP A 112 -32.69 -6.64 -17.52
C TRP A 112 -34.20 -6.67 -17.62
N PHE A 113 -34.89 -6.80 -16.48
CA PHE A 113 -36.35 -6.68 -16.46
C PHE A 113 -36.78 -5.29 -16.86
N TYR A 114 -36.10 -4.27 -16.33
CA TYR A 114 -36.50 -2.89 -16.59
C TYR A 114 -36.26 -2.52 -18.04
N ILE A 115 -35.07 -2.78 -18.56
CA ILE A 115 -34.63 -2.17 -19.80
C ILE A 115 -35.17 -2.93 -21.01
N SER A 116 -35.22 -4.27 -20.93
CA SER A 116 -35.80 -5.04 -22.03
C SER A 116 -37.32 -4.89 -22.12
N ASN A 117 -37.99 -4.59 -21.02
CA ASN A 117 -39.43 -4.32 -21.05
C ASN A 117 -39.74 -2.84 -21.15
N GLY A 118 -38.72 -1.99 -21.22
CA GLY A 118 -38.94 -0.56 -21.34
C GLY A 118 -39.52 0.09 -20.11
N ILE A 119 -39.34 -0.50 -18.94
CA ILE A 119 -39.95 -0.01 -17.72
C ILE A 119 -38.97 0.89 -16.98
N SER A 120 -39.38 2.11 -16.74
CA SER A 120 -38.65 2.96 -15.82
C SER A 120 -39.14 2.70 -14.40
N PRO A 121 -38.23 2.40 -13.47
CA PRO A 121 -38.64 2.18 -12.07
C PRO A 121 -39.25 3.41 -11.41
N ASP A 122 -38.82 4.61 -11.82
CA ASP A 122 -39.53 5.83 -11.48
C ASP A 122 -40.36 6.24 -12.69
N GLY A 123 -41.50 5.59 -12.83
CA GLY A 123 -42.36 5.83 -13.97
C GLY A 123 -43.82 5.73 -13.56
N CYS A 124 -44.65 6.45 -14.30
CA CYS A 124 -46.09 6.36 -14.19
C CYS A 124 -46.60 5.67 -15.44
N TYR A 125 -47.42 4.64 -15.25
CA TYR A 125 -47.85 3.80 -16.36
C TYR A 125 -49.35 3.57 -16.30
N SER A 126 -49.99 3.63 -17.47
CA SER A 126 -51.36 3.16 -17.63
C SER A 126 -51.29 1.69 -18.00
N LEU A 127 -51.54 0.82 -17.02
CA LEU A 127 -51.38 -0.61 -17.21
C LEU A 127 -52.54 -1.17 -18.02
N ASP A 128 -52.23 -1.93 -19.06
CA ASP A 128 -53.25 -2.65 -19.81
C ASP A 128 -53.73 -3.81 -18.95
N GLU A 129 -55.00 -3.76 -18.55
CA GLU A 129 -55.56 -4.77 -17.64
C GLU A 129 -55.79 -6.12 -18.29
N GLN A 130 -55.68 -6.21 -19.62
CA GLN A 130 -55.79 -7.51 -20.29
C GLN A 130 -54.57 -8.37 -20.07
N TYR A 131 -53.44 -7.79 -19.63
CA TYR A 131 -52.26 -8.54 -19.25
C TYR A 131 -52.13 -8.72 -17.75
N LEU A 132 -53.08 -8.20 -16.96
CA LEU A 132 -53.04 -8.32 -15.52
C LEU A 132 -54.06 -9.35 -15.05
N THR A 133 -53.59 -10.31 -14.27
CA THR A 133 -54.44 -11.35 -13.69
C THR A 133 -54.49 -11.15 -12.17
N LYS A 134 -55.69 -10.99 -11.63
CA LYS A 134 -55.86 -10.68 -10.22
C LYS A 134 -55.61 -11.92 -9.38
N ILE A 135 -54.69 -11.81 -8.42
CA ILE A 135 -54.41 -12.91 -7.51
C ILE A 135 -55.30 -12.83 -6.29
N ASN A 136 -55.27 -11.69 -5.61
CA ASN A 136 -56.18 -11.40 -4.50
C ASN A 136 -56.43 -9.88 -4.53
N ASN A 137 -56.95 -9.35 -3.43
CA ASN A 137 -57.33 -7.94 -3.38
C ASN A 137 -56.09 -7.05 -3.36
N GLY A 138 -55.92 -6.26 -4.43
CA GLY A 138 -54.82 -5.33 -4.52
C GLY A 138 -53.59 -5.85 -5.24
N CYS A 139 -53.52 -7.16 -5.51
CA CYS A 139 -52.35 -7.75 -6.17
C CYS A 139 -52.76 -8.36 -7.49
N TYR A 140 -51.99 -8.03 -8.55
CA TYR A 140 -52.21 -8.54 -9.89
C TYR A 140 -50.96 -9.26 -10.36
N HIS A 141 -51.13 -10.12 -11.37
CA HIS A 141 -50.02 -10.84 -11.98
C HIS A 141 -49.92 -10.43 -13.44
N CYS A 142 -48.72 -10.05 -13.85
CA CYS A 142 -48.45 -9.60 -15.21
C CYS A 142 -47.46 -10.58 -15.86
N ASP A 143 -47.96 -11.41 -16.77
CA ASP A 143 -47.09 -12.34 -17.49
C ASP A 143 -46.31 -11.65 -18.59
N ASP A 144 -46.86 -10.61 -19.20
CA ASP A 144 -46.20 -9.90 -20.29
C ASP A 144 -45.95 -8.46 -19.88
N PRO A 145 -44.77 -8.12 -19.36
CA PRO A 145 -44.49 -6.74 -18.96
C PRO A 145 -44.15 -5.82 -20.12
N ARG A 146 -44.04 -6.33 -21.35
CA ARG A 146 -43.77 -5.51 -22.51
C ARG A 146 -44.96 -4.60 -22.84
N ASN A 147 -46.11 -5.20 -23.14
CA ASN A 147 -47.24 -4.45 -23.64
C ASN A 147 -48.11 -3.89 -22.53
N CYS A 148 -48.01 -4.44 -21.32
CA CYS A 148 -48.73 -3.85 -20.19
C CYS A 148 -48.12 -2.54 -19.76
N PHE A 149 -46.80 -2.47 -19.72
CA PHE A 149 -46.06 -1.25 -19.38
C PHE A 149 -45.67 -0.49 -20.64
N ALA A 150 -46.63 -0.24 -21.52
CA ALA A 150 -46.35 0.41 -22.80
C ALA A 150 -46.72 1.88 -22.81
N LYS A 151 -47.77 2.27 -22.09
CA LYS A 151 -48.22 3.67 -22.03
C LYS A 151 -47.58 4.30 -20.80
N GLU A 152 -46.56 5.14 -21.03
CA GLU A 152 -45.89 5.86 -19.94
C GLU A 152 -46.52 7.24 -19.84
N ILE A 153 -47.49 7.37 -18.93
CA ILE A 153 -48.18 8.64 -18.69
C ILE A 153 -47.25 9.56 -17.90
N PRO A 154 -47.48 10.88 -17.90
CA PRO A 154 -46.68 11.77 -17.06
C PRO A 154 -46.95 11.54 -15.57
N ARG A 155 -46.04 12.09 -14.77
CA ARG A 155 -46.05 11.85 -13.33
C ARG A 155 -47.23 12.52 -12.65
N PHE A 156 -47.82 11.83 -11.69
CA PHE A 156 -48.86 12.39 -10.84
C PHE A 156 -48.53 12.12 -9.38
N ASP A 157 -48.98 13.02 -8.51
CA ASP A 157 -48.70 12.89 -7.09
C ASP A 157 -49.52 11.76 -6.47
N ILE A 158 -48.92 11.10 -5.48
CA ILE A 158 -49.56 9.97 -4.81
C ILE A 158 -49.53 10.20 -3.31
N PRO A 159 -50.52 9.70 -2.56
CA PRO A 159 -50.49 9.86 -1.09
C PRO A 159 -49.66 8.80 -0.38
N ARG A 160 -48.36 9.05 -0.26
CA ARG A 160 -47.48 8.06 0.35
C ARG A 160 -47.66 7.99 1.87
N SER A 161 -47.62 6.77 2.39
CA SER A 161 -47.73 6.50 3.82
C SER A 161 -46.35 6.28 4.43
N TYR A 162 -46.23 6.65 5.70
CA TYR A 162 -44.94 6.63 6.36
C TYR A 162 -45.08 6.16 7.80
N LEU A 163 -44.01 5.57 8.32
CA LEU A 163 -43.90 5.24 9.74
C LEU A 163 -42.50 5.64 10.20
N PHE A 164 -42.41 6.82 10.80
CA PHE A 164 -41.18 7.26 11.46
C PHE A 164 -41.25 6.85 12.92
N LEU A 165 -40.35 5.98 13.34
CA LEU A 165 -40.33 5.54 14.73
C LEU A 165 -38.93 5.61 15.30
N ASP A 166 -38.87 5.93 16.58
CA ASP A 166 -37.70 5.80 17.42
C ASP A 166 -38.17 5.20 18.73
N ILE A 167 -37.36 4.31 19.31
CA ILE A 167 -37.76 3.71 20.58
C ILE A 167 -36.76 4.16 21.63
N GLU A 168 -37.19 4.09 22.88
CA GLU A 168 -36.33 4.33 24.02
C GLU A 168 -36.38 3.11 24.93
N CYS A 169 -35.22 2.61 25.31
CA CYS A 169 -35.12 1.44 26.16
C CYS A 169 -34.43 1.81 27.46
N HIS A 170 -34.85 1.16 28.54
CA HIS A 170 -34.20 1.32 29.83
C HIS A 170 -32.77 0.76 29.77
N PHE A 171 -31.87 1.32 30.55
CA PHE A 171 -30.52 0.75 30.71
C PHE A 171 -29.96 1.17 32.07
N ASP A 172 -29.54 0.18 32.86
CA ASP A 172 -28.75 0.47 34.05
C ASP A 172 -27.30 0.70 33.69
N LYS A 173 -26.79 -0.05 32.73
CA LYS A 173 -25.42 0.08 32.22
C LYS A 173 -25.37 1.19 31.18
N LYS A 174 -24.30 1.22 30.38
CA LYS A 174 -24.18 2.25 29.35
C LYS A 174 -25.16 2.01 28.21
N PHE A 175 -25.49 0.75 27.94
CA PHE A 175 -26.31 0.39 26.78
C PHE A 175 -27.41 -0.58 27.19
N PRO A 176 -28.58 -0.51 26.54
CA PRO A 176 -29.62 -1.52 26.82
C PRO A 176 -29.23 -2.89 26.27
N SER A 177 -29.61 -3.92 27.02
CA SER A 177 -29.55 -5.30 26.55
C SER A 177 -30.98 -5.82 26.48
N VAL A 178 -31.32 -6.48 25.37
CA VAL A 178 -32.72 -6.84 25.13
C VAL A 178 -33.16 -7.98 26.05
N PHE A 179 -32.22 -8.69 26.67
CA PHE A 179 -32.57 -9.82 27.53
C PHE A 179 -32.88 -9.39 28.95
N ILE A 180 -32.34 -8.27 29.41
CA ILE A 180 -32.55 -7.81 30.77
C ILE A 180 -33.28 -6.47 30.83
N ASN A 181 -33.11 -5.60 29.83
CA ASN A 181 -33.59 -4.24 29.92
C ASN A 181 -34.83 -4.03 29.08
N PRO A 182 -35.89 -3.45 29.62
CA PRO A 182 -37.12 -3.28 28.85
C PRO A 182 -37.08 -2.09 27.92
N ILE A 183 -38.07 -2.03 27.04
CA ILE A 183 -38.32 -0.84 26.23
C ILE A 183 -39.17 0.12 27.04
N SER A 184 -38.67 1.34 27.23
CA SER A 184 -39.43 2.32 28.00
C SER A 184 -40.47 3.03 27.15
N HIS A 185 -40.06 3.55 26.00
CA HIS A 185 -40.95 4.32 25.12
C HIS A 185 -40.78 3.86 23.68
N THR A 186 -41.89 3.80 22.96
CA THR A 186 -41.89 3.65 21.50
C THR A 186 -42.70 4.79 20.92
N SER A 187 -42.03 5.70 20.24
CA SER A 187 -42.68 6.82 19.59
C SER A 187 -42.86 6.53 18.11
N TYR A 188 -43.95 7.05 17.54
CA TYR A 188 -44.26 6.82 16.15
C TYR A 188 -44.78 8.10 15.53
N CYS A 189 -44.33 8.39 14.31
CA CYS A 189 -44.93 9.41 13.46
C CYS A 189 -45.68 8.65 12.36
N TYR A 190 -46.94 8.35 12.63
CA TYR A 190 -47.81 7.63 11.71
C TYR A 190 -48.31 8.62 10.67
N ILE A 191 -48.05 8.32 9.39
CA ILE A 191 -48.64 9.06 8.28
C ILE A 191 -49.49 8.09 7.48
N ASP A 192 -50.78 8.37 7.39
CA ASP A 192 -51.75 7.46 6.83
C ASP A 192 -51.81 7.67 5.32
N LEU A 193 -52.60 6.85 4.62
CA LEU A 193 -52.84 7.06 3.19
C LEU A 193 -53.70 8.28 2.93
N SER A 194 -54.38 8.82 3.95
CA SER A 194 -55.17 10.03 3.81
C SER A 194 -54.39 11.29 4.14
N GLY A 195 -53.08 11.17 4.39
CA GLY A 195 -52.26 12.31 4.75
C GLY A 195 -52.32 12.70 6.21
N LYS A 196 -52.98 11.89 7.05
CA LYS A 196 -53.15 12.21 8.47
C LYS A 196 -51.87 11.88 9.21
N ARG A 197 -51.16 12.91 9.68
CA ARG A 197 -49.90 12.74 10.38
C ARG A 197 -50.20 12.60 11.87
N LEU A 198 -50.10 11.36 12.37
CA LEU A 198 -50.40 11.05 13.76
C LEU A 198 -49.12 10.83 14.53
N LEU A 199 -48.99 11.52 15.67
CA LEU A 199 -47.83 11.41 16.55
C LEU A 199 -48.28 10.77 17.84
N PHE A 200 -47.64 9.68 18.23
CA PHE A 200 -48.03 9.00 19.46
C PHE A 200 -46.85 8.21 20.01
N THR A 201 -46.73 8.24 21.34
CA THR A 201 -45.68 7.56 22.07
C THR A 201 -46.33 6.56 23.01
N LEU A 202 -45.88 5.31 22.95
CA LEU A 202 -46.36 4.29 23.86
C LEU A 202 -45.39 4.21 25.04
N ILE A 203 -45.91 4.41 26.25
CA ILE A 203 -45.08 4.38 27.45
C ILE A 203 -45.30 3.05 28.15
N ASN A 204 -44.19 2.39 28.48
CA ASN A 204 -44.24 1.14 29.25
C ASN A 204 -44.73 1.43 30.66
N GLU A 205 -45.92 0.92 30.98
CA GLU A 205 -46.50 1.10 32.31
C GLU A 205 -45.90 0.15 33.34
N GLU A 206 -45.16 -0.87 32.90
CA GLU A 206 -44.49 -1.77 33.83
C GLU A 206 -43.35 -1.08 34.56
N MET A 207 -42.72 -0.09 33.94
CA MET A 207 -41.65 0.66 34.57
C MET A 207 -42.16 1.72 35.52
N LEU A 208 -43.46 2.01 35.52
CA LEU A 208 -44.06 2.99 36.40
C LEU A 208 -44.86 2.29 37.49
N THR A 209 -44.97 2.96 38.64
CA THR A 209 -45.85 2.47 39.69
C THR A 209 -47.31 2.74 39.32
N GLU A 210 -48.21 2.03 40.01
CA GLU A 210 -49.65 2.11 39.70
C GLU A 210 -50.22 3.49 40.02
N GLN A 211 -49.71 4.15 41.07
CA GLN A 211 -50.13 5.51 41.37
C GLN A 211 -49.69 6.48 40.28
N GLU A 212 -48.50 6.27 39.71
CA GLU A 212 -48.05 7.09 38.59
C GLU A 212 -48.85 6.82 37.33
N ILE A 213 -49.28 5.57 37.12
CA ILE A 213 -50.15 5.25 35.99
C ILE A 213 -51.49 5.95 36.14
N GLN A 214 -52.06 5.92 37.35
CA GLN A 214 -53.33 6.61 37.60
C GLN A 214 -53.17 8.12 37.48
N GLU A 215 -52.02 8.67 37.89
CA GLU A 215 -51.75 10.09 37.74
C GLU A 215 -51.61 10.50 36.29
N ALA A 216 -51.01 9.64 35.45
CA ALA A 216 -50.93 9.94 34.03
C ALA A 216 -52.28 9.80 33.35
N VAL A 217 -53.12 8.88 33.84
CA VAL A 217 -54.49 8.78 33.33
C VAL A 217 -55.29 10.03 33.69
N ASP A 218 -55.10 10.55 34.90
CA ASP A 218 -55.69 11.82 35.28
C ASP A 218 -55.13 12.98 34.48
N ARG A 219 -53.86 12.89 34.07
CA ARG A 219 -53.27 13.90 33.21
C ARG A 219 -53.74 13.79 31.76
N GLY A 220 -54.26 12.63 31.37
CA GLY A 220 -54.80 12.44 30.02
C GLY A 220 -54.14 11.34 29.22
N CYS A 221 -53.14 10.65 29.74
CA CYS A 221 -52.53 9.53 29.03
C CYS A 221 -53.44 8.32 29.09
N LEU A 222 -53.60 7.66 27.95
CA LEU A 222 -54.56 6.56 27.83
C LEU A 222 -53.95 5.25 28.32
N ARG A 223 -54.67 4.58 29.22
CA ARG A 223 -54.35 3.20 29.62
C ARG A 223 -55.08 2.22 28.71
N ILE A 224 -54.31 1.31 28.12
CA ILE A 224 -54.86 0.23 27.31
C ILE A 224 -54.35 -1.10 27.85
N GLN A 225 -55.08 -2.16 27.54
CA GLN A 225 -54.72 -3.49 27.96
C GLN A 225 -54.43 -4.43 26.78
N SER A 226 -54.73 -4.02 25.56
CA SER A 226 -54.53 -4.85 24.38
C SER A 226 -54.38 -3.93 23.17
N LEU A 227 -54.37 -4.54 21.97
CA LEU A 227 -54.26 -3.77 20.74
C LEU A 227 -55.58 -3.17 20.30
N MET A 228 -56.70 -3.78 20.69
CA MET A 228 -58.01 -3.28 20.28
C MET A 228 -58.33 -1.96 20.96
N GLU A 229 -57.89 -1.79 22.20
CA GLU A 229 -58.07 -0.54 22.92
C GLU A 229 -57.12 0.56 22.45
N MET A 230 -56.11 0.23 21.65
CA MET A 230 -55.11 1.20 21.24
C MET A 230 -55.69 2.17 20.21
N ASP A 231 -55.54 3.46 20.49
CA ASP A 231 -55.96 4.53 19.60
C ASP A 231 -54.73 5.28 19.14
N TYR A 232 -54.55 5.40 17.82
CA TYR A 232 -53.43 6.15 17.28
C TYR A 232 -53.61 7.66 17.40
N GLU A 233 -54.86 8.12 17.59
CA GLU A 233 -55.12 9.55 17.73
C GLU A 233 -54.72 10.10 19.08
N ARG A 234 -54.59 9.25 20.09
CA ARG A 234 -54.14 9.69 21.41
C ARG A 234 -52.64 9.97 21.37
N GLU A 235 -52.25 11.12 21.92
CA GLU A 235 -50.86 11.54 21.86
C GLU A 235 -49.97 10.69 22.77
N LEU A 236 -50.46 10.36 23.97
CA LEU A 236 -49.67 9.61 24.94
C LEU A 236 -50.52 8.45 25.41
N VAL A 237 -50.01 7.23 25.24
CA VAL A 237 -50.72 6.01 25.59
C VAL A 237 -49.86 5.18 26.53
N LEU A 238 -50.44 4.77 27.65
CA LEU A 238 -49.79 3.86 28.59
C LEU A 238 -50.17 2.42 28.27
N CYS A 239 -49.19 1.53 28.36
CA CYS A 239 -49.43 0.11 28.11
C CYS A 239 -48.32 -0.69 28.77
N SER A 240 -48.54 -2.00 28.86
CA SER A 240 -47.46 -2.90 29.23
C SER A 240 -46.48 -3.03 28.07
N GLU A 241 -45.32 -3.63 28.34
CA GLU A 241 -44.33 -3.79 27.28
C GLU A 241 -44.77 -4.83 26.25
N ILE A 242 -45.56 -5.82 26.66
CA ILE A 242 -46.08 -6.79 25.70
C ILE A 242 -47.05 -6.14 24.72
N VAL A 243 -47.96 -5.30 25.24
CA VAL A 243 -48.90 -4.57 24.39
C VAL A 243 -48.17 -3.57 23.51
N LEU A 244 -47.14 -2.92 24.06
CA LEU A 244 -46.26 -2.04 23.29
C LEU A 244 -45.59 -2.76 22.13
N LEU A 245 -45.11 -3.99 22.37
CA LEU A 245 -44.45 -4.73 21.31
C LEU A 245 -45.45 -5.25 20.28
N ARG A 246 -46.67 -5.60 20.70
CA ARG A 246 -47.67 -6.00 19.71
C ARG A 246 -48.15 -4.81 18.89
N ILE A 247 -48.17 -3.61 19.47
CA ILE A 247 -48.47 -2.41 18.68
C ILE A 247 -47.34 -2.12 17.70
N ALA A 248 -46.09 -2.32 18.13
CA ALA A 248 -44.95 -2.20 17.23
C ALA A 248 -45.02 -3.23 16.10
N LYS A 249 -45.41 -4.46 16.42
CA LYS A 249 -45.56 -5.51 15.42
C LYS A 249 -46.68 -5.19 14.44
N GLN A 250 -47.81 -4.69 14.95
CA GLN A 250 -48.94 -4.31 14.10
C GLN A 250 -48.57 -3.16 13.17
N LEU A 251 -47.82 -2.18 13.69
CA LEU A 251 -47.43 -1.05 12.85
C LEU A 251 -46.37 -1.43 11.83
N LEU A 252 -45.39 -2.24 12.22
CA LEU A 252 -44.34 -2.61 11.27
C LEU A 252 -44.84 -3.63 10.25
N GLU A 253 -45.88 -4.38 10.60
CA GLU A 253 -46.50 -5.30 9.65
C GLU A 253 -47.41 -4.61 8.64
N LEU A 254 -47.73 -3.34 8.86
CA LEU A 254 -48.51 -2.59 7.88
C LEU A 254 -47.70 -2.32 6.64
N THR A 255 -48.36 -2.32 5.49
CA THR A 255 -47.70 -2.10 4.21
C THR A 255 -47.52 -0.59 3.97
N PHE A 256 -46.61 -0.01 4.74
CA PHE A 256 -46.21 1.37 4.54
C PHE A 256 -45.40 1.49 3.25
N ASP A 257 -45.34 2.70 2.73
CA ASP A 257 -44.39 2.93 1.65
C ASP A 257 -42.97 3.05 2.18
N TYR A 258 -42.82 3.65 3.36
CA TYR A 258 -41.52 3.82 4.00
C TYR A 258 -41.69 3.67 5.49
N VAL A 259 -40.88 2.81 6.10
CA VAL A 259 -40.68 2.82 7.54
C VAL A 259 -39.28 3.36 7.77
N VAL A 260 -39.18 4.53 8.37
CA VAL A 260 -37.92 5.26 8.45
C VAL A 260 -37.50 5.37 9.91
N THR A 261 -36.25 5.05 10.17
CA THR A 261 -35.66 5.11 11.50
C THR A 261 -34.30 5.77 11.42
N PHE A 262 -33.75 6.11 12.57
CA PHE A 262 -32.35 6.49 12.69
C PHE A 262 -31.67 5.49 13.60
N ASN A 263 -30.67 4.78 13.07
CA ASN A 263 -29.98 3.66 13.71
C ASN A 263 -30.97 2.59 14.17
N GLY A 264 -32.00 2.36 13.36
CA GLY A 264 -33.12 1.58 13.80
C GLY A 264 -33.09 0.14 13.39
N HIS A 265 -32.51 -0.15 12.24
CA HIS A 265 -32.26 -1.53 11.86
C HIS A 265 -31.27 -2.18 12.83
N ASN A 266 -30.20 -1.45 13.16
CA ASN A 266 -29.19 -1.99 14.07
C ASN A 266 -29.71 -2.06 15.50
N PHE A 267 -30.44 -1.04 15.95
CA PHE A 267 -30.88 -1.00 17.34
C PHE A 267 -32.39 -1.11 17.49
N ASP A 268 -33.18 -0.21 16.90
CA ASP A 268 -34.56 -0.02 17.32
C ASP A 268 -35.45 -1.19 16.88
N LEU A 269 -35.44 -1.50 15.59
CA LEU A 269 -36.29 -2.58 15.07
C LEU A 269 -35.78 -3.95 15.53
N ARG A 270 -34.47 -4.10 15.63
CA ARG A 270 -33.90 -5.34 16.15
C ARG A 270 -34.27 -5.54 17.61
N TYR A 271 -34.23 -4.47 18.41
CA TYR A 271 -34.65 -4.53 19.80
C TYR A 271 -36.14 -4.85 19.91
N ILE A 272 -36.95 -4.29 18.99
CA ILE A 272 -38.38 -4.56 18.98
C ILE A 272 -38.66 -6.03 18.70
N THR A 273 -38.02 -6.59 17.68
CA THR A 273 -38.29 -7.99 17.33
C THR A 273 -37.68 -8.95 18.34
N ASN A 274 -36.51 -8.63 18.89
CA ASN A 274 -35.90 -9.46 19.91
C ASN A 274 -36.71 -9.45 21.20
N ARG A 275 -37.19 -8.28 21.62
CA ARG A 275 -38.02 -8.19 22.81
C ARG A 275 -39.40 -8.81 22.59
N LEU A 276 -39.92 -8.75 21.35
CA LEU A 276 -41.19 -9.39 21.05
C LEU A 276 -41.07 -10.91 21.05
N GLU A 277 -39.95 -11.44 20.54
CA GLU A 277 -39.70 -12.86 20.58
C GLU A 277 -39.45 -13.33 22.03
N LEU A 278 -38.83 -12.48 22.83
CA LEU A 278 -38.56 -12.84 24.22
C LEU A 278 -39.83 -12.84 25.07
N LEU A 279 -40.57 -11.73 25.08
CA LEU A 279 -41.64 -11.56 26.05
C LEU A 279 -42.88 -12.35 25.71
N THR A 280 -43.23 -12.48 24.43
CA THR A 280 -44.43 -13.20 24.05
C THR A 280 -44.24 -14.22 22.94
N GLY A 281 -43.07 -14.32 22.34
CA GLY A 281 -42.80 -15.31 21.34
C GLY A 281 -43.30 -15.00 19.95
N GLU A 282 -43.95 -13.85 19.77
CA GLU A 282 -44.46 -13.48 18.46
C GLU A 282 -43.34 -12.94 17.58
N LYS A 283 -43.62 -12.92 16.28
CA LYS A 283 -42.67 -12.41 15.30
C LYS A 283 -43.39 -11.43 14.39
N ILE A 284 -42.67 -10.41 13.94
CA ILE A 284 -43.22 -9.45 12.99
C ILE A 284 -43.19 -10.10 11.62
N ILE A 285 -44.35 -10.46 11.12
CA ILE A 285 -44.47 -11.33 9.95
C ILE A 285 -44.78 -10.45 8.74
N PHE A 286 -43.80 -10.31 7.86
CA PHE A 286 -44.01 -9.67 6.57
C PHE A 286 -44.53 -10.70 5.58
N ARG A 287 -45.65 -10.39 4.94
CA ARG A 287 -46.25 -11.29 3.98
C ARG A 287 -46.11 -10.72 2.58
N SER A 288 -46.07 -11.64 1.62
CA SER A 288 -46.02 -11.28 0.21
C SER A 288 -47.35 -10.65 -0.20
N PRO A 289 -47.33 -9.79 -1.23
CA PRO A 289 -48.59 -9.21 -1.73
C PRO A 289 -49.59 -10.23 -2.24
N ASP A 290 -49.14 -11.34 -2.80
CA ASP A 290 -50.02 -12.44 -3.18
C ASP A 290 -50.21 -13.44 -2.03
N LYS A 291 -49.60 -13.17 -0.88
CA LYS A 291 -49.73 -13.94 0.37
C LYS A 291 -49.26 -15.38 0.25
N LYS A 292 -48.41 -15.70 -0.75
CA LYS A 292 -47.92 -17.06 -0.87
C LYS A 292 -46.82 -17.35 0.14
N GLU A 293 -45.95 -16.38 0.41
CA GLU A 293 -44.87 -16.56 1.36
C GLU A 293 -44.96 -15.50 2.45
N ALA A 294 -44.47 -15.85 3.64
CA ALA A 294 -44.46 -14.95 4.79
C ALA A 294 -43.14 -15.09 5.51
N VAL A 295 -42.41 -13.98 5.65
CA VAL A 295 -41.13 -13.99 6.31
C VAL A 295 -41.24 -13.20 7.62
N HIS A 296 -40.29 -13.44 8.50
CA HIS A 296 -40.21 -12.77 9.79
C HIS A 296 -39.12 -11.69 9.74
N LEU A 297 -39.23 -10.71 10.63
CA LEU A 297 -38.26 -9.63 10.61
C LEU A 297 -36.99 -10.15 11.25
N CYS A 298 -35.94 -10.31 10.46
CA CYS A 298 -34.61 -10.63 10.97
C CYS A 298 -33.66 -9.60 10.39
N ILE A 299 -33.10 -8.77 11.26
CA ILE A 299 -32.10 -7.81 10.82
C ILE A 299 -30.84 -8.56 10.45
N TYR A 300 -30.41 -8.40 9.21
CA TYR A 300 -29.23 -9.08 8.71
C TYR A 300 -28.15 -8.06 8.42
N GLU A 301 -26.91 -8.42 8.76
CA GLU A 301 -25.78 -7.58 8.39
C GLU A 301 -25.57 -7.61 6.89
N ARG A 302 -25.13 -6.50 6.36
CA ARG A 302 -24.53 -6.45 5.03
C ARG A 302 -23.20 -5.75 5.18
N ASN A 303 -22.13 -6.50 4.99
CA ASN A 303 -20.77 -6.01 5.26
C ASN A 303 -20.07 -5.70 3.95
N GLN A 304 -19.66 -4.45 3.79
CA GLN A 304 -18.85 -4.02 2.67
C GLN A 304 -17.38 -4.18 3.02
N SER A 305 -16.63 -4.83 2.13
CA SER A 305 -15.19 -4.73 2.22
C SER A 305 -14.71 -3.51 1.46
N SER A 306 -13.52 -3.04 1.83
CA SER A 306 -12.88 -2.02 1.05
C SER A 306 -12.41 -2.59 -0.29
N HIS A 307 -12.25 -1.71 -1.26
CA HIS A 307 -11.68 -2.09 -2.55
C HIS A 307 -10.25 -1.60 -2.70
N LYS A 308 -9.64 -1.14 -1.61
CA LYS A 308 -8.25 -0.71 -1.59
C LYS A 308 -7.52 -1.44 -0.46
N GLY A 309 -6.21 -1.53 -0.60
CA GLY A 309 -5.40 -2.14 0.44
C GLY A 309 -5.53 -3.65 0.41
N VAL A 310 -5.81 -4.23 1.58
CA VAL A 310 -5.93 -5.68 1.73
C VAL A 310 -7.40 -6.09 1.54
N CYS A 311 -8.23 -5.12 1.17
CA CYS A 311 -9.66 -5.29 0.93
C CYS A 311 -10.38 -5.86 2.15
N GLY A 312 -10.00 -5.38 3.33
CA GLY A 312 -10.66 -5.77 4.55
C GLY A 312 -12.02 -5.12 4.67
N MET A 313 -12.79 -5.61 5.64
CA MET A 313 -14.18 -5.18 5.79
C MET A 313 -14.22 -3.75 6.31
N ALA A 314 -14.90 -2.88 5.58
CA ALA A 314 -14.82 -1.44 5.82
C ALA A 314 -16.11 -0.83 6.32
N ASN A 315 -17.25 -1.46 6.07
CA ASN A 315 -18.53 -0.86 6.42
C ASN A 315 -19.53 -1.98 6.58
N THR A 316 -20.45 -1.82 7.53
CA THR A 316 -21.60 -2.70 7.64
C THR A 316 -22.88 -1.88 7.73
N THR A 317 -23.89 -2.31 7.00
CA THR A 317 -25.22 -1.74 7.07
C THR A 317 -26.19 -2.83 7.50
N PHE A 318 -27.33 -2.41 8.03
CA PHE A 318 -28.31 -3.32 8.57
C PHE A 318 -29.63 -3.07 7.88
N HIS A 319 -30.31 -4.15 7.50
CA HIS A 319 -31.50 -4.07 6.67
C HIS A 319 -32.56 -5.01 7.21
N VAL A 320 -33.78 -4.80 6.74
CA VAL A 320 -34.94 -5.56 7.20
C VAL A 320 -35.29 -6.61 6.16
N ASN A 321 -35.41 -7.86 6.62
CA ASN A 321 -35.87 -8.97 5.79
C ASN A 321 -37.38 -8.85 5.62
N ASN A 322 -37.80 -7.99 4.67
CA ASN A 322 -39.21 -7.74 4.43
C ASN A 322 -39.54 -7.94 2.97
N ASN A 323 -40.72 -8.49 2.71
CA ASN A 323 -41.17 -8.79 1.34
C ASN A 323 -42.56 -8.24 1.06
N ASN A 324 -43.05 -7.32 1.89
CA ASN A 324 -44.33 -6.68 1.64
C ASN A 324 -44.20 -5.43 0.78
N GLY A 325 -42.98 -5.01 0.46
CA GLY A 325 -42.75 -3.84 -0.36
C GLY A 325 -42.44 -2.58 0.39
N THR A 326 -42.49 -2.60 1.71
CA THR A 326 -42.15 -1.43 2.50
C THR A 326 -40.65 -1.18 2.46
N ILE A 327 -40.27 0.03 2.08
CA ILE A 327 -38.87 0.40 2.09
C ILE A 327 -38.50 0.77 3.52
N PHE A 328 -38.03 -0.20 4.28
CA PHE A 328 -37.51 0.06 5.61
C PHE A 328 -36.20 0.82 5.49
N PHE A 329 -36.20 2.08 5.89
CA PHE A 329 -35.11 3.00 5.59
C PHE A 329 -34.41 3.38 6.89
N ASP A 330 -33.14 3.00 7.00
CA ASP A 330 -32.32 3.47 8.10
C ASP A 330 -31.64 4.76 7.66
N LEU A 331 -32.01 5.88 8.28
CA LEU A 331 -31.39 7.16 7.93
C LEU A 331 -29.94 7.23 8.37
N TYR A 332 -29.56 6.46 9.39
CA TYR A 332 -28.19 6.43 9.86
C TYR A 332 -27.23 5.95 8.78
N SER A 333 -27.60 4.87 8.09
CA SER A 333 -26.77 4.35 7.00
C SER A 333 -26.75 5.30 5.82
N PHE A 334 -27.89 5.95 5.54
CA PHE A 334 -28.00 6.87 4.42
C PHE A 334 -27.11 8.10 4.62
N ILE A 335 -27.16 8.70 5.80
CA ILE A 335 -26.31 9.86 6.08
C ILE A 335 -24.86 9.45 6.27
N GLN A 336 -24.60 8.21 6.71
CA GLN A 336 -23.24 7.69 6.70
C GLN A 336 -22.66 7.62 5.30
N LYS A 337 -23.46 7.16 4.33
CA LYS A 337 -22.99 7.05 2.96
C LYS A 337 -22.88 8.43 2.30
N SER A 338 -23.84 9.31 2.57
CA SER A 338 -23.95 10.54 1.78
C SER A 338 -23.21 11.72 2.39
N GLU A 339 -23.13 11.80 3.71
CA GLU A 339 -22.50 12.94 4.35
C GLU A 339 -21.10 12.58 4.86
N LYS A 340 -20.36 13.63 5.23
CA LYS A 340 -18.97 13.55 5.71
C LYS A 340 -18.88 14.41 6.96
N LEU A 341 -19.17 13.81 8.11
CA LEU A 341 -19.34 14.53 9.36
C LEU A 341 -18.53 13.90 10.47
N ASP A 342 -18.32 14.69 11.54
CA ASP A 342 -17.56 14.23 12.71
C ASP A 342 -18.22 13.03 13.37
N SER A 343 -19.52 13.13 13.62
CA SER A 343 -20.29 12.07 14.25
C SER A 343 -21.56 11.84 13.45
N TYR A 344 -22.02 10.60 13.46
CA TYR A 344 -23.27 10.25 12.78
C TYR A 344 -24.36 9.87 13.77
N LYS A 345 -24.21 10.23 15.03
CA LYS A 345 -25.31 10.11 15.98
C LYS A 345 -26.38 11.15 15.65
N LEU A 346 -27.60 10.89 16.12
CA LEU A 346 -28.77 11.66 15.71
C LEU A 346 -28.68 13.12 16.15
N ASP A 347 -28.06 13.36 17.31
CA ASP A 347 -27.83 14.71 17.79
C ASP A 347 -26.87 15.50 16.88
N SER A 348 -25.83 14.83 16.38
CA SER A 348 -24.87 15.48 15.49
C SER A 348 -25.49 15.80 14.12
N ILE A 349 -26.28 14.87 13.58
CA ILE A 349 -26.94 15.09 12.31
C ILE A 349 -27.99 16.18 12.43
N SER A 350 -28.68 16.24 13.57
CA SER A 350 -29.66 17.29 13.78
C SER A 350 -29.01 18.64 14.01
N LYS A 351 -27.82 18.66 14.63
CA LYS A 351 -27.09 19.92 14.78
C LYS A 351 -26.60 20.44 13.44
N ASN A 352 -26.04 19.56 12.60
CA ASN A 352 -25.53 20.00 11.31
C ASN A 352 -26.66 20.34 10.34
N ALA A 353 -27.78 19.62 10.41
CA ALA A 353 -28.90 19.84 9.51
C ALA A 353 -29.70 21.07 9.89
N PHE A 354 -30.28 21.06 11.09
CA PHE A 354 -31.24 22.09 11.49
C PHE A 354 -30.55 23.16 12.34
N SER A 355 -29.75 23.96 11.66
CA SER A 355 -29.11 25.12 12.24
C SER A 355 -29.69 26.38 11.62
N CYS A 356 -30.17 27.29 12.46
CA CYS A 356 -30.73 28.55 11.97
C CYS A 356 -30.21 29.71 12.82
N MET A 357 -29.90 30.81 12.16
CA MET A 357 -29.53 32.05 12.83
C MET A 357 -30.78 32.69 13.41
N GLY A 358 -30.72 33.11 14.65
CA GLY A 358 -31.85 33.73 15.32
C GLY A 358 -31.45 34.92 16.15
N LYS A 359 -32.16 36.03 15.95
CA LYS A 359 -31.90 37.23 16.72
C LYS A 359 -32.74 37.22 17.99
N VAL A 360 -32.37 38.09 18.93
CA VAL A 360 -32.99 38.15 20.24
C VAL A 360 -34.02 39.27 20.25
N LEU A 361 -35.22 38.96 20.75
CA LEU A 361 -36.23 39.97 21.01
C LEU A 361 -36.31 40.33 22.49
N ASN A 362 -36.27 39.32 23.36
CA ASN A 362 -36.36 39.53 24.80
C ASN A 362 -35.22 38.81 25.52
N ARG A 363 -34.67 39.47 26.53
CA ARG A 363 -33.63 38.90 27.37
C ARG A 363 -34.11 38.84 28.81
N GLY A 364 -33.80 37.76 29.50
CA GLY A 364 -34.20 37.61 30.88
C GLY A 364 -33.09 37.12 31.78
N VAL A 365 -33.43 36.82 33.05
CA VAL A 365 -32.43 36.31 33.99
C VAL A 365 -32.01 34.90 33.59
N ARG A 366 -32.98 34.03 33.31
CA ARG A 366 -32.71 32.67 32.91
C ARG A 366 -33.34 32.29 31.58
N GLU A 367 -34.09 33.20 30.95
CA GLU A 367 -34.80 32.91 29.71
C GLU A 367 -34.30 33.83 28.62
N MET A 368 -34.01 33.27 27.46
CA MET A 368 -33.63 34.02 26.27
C MET A 368 -34.63 33.71 25.17
N THR A 369 -35.23 34.76 24.61
CA THR A 369 -36.30 34.62 23.63
C THR A 369 -35.73 34.94 22.25
N PHE A 370 -35.55 33.90 21.44
CA PHE A 370 -35.03 34.03 20.09
C PHE A 370 -36.16 34.02 19.07
N ILE A 371 -35.95 34.74 17.97
CA ILE A 371 -36.83 34.70 16.82
C ILE A 371 -35.98 34.52 15.57
N GLY A 372 -36.48 33.74 14.63
CA GLY A 372 -35.80 33.56 13.37
C GLY A 372 -36.77 33.61 12.20
N ASP A 373 -36.37 34.26 11.12
CA ASP A 373 -37.24 34.42 9.96
C ASP A 373 -36.36 34.44 8.70
N ASP A 374 -36.92 34.91 7.59
CA ASP A 374 -36.20 34.96 6.33
C ASP A 374 -35.17 36.09 6.27
N THR A 375 -35.16 36.99 7.26
CA THR A 375 -34.15 38.03 7.33
C THR A 375 -32.96 37.64 8.21
N THR A 376 -33.20 36.81 9.24
CA THR A 376 -32.11 36.37 10.10
C THR A 376 -31.22 35.36 9.38
N ASP A 377 -31.81 34.41 8.68
CA ASP A 377 -31.07 33.41 7.92
C ASP A 377 -31.57 33.37 6.48
N ALA A 378 -31.15 32.37 5.73
CA ALA A 378 -31.64 32.19 4.36
C ALA A 378 -33.11 31.75 4.38
N LYS A 379 -33.76 31.90 3.22
CA LYS A 379 -35.17 31.57 3.10
C LYS A 379 -35.37 30.06 3.18
N GLY A 380 -36.16 29.63 4.17
CA GLY A 380 -36.40 28.23 4.41
C GLY A 380 -35.64 27.65 5.58
N LYS A 381 -34.60 28.35 6.06
CA LYS A 381 -33.86 27.88 7.23
C LYS A 381 -34.72 27.95 8.48
N ALA A 382 -35.41 29.08 8.67
CA ALA A 382 -36.25 29.25 9.85
C ALA A 382 -37.53 28.43 9.77
N ASP A 383 -38.05 28.19 8.57
CA ASP A 383 -39.20 27.31 8.42
C ASP A 383 -38.86 25.87 8.77
N THR A 384 -37.68 25.41 8.35
CA THR A 384 -37.19 24.10 8.75
C THR A 384 -36.94 24.04 10.24
N PHE A 385 -36.40 25.12 10.82
CA PHE A 385 -36.18 25.18 12.26
C PHE A 385 -37.48 25.13 13.03
N ALA A 386 -38.52 25.81 12.54
CA ALA A 386 -39.83 25.75 13.18
C ALA A 386 -40.45 24.37 13.06
N LYS A 387 -40.26 23.71 11.92
CA LYS A 387 -40.78 22.36 11.73
C LYS A 387 -40.12 21.38 12.70
N VAL A 388 -38.81 21.51 12.90
CA VAL A 388 -38.13 20.68 13.90
C VAL A 388 -38.52 21.09 15.32
N LEU A 389 -38.72 22.38 15.56
CA LEU A 389 -39.08 22.91 16.87
C LEU A 389 -40.50 22.54 17.28
N THR A 390 -41.33 22.10 16.33
CA THR A 390 -42.70 21.66 16.65
C THR A 390 -42.71 20.52 17.66
N THR A 391 -41.80 19.56 17.53
CA THR A 391 -41.66 18.50 18.51
C THR A 391 -40.35 18.59 19.30
N GLY A 392 -39.51 19.59 19.03
CA GLY A 392 -38.22 19.65 19.67
C GLY A 392 -38.29 20.14 21.10
N ASN A 393 -37.20 19.88 21.84
CA ASN A 393 -37.15 20.17 23.26
C ASN A 393 -35.92 20.96 23.69
N TYR A 394 -34.78 20.79 23.02
CA TYR A 394 -33.55 21.44 23.42
C TYR A 394 -32.90 22.06 22.19
N VAL A 395 -32.47 23.31 22.32
CA VAL A 395 -31.80 24.04 21.24
C VAL A 395 -30.41 24.43 21.73
N THR A 396 -29.41 24.14 20.91
CA THR A 396 -28.02 24.49 21.22
C THR A 396 -27.72 25.85 20.60
N VAL A 397 -27.17 26.75 21.42
CA VAL A 397 -26.81 28.10 21.00
C VAL A 397 -25.29 28.16 20.85
N ASP A 398 -24.83 28.58 19.67
CA ASP A 398 -23.41 28.73 19.31
C ASP A 398 -22.62 27.43 19.46
N GLU A 399 -23.30 26.28 19.33
CA GLU A 399 -22.72 24.93 19.33
C GLU A 399 -21.95 24.59 20.60
N ASP A 400 -22.19 25.28 21.71
CA ASP A 400 -21.52 24.92 22.97
C ASP A 400 -22.44 24.87 24.19
N ILE A 401 -23.54 25.62 24.24
CA ILE A 401 -24.41 25.63 25.41
C ILE A 401 -25.79 25.15 24.98
N ILE A 402 -26.37 24.27 25.80
CA ILE A 402 -27.62 23.58 25.48
C ILE A 402 -28.72 24.21 26.30
N CYS A 403 -29.79 24.65 25.63
CA CYS A 403 -30.86 25.39 26.27
C CYS A 403 -32.19 24.69 26.09
N LYS A 404 -32.90 24.50 27.20
CA LYS A 404 -34.23 23.90 27.15
C LYS A 404 -35.24 24.89 26.60
N VAL A 405 -36.16 24.40 25.78
CA VAL A 405 -37.22 25.24 25.23
C VAL A 405 -38.28 25.44 26.30
N ILE A 406 -38.50 26.69 26.70
CA ILE A 406 -39.56 26.99 27.67
C ILE A 406 -40.90 27.13 26.95
N ARG A 407 -41.01 28.09 26.04
CA ARG A 407 -42.20 28.29 25.25
C ARG A 407 -41.82 28.34 23.78
N LYS A 408 -42.71 27.82 22.94
CA LYS A 408 -42.43 27.69 21.51
C LYS A 408 -43.62 28.20 20.72
N ASP A 409 -43.34 28.87 19.61
CA ASP A 409 -44.38 29.46 18.77
C ASP A 409 -43.94 29.35 17.32
N ILE A 410 -44.80 28.80 16.48
CA ILE A 410 -44.53 28.61 15.06
C ILE A 410 -45.19 29.75 14.31
N LEU A 411 -44.39 30.65 13.75
CA LEU A 411 -44.91 31.79 13.02
C LEU A 411 -45.25 31.38 11.59
N GLU A 412 -45.69 32.36 10.79
CA GLU A 412 -45.97 32.10 9.38
C GLU A 412 -44.69 31.87 8.60
N ASN A 413 -43.66 32.67 8.86
CA ASN A 413 -42.40 32.60 8.13
C ASN A 413 -41.22 32.41 9.07
N GLY A 414 -41.36 31.55 10.06
CA GLY A 414 -40.27 31.28 10.96
C GLY A 414 -40.77 30.73 12.28
N PHE A 415 -39.96 30.98 13.32
CA PHE A 415 -40.19 30.40 14.64
C PHE A 415 -40.03 31.47 15.71
N LYS A 416 -40.51 31.15 16.90
CA LYS A 416 -40.37 32.00 18.08
C LYS A 416 -40.15 31.08 19.28
N VAL A 417 -38.95 31.10 19.84
CA VAL A 417 -38.56 30.14 20.87
C VAL A 417 -38.01 30.88 22.08
N VAL A 418 -38.42 30.46 23.28
CA VAL A 418 -37.87 30.93 24.54
C VAL A 418 -36.97 29.83 25.09
N LEU A 419 -35.72 30.18 25.38
CA LEU A 419 -34.69 29.21 25.71
C LEU A 419 -34.16 29.45 27.12
N SER A 420 -33.95 28.37 27.87
CA SER A 420 -33.31 28.42 29.18
C SER A 420 -31.82 28.65 28.98
N CYS A 421 -31.46 29.91 28.80
CA CYS A 421 -30.10 30.31 28.43
C CYS A 421 -29.61 31.42 29.34
N PRO A 422 -28.32 31.45 29.66
CA PRO A 422 -27.74 32.63 30.30
C PRO A 422 -27.75 33.82 29.36
N THR A 423 -27.70 35.00 29.94
CA THR A 423 -27.82 36.24 29.18
C THR A 423 -26.60 36.43 28.28
N LEU A 424 -26.85 36.64 26.98
CA LEU A 424 -25.84 36.69 25.95
C LEU A 424 -25.74 38.09 25.34
N PRO A 425 -24.53 38.59 25.08
CA PRO A 425 -24.39 39.99 24.68
C PRO A 425 -24.71 40.27 23.21
N ASN A 426 -24.43 39.32 22.32
CA ASN A 426 -24.56 39.58 20.90
C ASN A 426 -26.03 39.54 20.47
N ASP A 427 -26.28 40.07 19.27
CA ASP A 427 -27.65 40.20 18.78
C ASP A 427 -28.18 38.97 18.06
N ILE A 428 -27.37 38.34 17.20
CA ILE A 428 -27.78 37.12 16.50
C ILE A 428 -26.95 35.96 17.01
N TYR A 429 -27.57 34.78 17.05
CA TYR A 429 -26.90 33.57 17.49
C TYR A 429 -27.33 32.39 16.63
N LYS A 430 -26.41 31.45 16.45
CA LYS A 430 -26.70 30.23 15.71
C LYS A 430 -27.46 29.26 16.61
N LEU A 431 -28.71 28.97 16.24
CA LEU A 431 -29.54 28.03 16.96
C LEU A 431 -29.54 26.71 16.22
N SER A 432 -29.19 25.63 16.93
CA SER A 432 -29.15 24.31 16.34
C SER A 432 -29.71 23.30 17.31
N PHE A 433 -30.10 22.14 16.78
CA PHE A 433 -30.62 21.04 17.60
C PHE A 433 -29.48 20.05 17.81
N GLY A 434 -28.65 20.31 18.81
CA GLY A 434 -27.47 19.51 19.00
C GLY A 434 -27.52 18.50 20.12
N LYS A 435 -26.52 18.55 20.99
CA LYS A 435 -26.43 17.68 22.14
C LYS A 435 -27.55 17.98 23.13
N ASP A 436 -27.87 16.98 23.95
CA ASP A 436 -28.91 17.09 24.96
C ASP A 436 -28.27 17.19 26.34
N ASP A 437 -28.75 18.14 27.14
CA ASP A 437 -28.23 18.33 28.50
C ASP A 437 -28.99 17.49 29.51
N ILE A 438 -29.10 16.19 29.23
CA ILE A 438 -29.68 15.22 30.14
C ILE A 438 -28.73 14.02 30.21
N ASP A 439 -28.83 13.28 31.31
CA ASP A 439 -28.14 12.00 31.43
C ASP A 439 -29.24 10.95 31.53
N LEU A 440 -29.35 10.13 30.49
CA LEU A 440 -30.50 9.23 30.35
C LEU A 440 -30.46 8.10 31.37
N ALA A 441 -29.26 7.60 31.70
CA ALA A 441 -29.12 6.51 32.67
C ALA A 441 -29.54 6.95 34.07
N GLN A 442 -29.16 8.18 34.45
CA GLN A 442 -29.58 8.71 35.74
C GLN A 442 -31.09 8.88 35.81
N MET A 443 -31.70 9.35 34.72
CA MET A 443 -33.16 9.46 34.63
C MET A 443 -33.81 8.09 34.70
N TYR A 444 -33.14 7.05 34.21
CA TYR A 444 -33.67 5.70 34.33
C TYR A 444 -33.50 5.15 35.74
N LYS A 445 -32.53 5.64 36.51
CA LYS A 445 -32.39 5.21 37.90
C LYS A 445 -33.54 5.73 38.77
N ASP A 446 -33.86 7.02 38.67
CA ASP A 446 -34.91 7.63 39.49
C ASP A 446 -36.19 7.83 38.69
N TYR A 447 -36.53 6.83 37.88
CA TYR A 447 -37.63 6.88 36.93
C TYR A 447 -38.97 7.11 37.60
N ASN A 448 -39.57 8.27 37.33
CA ASN A 448 -40.89 8.60 37.82
C ASN A 448 -41.79 8.99 36.64
N LEU A 449 -42.96 9.56 36.92
CA LEU A 449 -43.89 9.91 35.85
C LEU A 449 -43.40 11.10 35.04
N ASN A 450 -42.86 12.11 35.71
CA ASN A 450 -42.39 13.31 35.01
C ASN A 450 -41.20 13.00 34.11
N ILE A 451 -40.30 12.13 34.57
CA ILE A 451 -39.19 11.68 33.75
C ILE A 451 -39.69 10.85 32.57
N ALA A 452 -40.74 10.06 32.80
CA ALA A 452 -41.35 9.27 31.72
C ALA A 452 -41.97 10.17 30.66
N LEU A 453 -42.65 11.25 31.07
CA LEU A 453 -43.25 12.15 30.10
C LEU A 453 -42.20 12.99 29.38
N ASP A 454 -41.13 13.38 30.09
CA ASP A 454 -40.03 14.10 29.44
C ASP A 454 -39.32 13.22 28.41
N MET A 455 -39.07 11.96 28.75
CA MET A 455 -38.46 11.05 27.79
C MET A 455 -39.42 10.64 26.68
N ALA A 456 -40.72 10.66 26.93
CA ALA A 456 -41.68 10.49 25.85
C ALA A 456 -41.62 11.67 24.88
N ARG A 457 -41.42 12.88 25.41
CA ARG A 457 -41.22 14.05 24.55
C ARG A 457 -39.92 13.94 23.76
N TYR A 458 -38.84 13.47 24.39
CA TYR A 458 -37.58 13.32 23.65
C TYR A 458 -37.68 12.19 22.61
N CYS A 459 -38.43 11.14 22.93
CA CYS A 459 -38.62 10.04 21.99
C CYS A 459 -39.48 10.46 20.80
N ILE A 460 -40.55 11.24 21.05
CA ILE A 460 -41.35 11.72 19.93
C ILE A 460 -40.59 12.76 19.13
N HIS A 461 -39.66 13.49 19.77
CA HIS A 461 -38.78 14.38 19.02
C HIS A 461 -37.84 13.58 18.13
N ASP A 462 -37.32 12.44 18.61
CA ASP A 462 -36.46 11.61 17.78
C ASP A 462 -37.22 10.96 16.62
N ALA A 463 -38.45 10.50 16.90
CA ALA A 463 -39.27 9.88 15.86
C ALA A 463 -39.67 10.89 14.79
N CYS A 464 -40.10 12.08 15.19
CA CYS A 464 -40.39 13.12 14.22
C CYS A 464 -39.12 13.69 13.61
N LEU A 465 -38.00 13.56 14.30
CA LEU A 465 -36.72 14.04 13.80
C LEU A 465 -36.22 13.16 12.67
N CYS A 466 -36.61 11.89 12.68
CA CYS A 466 -36.46 11.04 11.50
C CYS A 466 -37.23 11.60 10.31
N GLN A 467 -38.45 12.10 10.53
CA GLN A 467 -39.21 12.73 9.44
C GLN A 467 -38.57 14.02 8.97
N TYR A 468 -38.03 14.81 9.90
CA TYR A 468 -37.43 16.09 9.54
C TYR A 468 -36.11 15.88 8.79
N LEU A 469 -35.35 14.84 9.14
CA LEU A 469 -34.17 14.49 8.37
C LEU A 469 -34.53 13.84 7.04
N TRP A 470 -35.65 13.12 6.99
CA TRP A 470 -36.15 12.56 5.74
C TRP A 470 -36.52 13.65 4.74
N GLU A 471 -37.19 14.69 5.21
CA GLU A 471 -37.57 15.80 4.33
C GLU A 471 -36.43 16.76 4.08
N TYR A 472 -35.49 16.88 5.03
CA TYR A 472 -34.35 17.78 4.84
C TYR A 472 -33.40 17.26 3.78
N TYR A 473 -33.13 15.95 3.80
CA TYR A 473 -32.20 15.38 2.84
C TYR A 473 -32.85 15.08 1.49
N GLY A 474 -34.18 15.17 1.42
CA GLY A 474 -34.90 14.96 0.19
C GLY A 474 -34.79 13.53 -0.32
N VAL A 475 -35.04 12.58 0.57
CA VAL A 475 -34.86 11.18 0.23
C VAL A 475 -35.94 10.74 -0.75
N GLU A 476 -37.09 11.42 -0.77
CA GLU A 476 -38.12 11.15 -1.77
C GLU A 476 -37.62 11.44 -3.19
N THR A 477 -37.09 12.65 -3.41
CA THR A 477 -36.62 13.04 -4.73
C THR A 477 -35.35 12.29 -5.11
N LYS A 478 -34.47 12.04 -4.13
CA LYS A 478 -33.25 11.28 -4.40
C LYS A 478 -33.57 9.83 -4.74
N THR A 479 -34.56 9.24 -4.05
CA THR A 479 -34.99 7.88 -4.37
C THR A 479 -35.62 7.81 -5.74
N ASP A 480 -36.44 8.80 -6.09
CA ASP A 480 -37.07 8.83 -7.41
C ASP A 480 -36.03 8.99 -8.53
N ALA A 481 -35.07 9.89 -8.35
CA ALA A 481 -34.06 10.06 -9.38
C ALA A 481 -33.08 8.90 -9.43
N GLY A 482 -32.84 8.22 -8.31
CA GLY A 482 -32.04 7.03 -8.35
C GLY A 482 -32.74 5.86 -9.00
N ALA A 483 -34.05 5.77 -8.85
CA ALA A 483 -34.81 4.77 -9.59
C ALA A 483 -34.82 5.08 -11.09
N ALA A 484 -34.99 6.35 -11.45
CA ALA A 484 -35.07 6.73 -12.86
C ALA A 484 -33.72 6.60 -13.55
N THR A 485 -32.68 7.15 -12.92
CA THR A 485 -31.38 7.24 -13.58
C THR A 485 -30.61 5.93 -13.51
N TYR A 486 -30.43 5.40 -12.30
CA TYR A 486 -29.61 4.21 -12.11
C TYR A 486 -30.33 2.94 -12.51
N VAL A 487 -31.64 3.02 -12.77
CA VAL A 487 -32.51 1.97 -13.27
C VAL A 487 -32.47 0.85 -12.22
N LEU A 488 -32.99 1.16 -11.04
CA LEU A 488 -32.88 0.30 -9.88
C LEU A 488 -34.19 0.35 -9.09
N PRO A 489 -34.50 -0.67 -8.29
CA PRO A 489 -35.61 -0.55 -7.35
C PRO A 489 -35.37 0.57 -6.35
N GLN A 490 -36.47 1.16 -5.88
CA GLN A 490 -36.38 2.33 -5.01
C GLN A 490 -35.77 1.99 -3.65
N SER A 491 -35.98 0.76 -3.18
CA SER A 491 -35.30 0.32 -1.97
C SER A 491 -33.83 0.01 -2.22
N MET A 492 -33.43 -0.12 -3.49
CA MET A 492 -32.10 -0.52 -3.88
C MET A 492 -31.24 0.66 -4.32
N VAL A 493 -31.72 1.89 -4.13
CA VAL A 493 -31.10 3.06 -4.75
C VAL A 493 -29.83 3.47 -4.01
N PHE A 494 -29.93 3.69 -2.70
CA PHE A 494 -28.80 4.22 -1.95
C PHE A 494 -27.89 3.15 -1.38
N GLU A 495 -28.37 1.90 -1.32
CA GLU A 495 -27.64 0.86 -0.63
C GLU A 495 -26.66 0.13 -1.54
N TYR A 496 -26.22 0.79 -2.60
CA TYR A 496 -25.21 0.27 -3.51
C TYR A 496 -24.26 1.39 -3.90
N ARG A 497 -22.99 1.03 -4.07
CA ARG A 497 -21.97 1.98 -4.47
C ARG A 497 -21.97 2.16 -5.97
N ALA A 498 -20.86 2.69 -6.51
CA ALA A 498 -20.81 3.23 -7.86
C ALA A 498 -21.12 2.19 -8.93
N SER A 499 -20.53 0.99 -8.83
CA SER A 499 -20.55 0.01 -9.93
C SER A 499 -21.97 -0.45 -10.26
N THR A 500 -22.76 -0.73 -9.22
CA THR A 500 -24.16 -1.13 -9.38
C THR A 500 -25.00 -0.04 -10.03
N ILE A 501 -24.87 1.20 -9.57
CA ILE A 501 -25.72 2.26 -10.12
C ILE A 501 -25.22 2.73 -11.48
N ILE A 502 -23.99 2.38 -11.85
CA ILE A 502 -23.56 2.47 -13.25
C ILE A 502 -24.25 1.44 -14.12
N LYS A 503 -24.40 0.20 -13.60
CA LYS A 503 -24.82 -0.94 -14.41
C LYS A 503 -26.19 -0.80 -15.06
N GLY A 504 -27.05 0.09 -14.57
CA GLY A 504 -28.34 0.33 -15.20
C GLY A 504 -28.30 1.11 -16.50
N PRO A 505 -27.93 2.40 -16.44
CA PRO A 505 -27.84 3.20 -17.68
C PRO A 505 -26.77 2.73 -18.65
N LEU A 506 -25.72 2.08 -18.16
CA LEU A 506 -24.76 1.43 -19.04
C LEU A 506 -25.42 0.32 -19.85
N LEU A 507 -26.28 -0.47 -19.20
CA LEU A 507 -27.05 -1.48 -19.91
C LEU A 507 -28.03 -0.84 -20.90
N LYS A 508 -28.62 0.29 -20.53
CA LYS A 508 -29.51 1.02 -21.42
C LYS A 508 -28.81 1.47 -22.70
N LEU A 509 -27.61 2.03 -22.56
CA LEU A 509 -26.89 2.48 -23.75
C LEU A 509 -26.25 1.33 -24.53
N LEU A 510 -25.87 0.25 -23.85
CA LEU A 510 -25.33 -0.91 -24.55
C LEU A 510 -26.39 -1.60 -25.38
N LEU A 511 -27.64 -1.62 -24.89
CA LEU A 511 -28.74 -2.06 -25.73
C LEU A 511 -29.08 -1.03 -26.81
N GLU A 512 -28.89 0.26 -26.51
CA GLU A 512 -29.20 1.30 -27.48
C GLU A 512 -28.18 1.34 -28.61
N THR A 513 -26.89 1.26 -28.28
CA THR A 513 -25.83 1.40 -29.27
C THR A 513 -25.40 0.07 -29.87
N LYS A 514 -26.08 -1.03 -29.50
CA LYS A 514 -25.84 -2.39 -30.00
C LYS A 514 -24.39 -2.81 -29.78
N THR A 515 -23.88 -2.52 -28.59
CA THR A 515 -22.47 -2.72 -28.24
C THR A 515 -22.39 -3.68 -27.07
N ILE A 516 -21.49 -4.64 -27.16
CA ILE A 516 -21.27 -5.64 -26.11
C ILE A 516 -19.79 -5.62 -25.74
N LEU A 517 -19.50 -5.47 -24.46
CA LEU A 517 -18.13 -5.40 -23.96
C LEU A 517 -17.79 -6.70 -23.25
N VAL A 518 -16.80 -7.43 -23.77
CA VAL A 518 -16.40 -8.71 -23.21
C VAL A 518 -14.90 -8.68 -22.96
N ARG A 519 -14.44 -9.55 -22.07
CA ARG A 519 -13.02 -9.63 -21.73
C ARG A 519 -12.54 -11.06 -21.85
N SER A 520 -11.32 -11.21 -22.36
CA SER A 520 -10.67 -12.52 -22.48
C SER A 520 -9.41 -12.62 -21.62
N GLU A 521 -8.57 -11.58 -21.62
CA GLU A 521 -7.34 -11.62 -20.86
C GLU A 521 -7.55 -11.12 -19.44
N THR A 522 -6.56 -11.39 -18.59
CA THR A 522 -6.62 -10.96 -17.20
C THR A 522 -6.34 -9.46 -17.11
N LYS A 523 -7.22 -8.75 -16.39
CA LYS A 523 -7.01 -7.34 -16.13
C LYS A 523 -5.84 -7.14 -15.17
N GLN A 524 -4.93 -6.25 -15.56
CA GLN A 524 -3.72 -6.00 -14.78
C GLN A 524 -3.67 -4.53 -14.38
N LYS A 525 -3.34 -4.29 -13.11
CA LYS A 525 -3.34 -2.95 -12.55
C LYS A 525 -1.92 -2.39 -12.51
N PHE A 526 -1.77 -1.15 -12.94
CA PHE A 526 -0.53 -0.41 -12.78
C PHE A 526 -0.85 0.92 -12.11
N PRO A 527 0.10 1.49 -11.37
CA PRO A 527 -0.09 2.86 -10.87
C PRO A 527 0.05 3.87 -12.00
N TYR A 528 -0.93 4.75 -12.11
CA TYR A 528 -0.89 5.82 -13.09
C TYR A 528 -1.04 7.17 -12.41
N GLU A 529 -0.58 8.21 -13.08
CA GLU A 529 -0.59 9.56 -12.52
C GLU A 529 -2.01 10.11 -12.47
N GLY A 530 -2.25 11.03 -11.55
CA GLY A 530 -3.56 11.62 -11.41
C GLY A 530 -3.61 13.06 -11.88
N GLY A 531 -4.39 13.89 -11.22
CA GLY A 531 -4.44 15.29 -11.57
C GLY A 531 -3.20 16.02 -11.12
N LYS A 532 -2.85 17.05 -11.88
CA LYS A 532 -1.63 17.82 -11.60
C LYS A 532 -1.98 18.92 -10.61
N VAL A 533 -1.26 18.96 -9.49
CA VAL A 533 -1.52 19.91 -8.42
C VAL A 533 -0.30 20.83 -8.33
N PHE A 534 -0.49 22.08 -8.71
CA PHE A 534 0.58 23.07 -8.66
C PHE A 534 0.86 23.48 -7.22
N ALA A 535 2.10 23.89 -6.98
CA ALA A 535 2.48 24.42 -5.68
C ALA A 535 1.90 25.82 -5.51
N PRO A 536 1.55 26.20 -4.29
CA PRO A 536 1.15 27.59 -4.02
C PRO A 536 2.34 28.52 -4.17
N LYS A 537 2.17 29.57 -4.98
CA LYS A 537 3.28 30.47 -5.23
C LYS A 537 3.50 31.43 -4.06
N GLN A 538 2.46 31.76 -3.31
CA GLN A 538 2.56 32.64 -2.17
C GLN A 538 1.84 32.03 -0.98
N LYS A 539 2.34 32.36 0.22
CA LYS A 539 1.74 31.88 1.46
C LYS A 539 0.54 32.76 1.85
N MET A 540 0.67 34.07 1.72
CA MET A 540 -0.42 35.03 1.87
C MET A 540 -0.82 35.58 0.50
N PHE A 541 -2.09 35.96 0.36
CA PHE A 541 -2.58 36.68 -0.81
C PHE A 541 -3.37 37.90 -0.36
N SER A 542 -2.74 39.08 -0.47
CA SER A 542 -3.45 40.33 -0.27
C SER A 542 -4.29 40.71 -1.49
N ASN A 543 -3.97 40.16 -2.65
CA ASN A 543 -4.68 40.44 -3.89
C ASN A 543 -5.83 39.47 -4.07
N ASN A 544 -6.79 39.87 -4.90
CA ASN A 544 -7.91 38.99 -5.25
C ASN A 544 -7.45 37.86 -6.14
N VAL A 545 -8.01 36.68 -5.92
CA VAL A 545 -7.65 35.48 -6.68
C VAL A 545 -8.91 34.97 -7.37
N LEU A 546 -8.85 34.88 -8.70
CA LEU A 546 -9.98 34.42 -9.50
C LEU A 546 -9.92 32.91 -9.65
N ILE A 547 -11.04 32.24 -9.47
CA ILE A 547 -11.09 30.79 -9.44
C ILE A 547 -11.78 30.30 -10.71
N PHE A 548 -11.04 29.62 -11.56
CA PHE A 548 -11.55 29.06 -12.80
C PHE A 548 -11.45 27.55 -12.73
N ASP A 549 -12.59 26.87 -12.87
CA ASP A 549 -12.70 25.43 -12.67
C ASP A 549 -13.42 24.84 -13.86
N TYR A 550 -12.86 23.76 -14.41
CA TYR A 550 -13.47 23.08 -15.55
C TYR A 550 -14.79 22.45 -15.17
N ASN A 551 -15.79 22.62 -16.02
CA ASN A 551 -17.12 22.04 -15.80
C ASN A 551 -17.07 20.56 -16.12
N SER A 552 -17.02 19.73 -15.07
CA SER A 552 -16.99 18.26 -15.16
C SER A 552 -15.80 17.79 -16.00
N LEU A 553 -14.60 18.04 -15.46
CA LEU A 553 -13.37 17.96 -16.26
C LEU A 553 -13.13 16.55 -16.79
N TYR A 554 -13.10 15.55 -15.91
CA TYR A 554 -12.81 14.19 -16.34
C TYR A 554 -13.94 13.59 -17.18
N PRO A 555 -15.24 13.83 -16.91
CA PRO A 555 -16.25 13.51 -17.93
C PRO A 555 -16.08 14.20 -19.27
N ASN A 556 -15.71 15.49 -19.29
CA ASN A 556 -15.54 16.19 -20.55
C ASN A 556 -14.29 15.72 -21.28
N VAL A 557 -13.27 15.29 -20.53
CA VAL A 557 -12.10 14.66 -21.10
C VAL A 557 -12.47 13.33 -21.76
N CYS A 558 -13.24 12.50 -21.06
CA CYS A 558 -13.59 11.20 -21.62
C CYS A 558 -14.53 11.32 -22.81
N ILE A 559 -15.42 12.31 -22.80
CA ILE A 559 -16.26 12.56 -23.97
C ILE A 559 -15.42 13.14 -25.11
N PHE A 560 -14.49 14.04 -24.79
CA PHE A 560 -13.67 14.71 -25.79
C PHE A 560 -12.71 13.75 -26.47
N GLY A 561 -12.02 12.93 -25.68
CA GLY A 561 -11.11 11.96 -26.24
C GLY A 561 -11.74 10.66 -26.65
N ASN A 562 -13.06 10.52 -26.48
CA ASN A 562 -13.81 9.27 -26.68
C ASN A 562 -13.20 8.13 -25.89
N LEU A 563 -12.82 8.42 -24.64
CA LEU A 563 -12.03 7.50 -23.83
C LEU A 563 -12.95 6.42 -23.27
N SER A 564 -13.00 5.30 -23.95
CA SER A 564 -13.76 4.13 -23.57
C SER A 564 -12.83 2.93 -23.73
N PRO A 565 -13.10 1.83 -23.02
CA PRO A 565 -12.31 0.60 -23.23
C PRO A 565 -12.39 0.04 -24.65
N GLU A 566 -13.48 0.28 -25.38
CA GLU A 566 -13.60 -0.27 -26.72
C GLU A 566 -13.21 0.70 -27.82
N THR A 567 -13.12 1.99 -27.54
CA THR A 567 -12.65 2.96 -28.52
C THR A 567 -11.14 3.13 -28.47
N LEU A 568 -10.47 2.48 -27.52
CA LEU A 568 -9.01 2.44 -27.51
C LEU A 568 -8.55 1.60 -28.68
N VAL A 569 -7.88 2.25 -29.64
CA VAL A 569 -7.31 1.53 -30.78
C VAL A 569 -6.16 0.66 -30.32
N GLY A 570 -5.26 1.22 -29.52
CA GLY A 570 -4.16 0.46 -28.99
C GLY A 570 -3.27 1.37 -28.18
N VAL A 571 -2.42 0.74 -27.39
CA VAL A 571 -1.45 1.44 -26.55
C VAL A 571 -0.08 1.16 -27.14
N VAL A 572 0.61 2.23 -27.54
CA VAL A 572 1.91 2.11 -28.19
C VAL A 572 2.98 2.53 -27.18
N VAL A 573 3.83 1.58 -26.81
CA VAL A 573 4.87 1.81 -25.82
C VAL A 573 6.22 1.62 -26.49
N SER A 574 7.22 2.28 -25.93
CA SER A 574 8.58 2.22 -26.45
C SER A 574 9.56 2.15 -25.30
N THR A 575 10.54 1.25 -25.42
CA THR A 575 11.62 1.19 -24.44
C THR A 575 12.79 2.09 -24.79
N ASN A 576 12.83 2.63 -26.00
CA ASN A 576 13.97 3.42 -26.45
C ASN A 576 13.48 4.58 -27.31
N ARG A 577 14.30 5.64 -27.37
CA ARG A 577 13.92 6.86 -28.07
C ARG A 577 13.92 6.70 -29.58
N LEU A 578 14.70 5.73 -30.10
CA LEU A 578 14.66 5.42 -31.53
C LEU A 578 13.29 4.86 -31.93
N GLU A 579 12.82 3.83 -31.23
CA GLU A 579 11.50 3.28 -31.50
C GLU A 579 10.40 4.26 -31.11
N GLU A 580 10.66 5.11 -30.11
CA GLU A 580 9.70 6.15 -29.74
C GLU A 580 9.52 7.16 -30.86
N GLU A 581 10.61 7.60 -31.49
CA GLU A 581 10.49 8.60 -32.54
C GLU A 581 9.93 7.99 -33.83
N ILE A 582 10.29 6.73 -34.11
CA ILE A 582 9.73 6.04 -35.27
C ILE A 582 8.23 5.83 -35.09
N ASN A 583 7.82 5.40 -33.89
CA ASN A 583 6.39 5.25 -33.59
C ASN A 583 5.68 6.59 -33.56
N ASN A 584 6.37 7.67 -33.20
CA ASN A 584 5.78 9.00 -33.28
C ASN A 584 5.48 9.40 -34.72
N GLN A 585 6.44 9.16 -35.62
CA GLN A 585 6.25 9.53 -37.02
C GLN A 585 5.15 8.70 -37.68
N LEU A 586 5.20 7.38 -37.50
CA LEU A 586 4.12 6.56 -38.04
C LEU A 586 2.80 6.74 -37.29
N LEU A 587 2.84 7.29 -36.08
CA LEU A 587 1.62 7.64 -35.36
C LEU A 587 0.94 8.84 -35.96
N LEU A 588 1.71 9.88 -36.30
CA LEU A 588 1.13 11.03 -36.99
C LEU A 588 0.67 10.69 -38.39
N GLN A 589 1.41 9.85 -39.14
CA GLN A 589 0.95 9.60 -40.50
C GLN A 589 -0.14 8.53 -40.55
N LYS A 590 -0.19 7.64 -39.55
CA LYS A 590 -1.17 6.55 -39.58
C LYS A 590 -2.53 6.99 -39.07
N TYR A 591 -2.59 7.56 -37.87
CA TYR A 591 -3.85 7.98 -37.26
C TYR A 591 -4.03 9.47 -37.46
N PRO A 592 -5.04 9.90 -38.22
CA PRO A 592 -5.31 11.34 -38.37
C PRO A 592 -5.70 11.97 -37.05
N PRO A 593 -5.15 13.15 -36.76
CA PRO A 593 -5.41 13.83 -35.48
C PRO A 593 -6.87 14.24 -35.24
N PRO A 594 -7.71 14.57 -36.29
CA PRO A 594 -9.14 14.77 -35.97
C PRO A 594 -9.87 13.52 -35.51
N ARG A 595 -9.75 12.42 -36.28
CA ARG A 595 -10.51 11.22 -35.96
C ARG A 595 -9.92 10.48 -34.75
N TYR A 596 -8.61 10.43 -34.65
CA TYR A 596 -7.94 9.76 -33.55
C TYR A 596 -7.22 10.76 -32.67
N ILE A 597 -7.33 10.60 -31.36
CA ILE A 597 -6.53 11.37 -30.42
C ILE A 597 -5.44 10.45 -29.87
N THR A 598 -4.20 10.91 -29.92
CA THR A 598 -3.06 10.17 -29.42
C THR A 598 -2.63 10.84 -28.13
N VAL A 599 -2.77 10.12 -27.02
CA VAL A 599 -2.59 10.71 -25.70
C VAL A 599 -1.27 10.19 -25.14
N HIS A 600 -0.31 11.10 -24.98
CA HIS A 600 0.98 10.73 -24.42
C HIS A 600 0.86 10.63 -22.91
N CYS A 601 1.23 9.47 -22.37
CA CYS A 601 1.17 9.23 -20.94
C CYS A 601 2.55 8.86 -20.43
N GLU A 602 2.70 8.91 -19.12
CA GLU A 602 3.87 8.33 -18.48
C GLU A 602 3.80 6.81 -18.62
N PRO A 603 4.94 6.12 -18.60
CA PRO A 603 4.91 4.66 -18.81
C PRO A 603 4.36 3.90 -17.62
N ARG A 604 3.69 2.78 -17.92
CA ARG A 604 3.17 1.89 -16.89
C ARG A 604 4.27 1.01 -16.30
N LEU A 605 5.39 0.86 -16.99
CA LEU A 605 6.50 0.00 -16.59
C LEU A 605 7.80 0.80 -16.63
N PRO A 606 8.78 0.44 -15.79
CA PRO A 606 10.04 1.21 -15.80
C PRO A 606 10.88 1.04 -17.05
N ASN A 607 10.78 -0.09 -17.76
CA ASN A 607 11.58 -0.25 -18.97
C ASN A 607 11.03 0.57 -20.13
N LEU A 608 9.72 0.80 -20.14
CA LEU A 608 9.14 1.70 -21.13
C LEU A 608 9.48 3.15 -20.81
N ILE A 609 9.68 3.94 -21.86
CA ILE A 609 9.94 5.36 -21.69
C ILE A 609 8.85 6.22 -22.30
N SER A 610 7.97 5.66 -23.11
CA SER A 610 6.83 6.38 -23.66
C SER A 610 5.64 5.43 -23.68
N GLU A 611 4.44 6.01 -23.66
CA GLU A 611 3.22 5.23 -23.71
C GLU A 611 2.14 6.13 -24.30
N ILE A 612 1.76 5.83 -25.54
CA ILE A 612 0.76 6.60 -26.27
C ILE A 612 -0.46 5.72 -26.46
N ALA A 613 -1.62 6.19 -26.01
CA ALA A 613 -2.87 5.50 -26.22
C ALA A 613 -3.66 6.23 -27.30
N ILE A 614 -4.12 5.47 -28.29
CA ILE A 614 -4.87 6.01 -29.42
C ILE A 614 -6.32 5.68 -29.22
N PHE A 615 -7.19 6.68 -29.36
CA PHE A 615 -8.62 6.51 -29.19
C PHE A 615 -9.34 6.97 -30.46
N ASP A 616 -10.23 6.12 -30.96
CA ASP A 616 -11.02 6.45 -32.14
C ASP A 616 -12.23 7.26 -31.70
N ARG A 617 -12.36 8.48 -32.23
CA ARG A 617 -13.47 9.35 -31.92
C ARG A 617 -14.55 9.32 -33.00
N SER A 618 -14.45 8.41 -33.97
CA SER A 618 -15.44 8.33 -35.03
C SER A 618 -16.76 7.77 -34.50
N ILE A 619 -16.70 6.72 -33.68
CA ILE A 619 -17.87 6.13 -33.04
C ILE A 619 -17.82 6.51 -31.57
N GLU A 620 -18.92 7.09 -31.07
CA GLU A 620 -18.97 7.54 -29.68
C GLU A 620 -18.96 6.34 -28.73
N GLY A 621 -18.11 6.43 -27.71
CA GLY A 621 -17.90 5.31 -26.83
C GLY A 621 -18.99 5.12 -25.81
N THR A 622 -18.93 3.98 -25.12
CA THR A 622 -19.89 3.67 -24.07
C THR A 622 -19.67 4.54 -22.84
N ILE A 623 -18.41 4.73 -22.44
CA ILE A 623 -18.10 5.64 -21.34
C ILE A 623 -18.45 7.09 -21.66
N PRO A 624 -18.14 7.65 -22.85
CA PRO A 624 -18.68 9.00 -23.17
C PRO A 624 -20.20 9.10 -23.18
N ARG A 625 -20.94 8.08 -23.63
CA ARG A 625 -22.39 8.17 -23.63
C ARG A 625 -22.95 8.08 -22.21
N LEU A 626 -22.33 7.25 -21.37
CA LEU A 626 -22.69 7.19 -19.96
C LEU A 626 -22.42 8.51 -19.25
N LEU A 627 -21.29 9.13 -19.58
CA LEU A 627 -20.97 10.43 -19.01
C LEU A 627 -21.89 11.51 -19.53
N ARG A 628 -22.32 11.42 -20.79
CA ARG A 628 -23.29 12.38 -21.32
C ARG A 628 -24.63 12.24 -20.61
N THR A 629 -25.03 11.00 -20.30
CA THR A 629 -26.25 10.76 -19.52
C THR A 629 -26.14 11.36 -18.12
N PHE A 630 -25.01 11.15 -17.45
CA PHE A 630 -24.89 11.63 -16.08
C PHE A 630 -24.69 13.14 -16.01
N LEU A 631 -24.02 13.75 -17.00
CA LEU A 631 -23.98 15.21 -17.01
C LEU A 631 -25.29 15.82 -17.45
N ALA A 632 -26.12 15.09 -18.22
CA ALA A 632 -27.47 15.56 -18.49
C ALA A 632 -28.30 15.58 -17.21
N GLU A 633 -28.19 14.52 -16.39
CA GLU A 633 -28.87 14.47 -15.11
C GLU A 633 -28.36 15.55 -14.16
N ARG A 634 -27.04 15.76 -14.14
CA ARG A 634 -26.45 16.78 -13.28
C ARG A 634 -26.83 18.19 -13.75
N ALA A 635 -26.93 18.39 -15.07
CA ALA A 635 -27.31 19.68 -15.60
C ALA A 635 -28.77 20.00 -15.30
N ARG A 636 -29.65 18.99 -15.39
CA ARG A 636 -31.05 19.26 -15.08
C ARG A 636 -31.26 19.47 -13.59
N TYR A 637 -30.49 18.79 -12.73
CA TYR A 637 -30.62 19.09 -11.30
C TYR A 637 -29.89 20.35 -10.87
N LYS A 638 -28.88 20.79 -11.64
CA LYS A 638 -28.31 22.12 -11.42
C LYS A 638 -29.29 23.21 -11.82
N LYS A 639 -30.06 22.98 -12.90
CA LYS A 639 -31.11 23.90 -13.29
C LYS A 639 -32.23 23.95 -12.26
N MET A 640 -32.58 22.79 -11.69
CA MET A 640 -33.55 22.76 -10.60
C MET A 640 -33.01 23.41 -9.33
N LEU A 641 -31.69 23.35 -9.12
CA LEU A 641 -31.06 24.04 -8.01
C LEU A 641 -31.12 25.54 -8.18
N LYS A 642 -30.90 26.03 -9.40
CA LYS A 642 -30.97 27.47 -9.64
C LYS A 642 -32.39 28.01 -9.58
N GLN A 643 -33.39 27.16 -9.78
CA GLN A 643 -34.79 27.54 -9.70
C GLN A 643 -35.40 27.30 -8.32
N ALA A 644 -34.62 26.81 -7.37
CA ALA A 644 -35.09 26.52 -6.03
C ALA A 644 -35.05 27.78 -5.18
N THR A 645 -36.06 27.94 -4.33
CA THR A 645 -36.20 29.12 -3.49
C THR A 645 -35.88 28.84 -2.03
N SER A 646 -36.47 27.81 -1.45
CA SER A 646 -36.22 27.48 -0.05
C SER A 646 -34.83 26.87 0.11
N SER A 647 -34.25 27.08 1.29
CA SER A 647 -32.89 26.61 1.57
C SER A 647 -32.81 25.09 1.65
N THR A 648 -33.88 24.44 2.15
CA THR A 648 -33.88 22.99 2.20
C THR A 648 -33.94 22.38 0.80
N GLU A 649 -34.72 22.99 -0.11
CA GLU A 649 -34.78 22.50 -1.48
C GLU A 649 -33.49 22.79 -2.22
N LYS A 650 -32.84 23.92 -1.92
CA LYS A 650 -31.52 24.21 -2.47
C LYS A 650 -30.50 23.19 -2.00
N ALA A 651 -30.54 22.82 -0.72
CA ALA A 651 -29.62 21.81 -0.19
C ALA A 651 -29.86 20.46 -0.82
N ILE A 652 -31.14 20.11 -1.04
CA ILE A 652 -31.50 18.84 -1.68
C ILE A 652 -30.95 18.80 -3.11
N TYR A 653 -31.23 19.83 -3.91
CA TYR A 653 -30.81 19.78 -5.31
C TYR A 653 -29.31 19.99 -5.49
N ASP A 654 -28.66 20.70 -4.55
CA ASP A 654 -27.20 20.76 -4.56
C ASP A 654 -26.60 19.40 -4.25
N SER A 655 -27.17 18.67 -3.29
CA SER A 655 -26.71 17.31 -3.02
C SER A 655 -27.00 16.38 -4.18
N MET A 656 -28.09 16.64 -4.91
CA MET A 656 -28.49 15.79 -6.04
C MET A 656 -27.53 15.98 -7.22
N GLN A 657 -27.23 17.22 -7.56
CA GLN A 657 -26.25 17.48 -8.63
C GLN A 657 -24.85 17.08 -8.21
N TYR A 658 -24.51 17.20 -6.91
CA TYR A 658 -23.22 16.71 -6.46
C TYR A 658 -23.15 15.18 -6.53
N THR A 659 -24.26 14.51 -6.25
CA THR A 659 -24.33 13.06 -6.39
C THR A 659 -24.11 12.63 -7.84
N TYR A 660 -24.74 13.34 -8.78
CA TYR A 660 -24.53 13.00 -10.19
C TYR A 660 -23.13 13.36 -10.67
N LYS A 661 -22.54 14.42 -10.11
CA LYS A 661 -21.14 14.74 -10.39
C LYS A 661 -20.20 13.64 -9.91
N ILE A 662 -20.41 13.14 -8.69
CA ILE A 662 -19.59 12.07 -8.15
C ILE A 662 -19.83 10.76 -8.90
N VAL A 663 -21.05 10.54 -9.38
CA VAL A 663 -21.33 9.36 -10.20
C VAL A 663 -20.58 9.45 -11.54
N ALA A 664 -20.53 10.64 -12.15
CA ALA A 664 -19.75 10.83 -13.36
C ALA A 664 -18.25 10.65 -13.12
N ASN A 665 -17.75 11.18 -12.00
CA ASN A 665 -16.37 10.93 -11.60
C ASN A 665 -16.12 9.47 -11.27
N SER A 666 -17.17 8.73 -10.90
CA SER A 666 -17.04 7.30 -10.74
C SER A 666 -17.06 6.56 -12.07
N VAL A 667 -17.70 7.11 -13.12
CA VAL A 667 -17.58 6.54 -14.45
C VAL A 667 -16.14 6.65 -14.91
N TYR A 668 -15.52 7.80 -14.66
CA TYR A 668 -14.06 7.85 -14.60
C TYR A 668 -13.41 6.75 -13.78
N GLY A 669 -13.67 6.72 -12.46
CA GLY A 669 -12.84 5.94 -11.57
C GLY A 669 -12.96 4.45 -11.73
N LEU A 670 -14.06 3.98 -12.32
CA LEU A 670 -14.23 2.57 -12.58
C LEU A 670 -13.31 2.08 -13.70
N MET A 671 -12.89 2.97 -14.60
CA MET A 671 -11.85 2.58 -15.55
C MET A 671 -10.46 2.56 -14.94
N GLY A 672 -10.26 3.23 -13.81
CA GLY A 672 -9.05 3.06 -13.04
C GLY A 672 -9.15 1.95 -12.02
N PHE A 673 -10.31 1.33 -11.88
CA PHE A 673 -10.56 0.33 -10.87
C PHE A 673 -10.48 -1.05 -11.53
N ARG A 674 -9.54 -1.87 -11.05
CA ARG A 674 -9.21 -3.11 -11.75
C ARG A 674 -10.30 -4.17 -11.68
N ASN A 675 -11.12 -4.16 -10.64
CA ASN A 675 -12.17 -5.17 -10.51
C ASN A 675 -13.46 -4.78 -11.22
N SER A 676 -13.50 -3.63 -11.87
CA SER A 676 -14.69 -3.18 -12.57
C SER A 676 -14.77 -3.79 -13.96
N ALA A 677 -15.99 -3.95 -14.45
CA ALA A 677 -16.20 -4.43 -15.81
C ALA A 677 -15.82 -3.39 -16.85
N LEU A 678 -15.84 -2.11 -16.49
CA LEU A 678 -15.44 -1.03 -17.37
C LEU A 678 -13.99 -0.61 -17.16
N TYR A 679 -13.15 -1.51 -16.65
CA TYR A 679 -11.76 -1.20 -16.35
C TYR A 679 -10.98 -0.97 -17.65
N SER A 680 -10.53 0.26 -17.84
CA SER A 680 -9.69 0.60 -18.98
C SER A 680 -8.56 1.45 -18.43
N TYR A 681 -7.40 0.82 -18.21
CA TYR A 681 -6.25 1.52 -17.67
C TYR A 681 -5.76 2.61 -18.61
N ALA A 682 -5.83 2.35 -19.92
CA ALA A 682 -5.48 3.35 -20.91
C ALA A 682 -6.44 4.53 -20.88
N SER A 683 -7.73 4.28 -20.67
CA SER A 683 -8.70 5.37 -20.71
C SER A 683 -8.61 6.25 -19.48
N ALA A 684 -8.48 5.66 -18.29
CA ALA A 684 -8.32 6.46 -17.07
C ALA A 684 -6.97 7.18 -17.06
N LYS A 685 -5.94 6.51 -17.54
CA LYS A 685 -4.61 7.11 -17.64
C LYS A 685 -4.59 8.24 -18.64
N SER A 686 -5.23 8.05 -19.79
CA SER A 686 -5.35 9.10 -20.79
C SER A 686 -6.24 10.23 -20.31
N CYS A 687 -7.21 9.93 -19.45
CA CYS A 687 -8.07 10.96 -18.91
C CYS A 687 -7.31 11.88 -17.97
N THR A 688 -6.49 11.30 -17.09
CA THR A 688 -5.61 12.13 -16.27
C THR A 688 -4.57 12.86 -17.11
N SER A 689 -4.06 12.23 -18.17
CA SER A 689 -3.08 12.89 -19.01
C SER A 689 -3.68 14.08 -19.75
N ILE A 690 -4.89 13.93 -20.29
CA ILE A 690 -5.54 15.03 -21.00
C ILE A 690 -5.96 16.11 -20.02
N GLY A 691 -6.45 15.74 -18.83
CA GLY A 691 -6.75 16.73 -17.81
C GLY A 691 -5.54 17.47 -17.30
N ARG A 692 -4.39 16.79 -17.23
CA ARG A 692 -3.13 17.46 -16.92
C ARG A 692 -2.74 18.44 -18.00
N ARG A 693 -2.90 18.07 -19.28
CA ARG A 693 -2.64 19.02 -20.35
C ARG A 693 -3.63 20.17 -20.35
N MET A 694 -4.86 19.92 -19.89
CA MET A 694 -5.86 20.97 -19.79
C MET A 694 -5.51 21.98 -18.69
N ILE A 695 -5.05 21.51 -17.53
CA ILE A 695 -4.60 22.44 -16.51
C ILE A 695 -3.31 23.16 -16.92
N LEU A 696 -2.42 22.50 -17.67
CA LEU A 696 -1.22 23.19 -18.13
C LEU A 696 -1.54 24.22 -19.20
N TYR A 697 -2.52 23.92 -20.06
CA TYR A 697 -2.95 24.88 -21.08
C TYR A 697 -3.67 26.06 -20.47
N LEU A 698 -4.58 25.81 -19.51
CA LEU A 698 -5.29 26.90 -18.85
C LEU A 698 -4.37 27.72 -17.95
N GLU A 699 -3.34 27.10 -17.38
CA GLU A 699 -2.32 27.87 -16.68
C GLU A 699 -1.47 28.70 -17.64
N SER A 700 -1.05 28.12 -18.76
CA SER A 700 -0.19 28.81 -19.71
C SER A 700 -0.89 29.99 -20.37
N VAL A 701 -2.21 29.91 -20.58
CA VAL A 701 -2.90 31.10 -21.09
C VAL A 701 -3.11 32.13 -19.98
N LEU A 702 -3.30 31.70 -18.74
CA LEU A 702 -3.67 32.64 -17.67
C LEU A 702 -2.47 33.18 -16.91
N ASN A 703 -1.42 32.39 -16.71
CA ASN A 703 -0.22 32.92 -16.05
C ASN A 703 0.52 33.84 -17.00
N GLY A 704 0.84 35.04 -16.50
CA GLY A 704 1.48 36.03 -17.35
C GLY A 704 0.54 36.72 -18.32
N ALA A 705 -0.76 36.60 -18.12
CA ALA A 705 -1.75 37.25 -18.97
C ALA A 705 -2.05 38.63 -18.43
N GLU A 706 -2.06 39.62 -19.30
CA GLU A 706 -2.36 40.99 -18.91
C GLU A 706 -3.50 41.55 -19.75
N LEU A 707 -4.27 42.43 -19.13
CA LEU A 707 -5.32 43.17 -19.81
C LEU A 707 -4.81 44.59 -20.05
N SER A 708 -5.01 45.11 -21.26
CA SER A 708 -4.51 46.43 -21.59
C SER A 708 -5.36 47.01 -22.71
N ASN A 709 -5.95 48.18 -22.45
CA ASN A 709 -6.74 48.96 -23.42
C ASN A 709 -7.93 48.15 -23.94
N GLY A 710 -8.54 47.36 -23.06
CA GLY A 710 -9.66 46.53 -23.45
C GLY A 710 -9.28 45.33 -24.31
N MET A 711 -7.99 45.01 -24.38
CA MET A 711 -7.51 43.91 -25.21
C MET A 711 -6.90 42.87 -24.30
N LEU A 712 -7.35 41.63 -24.41
CA LEU A 712 -6.89 40.55 -23.55
C LEU A 712 -5.74 39.83 -24.25
N ARG A 713 -4.59 39.78 -23.60
CA ARG A 713 -3.39 39.14 -24.14
C ARG A 713 -2.96 38.03 -23.19
N PHE A 714 -2.92 36.81 -23.70
CA PHE A 714 -2.38 35.68 -22.96
C PHE A 714 -0.88 35.53 -23.24
N ALA A 715 -0.20 34.78 -22.37
CA ALA A 715 1.23 34.60 -22.53
C ALA A 715 1.55 33.66 -23.68
N ASN A 716 0.76 32.60 -23.84
CA ASN A 716 0.95 31.63 -24.91
C ASN A 716 -0.24 31.67 -25.86
N THR A 717 -0.04 31.10 -27.04
CA THR A 717 -1.07 31.06 -28.05
C THR A 717 -2.18 30.08 -27.65
N LEU A 718 -3.33 30.22 -28.31
CA LEU A 718 -4.50 29.41 -27.99
C LEU A 718 -4.53 28.14 -28.84
N SER A 719 -3.41 27.44 -28.84
CA SER A 719 -3.28 26.20 -29.58
C SER A 719 -3.92 25.07 -28.79
N ASN A 720 -4.59 24.18 -29.51
CA ASN A 720 -5.06 22.95 -28.92
C ASN A 720 -3.84 22.11 -28.52
N PRO A 721 -3.76 21.63 -27.28
CA PRO A 721 -2.54 20.92 -26.83
C PRO A 721 -2.37 19.53 -27.42
N PHE A 722 -3.26 19.09 -28.32
CA PHE A 722 -3.23 17.73 -28.82
C PHE A 722 -3.10 17.66 -30.34
N TYR A 723 -3.67 18.64 -31.04
CA TYR A 723 -3.56 18.71 -32.49
C TYR A 723 -3.78 20.14 -32.92
N MET A 724 -3.93 20.33 -34.23
CA MET A 724 -4.28 21.63 -34.77
C MET A 724 -5.75 21.62 -35.20
N ASP A 725 -6.50 22.59 -34.71
CA ASP A 725 -7.93 22.69 -35.00
C ASP A 725 -8.22 23.98 -35.76
N ASP A 726 -9.48 24.13 -36.18
CA ASP A 726 -9.87 25.21 -37.06
C ASP A 726 -10.05 26.54 -36.34
N ARG A 727 -10.12 26.53 -35.01
CA ARG A 727 -10.37 27.76 -34.28
C ARG A 727 -9.10 28.62 -34.22
N ASP A 728 -9.30 29.90 -33.90
CA ASP A 728 -8.20 30.85 -33.87
C ASP A 728 -7.30 30.61 -32.66
N ILE A 729 -5.99 30.66 -32.89
CA ILE A 729 -5.01 30.46 -31.83
C ILE A 729 -4.39 31.77 -31.36
N ASN A 730 -4.93 32.91 -31.81
CA ASN A 730 -4.35 34.21 -31.49
C ASN A 730 -4.63 34.57 -30.03
N PRO A 731 -3.60 34.80 -29.20
CA PRO A 731 -3.85 35.17 -27.80
C PRO A 731 -4.41 36.57 -27.63
N ILE A 732 -4.27 37.45 -28.62
CA ILE A 732 -4.81 38.79 -28.54
C ILE A 732 -6.31 38.71 -28.81
N VAL A 733 -7.11 38.83 -27.74
CA VAL A 733 -8.54 38.56 -27.79
C VAL A 733 -9.29 39.82 -27.38
N LYS A 734 -10.28 40.20 -28.19
CA LYS A 734 -11.09 41.39 -27.92
C LYS A 734 -12.05 41.12 -26.77
N THR A 735 -12.12 42.08 -25.83
CA THR A 735 -13.00 41.98 -24.68
C THR A 735 -14.25 42.81 -24.91
N SER A 736 -15.12 42.82 -23.91
CA SER A 736 -16.25 43.75 -23.83
C SER A 736 -16.08 44.70 -22.64
N LEU A 737 -14.84 44.93 -22.24
CA LEU A 737 -14.43 45.69 -21.07
C LEU A 737 -13.99 47.09 -21.46
N PRO A 738 -14.07 48.05 -20.53
CA PRO A 738 -13.61 49.41 -20.85
C PRO A 738 -12.11 49.50 -21.06
N ILE A 739 -11.70 50.54 -21.79
CA ILE A 739 -10.31 50.74 -22.21
C ILE A 739 -9.41 51.05 -21.01
N ASP A 740 -9.92 51.78 -20.02
CA ASP A 740 -9.09 52.26 -18.92
C ASP A 740 -8.62 51.17 -17.96
N TYR A 741 -9.19 49.97 -18.06
CA TYR A 741 -8.84 48.89 -17.14
C TYR A 741 -7.56 48.22 -17.62
N ARG A 742 -6.52 48.25 -16.80
CA ARG A 742 -5.24 47.64 -17.16
C ARG A 742 -4.77 46.84 -15.93
N PHE A 743 -5.06 45.54 -15.95
CA PHE A 743 -4.75 44.62 -14.85
C PHE A 743 -3.94 43.45 -15.38
N ARG A 744 -3.21 42.81 -14.47
CA ARG A 744 -2.40 41.64 -14.80
C ARG A 744 -2.95 40.42 -14.06
N PHE A 745 -2.94 39.28 -14.75
CA PHE A 745 -3.39 38.01 -14.21
C PHE A 745 -2.23 37.05 -14.16
N ARG A 746 -2.07 36.35 -13.04
CA ARG A 746 -1.07 35.28 -12.96
C ARG A 746 -1.66 34.11 -12.19
N SER A 747 -1.31 32.90 -12.63
CA SER A 747 -1.72 31.70 -11.90
C SER A 747 -0.82 31.53 -10.69
N VAL A 748 -1.41 31.19 -9.56
CA VAL A 748 -0.65 31.03 -8.33
C VAL A 748 -0.85 29.64 -7.74
N TYR A 749 -1.92 28.97 -8.16
CA TYR A 749 -2.20 27.63 -7.67
C TYR A 749 -3.05 26.89 -8.69
N GLY A 750 -2.82 25.59 -8.78
CA GLY A 750 -3.64 24.72 -9.60
C GLY A 750 -3.90 23.42 -8.89
N ASP A 751 -5.08 22.84 -9.13
CA ASP A 751 -5.48 21.58 -8.50
C ASP A 751 -6.40 20.85 -9.45
N THR A 752 -5.83 19.90 -10.21
CA THR A 752 -6.52 19.01 -11.17
C THR A 752 -7.17 19.88 -12.25
N ASP A 753 -8.33 20.49 -12.01
CA ASP A 753 -8.94 21.32 -13.04
C ASP A 753 -9.00 22.78 -12.63
N SER A 754 -9.01 23.06 -11.32
CA SER A 754 -9.04 24.44 -10.87
C SER A 754 -7.71 25.12 -11.11
N VAL A 755 -7.75 26.37 -11.54
CA VAL A 755 -6.58 27.22 -11.61
C VAL A 755 -6.88 28.48 -10.81
N PHE A 756 -5.95 28.88 -9.95
CA PHE A 756 -6.14 30.03 -9.09
C PHE A 756 -5.44 31.21 -9.75
N THR A 757 -6.22 32.14 -10.27
CA THR A 757 -5.69 33.25 -11.06
C THR A 757 -5.69 34.50 -10.21
N GLU A 758 -4.50 34.97 -9.84
CA GLU A 758 -4.37 36.13 -8.96
C GLU A 758 -4.39 37.40 -9.81
N ILE A 759 -5.49 38.13 -9.71
CA ILE A 759 -5.58 39.46 -10.32
C ILE A 759 -5.01 40.48 -9.33
N ASP A 760 -4.31 41.49 -9.85
CA ASP A 760 -3.68 42.49 -9.00
C ASP A 760 -4.67 43.47 -8.39
N SER A 761 -5.93 43.43 -8.79
CA SER A 761 -6.95 44.27 -8.16
C SER A 761 -7.35 43.72 -6.81
N GLN A 762 -7.99 44.58 -6.02
CA GLN A 762 -8.57 44.19 -4.74
C GLN A 762 -10.07 44.46 -4.67
N ASP A 763 -10.64 45.15 -5.65
CA ASP A 763 -12.07 45.41 -5.69
C ASP A 763 -12.82 44.13 -6.01
N VAL A 764 -13.92 43.89 -5.30
CA VAL A 764 -14.68 42.65 -5.49
C VAL A 764 -15.47 42.69 -6.80
N ASP A 765 -16.21 43.79 -7.02
CA ASP A 765 -17.12 43.90 -8.16
C ASP A 765 -16.35 43.89 -9.48
N LYS A 766 -15.25 44.64 -9.53
CA LYS A 766 -14.44 44.73 -10.73
C LYS A 766 -13.79 43.40 -11.04
N SER A 767 -13.29 42.69 -10.01
CA SER A 767 -12.71 41.38 -10.21
C SER A 767 -13.75 40.36 -10.68
N ILE A 768 -14.97 40.43 -10.15
CA ILE A 768 -16.05 39.53 -10.58
C ILE A 768 -16.40 39.77 -12.04
N GLU A 769 -16.53 41.03 -12.46
CA GLU A 769 -16.93 41.27 -13.85
C GLU A 769 -15.80 41.01 -14.85
N ILE A 770 -14.55 41.32 -14.49
CA ILE A 770 -13.43 40.96 -15.35
C ILE A 770 -13.23 39.45 -15.39
N ALA A 771 -13.47 38.75 -14.28
CA ALA A 771 -13.37 37.29 -14.29
C ALA A 771 -14.51 36.65 -15.06
N LYS A 772 -15.69 37.27 -15.08
CA LYS A 772 -16.77 36.80 -15.93
C LYS A 772 -16.42 36.97 -17.39
N GLU A 773 -15.78 38.10 -17.74
CA GLU A 773 -15.29 38.28 -19.10
C GLU A 773 -14.20 37.27 -19.45
N LEU A 774 -13.33 36.96 -18.48
CA LEU A 774 -12.31 35.92 -18.68
C LEU A 774 -12.94 34.56 -18.90
N GLU A 775 -13.99 34.22 -18.14
CA GLU A 775 -14.69 32.96 -18.32
C GLU A 775 -15.34 32.87 -19.69
N ARG A 776 -16.01 33.95 -20.11
CA ARG A 776 -16.65 33.97 -21.43
C ARG A 776 -15.63 33.88 -22.55
N LEU A 777 -14.52 34.62 -22.44
CA LEU A 777 -13.52 34.60 -23.50
C LEU A 777 -12.72 33.31 -23.52
N ILE A 778 -12.51 32.69 -22.37
CA ILE A 778 -11.84 31.38 -22.35
C ILE A 778 -12.73 30.32 -22.97
N ASN A 779 -14.02 30.31 -22.60
CA ASN A 779 -14.95 29.36 -23.18
C ASN A 779 -15.22 29.60 -24.66
N SER A 780 -15.00 30.83 -25.16
CA SER A 780 -15.22 31.10 -26.56
C SER A 780 -13.97 30.93 -27.43
N ARG A 781 -12.78 31.21 -26.89
CA ARG A 781 -11.56 31.21 -27.69
C ARG A 781 -10.50 30.25 -27.18
N VAL A 782 -10.31 30.15 -25.86
CA VAL A 782 -9.24 29.31 -25.32
C VAL A 782 -9.63 27.85 -25.40
N LEU A 783 -10.81 27.52 -24.90
CA LEU A 783 -11.25 26.14 -24.80
C LEU A 783 -11.93 25.69 -26.10
N PHE A 784 -12.15 24.39 -26.19
CA PHE A 784 -12.60 23.78 -27.44
C PHE A 784 -13.52 22.61 -27.11
N ASN A 785 -14.46 22.34 -28.02
CA ASN A 785 -15.41 21.21 -27.99
C ASN A 785 -16.25 21.33 -26.73
N ASN A 786 -16.30 20.31 -25.87
CA ASN A 786 -17.15 20.31 -24.69
C ASN A 786 -16.47 20.93 -23.47
N PHE A 787 -15.23 21.39 -23.59
CA PHE A 787 -14.51 21.94 -22.46
C PHE A 787 -15.04 23.33 -22.14
N LYS A 788 -15.60 23.48 -20.95
CA LYS A 788 -16.05 24.77 -20.45
C LYS A 788 -15.53 24.96 -19.03
N ILE A 789 -15.15 26.18 -18.71
CA ILE A 789 -14.90 26.56 -17.33
C ILE A 789 -16.02 27.48 -16.90
N GLU A 790 -16.22 27.58 -15.60
CA GLU A 790 -17.07 28.62 -15.04
C GLU A 790 -16.31 29.33 -13.93
N PHE A 791 -16.61 30.61 -13.76
CA PHE A 791 -16.01 31.42 -12.71
C PHE A 791 -16.85 31.24 -11.45
N GLU A 792 -16.28 30.60 -10.43
CA GLU A 792 -17.01 30.47 -9.18
C GLU A 792 -16.83 31.68 -8.29
N ALA A 793 -15.60 32.00 -7.94
CA ALA A 793 -15.40 32.84 -6.77
C ALA A 793 -14.18 33.73 -6.95
N VAL A 794 -14.20 34.84 -6.22
CA VAL A 794 -13.04 35.69 -6.01
C VAL A 794 -12.53 35.40 -4.60
N TYR A 795 -11.26 35.00 -4.51
CA TYR A 795 -10.67 34.61 -3.24
C TYR A 795 -9.91 35.81 -2.67
N LYS A 796 -10.56 36.54 -1.77
CA LYS A 796 -9.91 37.61 -1.04
C LYS A 796 -9.38 37.07 0.28
N ASN A 797 -8.15 37.46 0.62
CA ASN A 797 -7.38 36.99 1.77
C ASN A 797 -7.25 35.46 1.73
N LEU A 798 -6.65 34.99 0.63
CA LEU A 798 -6.45 33.57 0.41
C LEU A 798 -5.21 33.16 1.19
N ILE A 799 -5.42 32.39 2.25
CA ILE A 799 -4.33 31.93 3.11
C ILE A 799 -4.10 30.47 2.77
N MET A 800 -2.94 30.16 2.20
CA MET A 800 -2.69 28.80 1.71
C MET A 800 -1.55 28.19 2.52
N GLN A 801 -1.87 27.15 3.29
CA GLN A 801 -0.82 26.44 4.02
C GLN A 801 0.05 25.63 3.09
N SER A 802 -0.56 24.90 2.16
CA SER A 802 0.14 23.95 1.30
C SER A 802 -0.73 23.68 0.08
N LYS A 803 -0.35 22.65 -0.68
CA LYS A 803 -1.25 22.11 -1.69
C LYS A 803 -2.48 21.53 -1.01
N LYS A 804 -3.65 21.79 -1.59
CA LYS A 804 -4.96 21.30 -1.17
C LYS A 804 -5.36 21.73 0.23
N LYS A 805 -4.67 22.71 0.82
CA LYS A 805 -4.95 23.21 2.16
C LYS A 805 -4.98 24.73 2.09
N TYR A 806 -6.18 25.31 2.03
CA TYR A 806 -6.27 26.76 1.93
C TYR A 806 -7.48 27.27 2.69
N THR A 807 -7.39 28.53 3.10
CA THR A 807 -8.44 29.26 3.79
C THR A 807 -8.64 30.58 3.07
N THR A 808 -9.89 30.92 2.76
CA THR A 808 -10.17 32.13 2.02
C THR A 808 -11.55 32.65 2.35
N MET A 809 -11.81 33.88 1.93
CA MET A 809 -13.13 34.47 1.99
C MET A 809 -13.73 34.42 0.59
N LYS A 810 -14.90 33.80 0.45
CA LYS A 810 -15.48 33.51 -0.85
C LYS A 810 -16.38 34.64 -1.30
N TYR A 811 -16.05 35.22 -2.45
CA TYR A 811 -16.90 36.19 -3.12
C TYR A 811 -17.37 35.54 -4.42
N SER A 812 -18.57 34.95 -4.38
CA SER A 812 -19.06 34.15 -5.48
C SER A 812 -19.44 35.02 -6.68
N ALA A 813 -19.79 34.33 -7.78
CA ALA A 813 -20.09 35.03 -9.03
C ALA A 813 -21.39 35.83 -8.94
N SER A 814 -22.36 35.34 -8.16
CA SER A 814 -23.59 36.07 -7.93
C SER A 814 -23.48 37.05 -6.77
N SER A 815 -22.33 37.11 -6.10
CA SER A 815 -22.12 38.00 -4.98
C SER A 815 -21.59 39.34 -5.49
N ASN A 816 -21.28 40.25 -4.57
CA ASN A 816 -20.76 41.56 -4.92
C ASN A 816 -19.87 42.06 -3.78
N SER A 817 -19.52 43.34 -3.84
CA SER A 817 -18.73 43.94 -2.76
C SER A 817 -19.53 44.04 -1.47
N LYS A 818 -20.80 44.43 -1.58
CA LYS A 818 -21.64 44.60 -0.39
C LYS A 818 -22.18 43.29 0.15
N SER A 819 -22.15 42.23 -0.65
CA SER A 819 -22.57 40.92 -0.15
C SER A 819 -21.54 40.37 0.84
N VAL A 820 -22.04 39.69 1.86
CA VAL A 820 -21.16 39.15 2.89
C VAL A 820 -20.42 37.93 2.32
N PRO A 821 -19.11 37.84 2.52
CA PRO A 821 -18.39 36.65 2.07
C PRO A 821 -18.48 35.52 3.09
N GLU A 822 -18.40 34.30 2.59
CA GLU A 822 -18.38 33.12 3.43
C GLU A 822 -16.96 32.57 3.54
N ARG A 823 -16.62 32.07 4.72
CA ARG A 823 -15.28 31.57 4.96
C ARG A 823 -15.18 30.13 4.49
N ILE A 824 -14.40 29.91 3.43
CA ILE A 824 -14.19 28.57 2.88
C ILE A 824 -12.86 28.05 3.38
N ASN A 825 -12.93 26.97 4.15
CA ASN A 825 -11.76 26.19 4.52
C ASN A 825 -11.76 24.93 3.67
N LYS A 826 -10.63 24.63 3.05
CA LYS A 826 -10.51 23.46 2.19
C LYS A 826 -9.30 22.66 2.66
N GLY A 827 -9.53 21.61 3.43
CA GLY A 827 -8.47 20.73 3.84
C GLY A 827 -7.61 21.23 4.98
N THR A 828 -7.95 22.37 5.58
CA THR A 828 -7.22 22.88 6.73
C THR A 828 -7.68 22.16 7.99
N SER A 829 -7.24 22.66 9.15
CA SER A 829 -7.56 21.99 10.42
C SER A 829 -9.04 22.10 10.76
N GLU A 830 -9.72 23.13 10.27
CA GLU A 830 -11.13 23.32 10.58
C GLU A 830 -12.02 22.27 9.92
N THR A 831 -11.57 21.71 8.79
CA THR A 831 -12.41 20.74 8.08
C THR A 831 -12.08 19.30 8.44
N ARG A 832 -10.82 19.03 8.79
CA ARG A 832 -10.37 17.66 9.01
C ARG A 832 -11.00 17.07 10.27
N ARG A 833 -11.45 15.82 10.17
CA ARG A 833 -12.15 15.16 11.26
C ARG A 833 -11.23 14.54 12.29
N ASP A 834 -9.94 14.42 11.99
CA ASP A 834 -8.95 13.99 12.98
C ASP A 834 -8.34 15.16 13.75
N VAL A 835 -9.03 16.31 13.74
CA VAL A 835 -8.59 17.51 14.42
C VAL A 835 -9.65 17.88 15.45
N SER A 836 -9.23 18.13 16.69
CA SER A 836 -10.18 18.33 17.77
C SER A 836 -10.80 19.72 17.69
N LYS A 837 -11.91 19.88 18.42
CA LYS A 837 -12.61 21.16 18.45
C LYS A 837 -11.81 22.24 19.15
N PHE A 838 -11.04 21.87 20.18
CA PHE A 838 -10.12 22.81 20.81
C PHE A 838 -9.03 23.24 19.84
N HIS A 839 -8.52 22.28 19.07
CA HIS A 839 -7.56 22.58 18.01
C HIS A 839 -8.14 23.52 16.97
N LYS A 840 -9.37 23.25 16.50
CA LYS A 840 -10.02 24.08 15.49
C LYS A 840 -10.28 25.49 16.00
N ASN A 841 -10.75 25.61 17.25
CA ASN A 841 -11.01 26.91 17.84
C ASN A 841 -9.73 27.72 18.03
N MET A 842 -8.65 27.07 18.46
CA MET A 842 -7.40 27.81 18.62
C MET A 842 -6.76 28.17 17.28
N ILE A 843 -6.90 27.33 16.25
CA ILE A 843 -6.41 27.71 14.93
C ILE A 843 -7.20 28.89 14.38
N LYS A 844 -8.52 28.90 14.58
CA LYS A 844 -9.33 30.03 14.13
C LYS A 844 -8.96 31.32 14.88
N THR A 845 -8.77 31.22 16.20
CA THR A 845 -8.41 32.39 17.00
C THR A 845 -7.04 32.93 16.61
N TYR A 846 -6.05 32.06 16.46
CA TYR A 846 -4.71 32.53 16.16
C TYR A 846 -4.54 32.90 14.69
N LYS A 847 -5.36 32.36 13.79
CA LYS A 847 -5.38 32.85 12.42
C LYS A 847 -6.01 34.24 12.34
N THR A 848 -7.03 34.49 13.16
CA THR A 848 -7.58 35.85 13.27
C THR A 848 -6.54 36.82 13.83
N ARG A 849 -5.80 36.38 14.85
CA ARG A 849 -4.73 37.20 15.42
C ARG A 849 -3.61 37.47 14.42
N LEU A 850 -3.23 36.45 13.65
CA LEU A 850 -2.19 36.61 12.63
C LEU A 850 -2.65 37.54 11.51
N SER A 851 -3.92 37.44 11.12
CA SER A 851 -4.46 38.35 10.13
C SER A 851 -4.51 39.79 10.64
N GLU A 852 -4.81 39.98 11.92
CA GLU A 852 -4.77 41.31 12.53
C GLU A 852 -3.34 41.86 12.55
N MET A 853 -2.37 41.02 12.91
CA MET A 853 -0.99 41.48 13.01
C MET A 853 -0.37 41.72 11.64
N LEU A 854 -0.86 41.03 10.60
CA LEU A 854 -0.37 41.28 9.25
C LEU A 854 -1.10 42.44 8.59
N SER A 855 -2.33 42.72 9.00
CA SER A 855 -3.05 43.87 8.48
C SER A 855 -2.66 45.17 9.16
N GLU A 856 -2.13 45.10 10.38
CA GLU A 856 -1.61 46.32 11.02
C GLU A 856 -0.36 46.81 10.30
N GLY A 857 0.63 45.93 10.10
CA GLY A 857 1.80 46.28 9.34
C GLY A 857 2.76 47.25 10.00
N ARG A 858 2.64 47.45 11.32
CA ARG A 858 3.48 48.42 12.02
C ARG A 858 4.59 47.79 12.83
N MET A 859 4.66 46.46 12.91
CA MET A 859 5.72 45.77 13.63
C MET A 859 6.26 44.63 12.80
N ASN A 860 7.50 44.23 13.09
CA ASN A 860 8.19 43.23 12.31
C ASN A 860 7.61 41.84 12.55
N SER A 861 7.96 40.91 11.65
CA SER A 861 7.44 39.56 11.72
C SER A 861 8.03 38.78 12.89
N ASN A 862 9.25 39.10 13.31
CA ASN A 862 9.85 38.41 14.44
C ASN A 862 9.15 38.76 15.75
N GLN A 863 8.77 40.03 15.91
CA GLN A 863 7.99 40.42 17.09
C GLN A 863 6.59 39.81 17.06
N VAL A 864 6.01 39.66 15.87
CA VAL A 864 4.72 38.98 15.71
C VAL A 864 4.85 37.52 16.14
N CYS A 865 5.93 36.85 15.72
CA CYS A 865 6.17 35.47 16.12
C CYS A 865 6.41 35.35 17.62
N ILE A 866 7.14 36.32 18.21
CA ILE A 866 7.40 36.32 19.65
C ILE A 866 6.09 36.44 20.43
N ASP A 867 5.22 37.38 20.02
CA ASP A 867 3.99 37.61 20.76
C ASP A 867 3.00 36.47 20.56
N ILE A 868 2.94 35.90 19.35
CA ILE A 868 2.04 34.79 19.08
C ILE A 868 2.49 33.53 19.83
N LEU A 869 3.79 33.26 19.85
CA LEU A 869 4.27 32.09 20.60
C LEU A 869 4.17 32.29 22.11
N ARG A 870 4.31 33.54 22.59
CA ARG A 870 4.10 33.79 24.02
C ARG A 870 2.64 33.62 24.42
N SER A 871 1.72 34.13 23.60
CA SER A 871 0.30 33.94 23.86
C SER A 871 -0.09 32.48 23.73
N LEU A 872 0.55 31.76 22.80
CA LEU A 872 0.32 30.33 22.65
C LEU A 872 0.79 29.56 23.87
N GLU A 873 1.98 29.90 24.38
CA GLU A 873 2.49 29.25 25.58
C GLU A 873 1.60 29.52 26.79
N THR A 874 1.12 30.76 26.93
CA THR A 874 0.22 31.11 28.02
C THR A 874 -1.09 30.35 27.92
N ASP A 875 -1.65 30.25 26.71
CA ASP A 875 -2.91 29.52 26.52
C ASP A 875 -2.74 28.03 26.75
N LEU A 876 -1.62 27.45 26.31
CA LEU A 876 -1.40 26.02 26.50
C LEU A 876 -1.15 25.69 27.96
N ARG A 877 -0.42 26.54 28.68
CA ARG A 877 -0.21 26.30 30.11
C ARG A 877 -1.50 26.50 30.90
N SER A 878 -2.32 27.48 30.50
CA SER A 878 -3.60 27.69 31.18
C SER A 878 -4.56 26.53 30.92
N GLU A 879 -4.55 25.98 29.71
CA GLU A 879 -5.38 24.81 29.42
C GLU A 879 -4.86 23.56 30.12
N PHE A 880 -3.54 23.44 30.25
CA PHE A 880 -2.95 22.28 30.91
C PHE A 880 -3.19 22.30 32.41
N ASP A 881 -3.18 23.49 33.02
CA ASP A 881 -3.34 23.57 34.47
C ASP A 881 -4.79 23.72 34.90
N SER A 882 -5.52 24.68 34.30
CA SER A 882 -6.89 24.93 34.72
C SER A 882 -7.83 23.84 34.24
N ARG A 883 -7.61 23.35 33.01
CA ARG A 883 -8.42 22.30 32.37
C ARG A 883 -9.90 22.67 32.30
N SER A 884 -10.17 23.93 31.94
CA SER A 884 -11.53 24.42 31.86
C SER A 884 -12.26 23.91 30.63
N SER A 885 -11.54 23.65 29.54
CA SER A 885 -12.16 23.08 28.35
C SER A 885 -12.54 21.63 28.62
N PRO A 886 -13.77 21.22 28.32
CA PRO A 886 -14.22 19.87 28.66
C PRO A 886 -13.63 18.82 27.73
N LEU A 887 -14.08 17.59 27.92
CA LEU A 887 -13.65 16.49 27.06
C LEU A 887 -14.17 16.66 25.64
N GLU A 888 -15.33 17.31 25.48
CA GLU A 888 -15.98 17.48 24.18
C GLU A 888 -15.14 18.28 23.19
N LEU A 889 -14.26 19.15 23.69
CA LEU A 889 -13.38 19.94 22.85
C LEU A 889 -12.19 19.14 22.32
N PHE A 890 -11.97 17.93 22.86
CA PHE A 890 -10.79 17.13 22.54
C PHE A 890 -11.14 15.78 21.93
N MET A 891 -12.40 15.57 21.53
CA MET A 891 -12.86 14.30 20.99
C MET A 891 -12.49 14.22 19.52
N LEU A 892 -11.45 13.45 19.21
CA LEU A 892 -11.14 13.15 17.81
C LEU A 892 -12.05 12.04 17.30
N SER A 893 -12.29 12.05 16.00
CA SER A 893 -13.15 11.06 15.37
C SER A 893 -12.35 10.23 14.38
N ARG A 894 -12.72 8.96 14.27
CA ARG A 894 -12.10 8.05 13.32
C ARG A 894 -13.14 6.99 12.97
N MET A 895 -13.11 6.53 11.72
CA MET A 895 -14.01 5.49 11.25
C MET A 895 -13.42 4.12 11.55
N HIS A 896 -14.28 3.20 12.01
CA HIS A 896 -13.86 1.84 12.32
C HIS A 896 -13.99 0.96 11.09
N HIS A 897 -12.93 0.22 10.79
CA HIS A 897 -12.93 -0.74 9.70
C HIS A 897 -11.93 -1.83 10.01
N SER A 898 -11.85 -2.82 9.12
CA SER A 898 -10.87 -3.89 9.23
C SER A 898 -9.86 -3.88 8.09
N ASN A 899 -9.90 -2.85 7.24
CA ASN A 899 -9.01 -2.75 6.09
C ASN A 899 -7.65 -2.26 6.56
N TYR A 900 -6.89 -3.18 7.15
CA TYR A 900 -5.56 -2.87 7.67
C TYR A 900 -4.57 -3.91 7.16
N LYS A 901 -3.41 -3.43 6.71
CA LYS A 901 -2.36 -4.33 6.28
C LYS A 901 -1.78 -5.12 7.46
N SER A 902 -1.71 -4.49 8.62
CA SER A 902 -1.26 -5.16 9.82
C SER A 902 -2.47 -5.66 10.60
N ALA A 903 -2.42 -6.93 11.01
CA ALA A 903 -3.48 -7.48 11.86
C ALA A 903 -3.42 -6.93 13.28
N ASP A 904 -2.25 -6.45 13.70
CA ASP A 904 -2.07 -5.86 15.02
C ASP A 904 -2.09 -4.34 14.98
N ASN A 905 -2.93 -3.77 14.13
CA ASN A 905 -3.05 -2.33 14.03
C ASN A 905 -3.66 -1.77 15.33
N PRO A 906 -3.12 -0.64 15.84
CA PRO A 906 -3.63 -0.10 17.11
C PRO A 906 -5.07 0.38 17.06
N ASN A 907 -5.54 0.90 15.92
CA ASN A 907 -6.90 1.43 15.84
C ASN A 907 -7.93 0.31 15.91
N MET A 908 -7.74 -0.76 15.14
CA MET A 908 -8.67 -1.87 15.15
C MET A 908 -8.60 -2.63 16.46
N TYR A 909 -7.41 -2.70 17.07
CA TYR A 909 -7.27 -3.28 18.39
C TYR A 909 -8.01 -2.47 19.44
N LEU A 910 -7.95 -1.14 19.32
CA LEU A 910 -8.67 -0.26 20.24
C LEU A 910 -10.17 -0.45 20.14
N VAL A 911 -10.69 -0.56 18.91
CA VAL A 911 -12.13 -0.77 18.74
C VAL A 911 -12.55 -2.15 19.22
N THR A 912 -11.73 -3.17 18.98
CA THR A 912 -12.10 -4.51 19.45
C THR A 912 -12.01 -4.63 20.96
N GLU A 913 -11.08 -3.91 21.59
CA GLU A 913 -11.05 -3.86 23.05
C GLU A 913 -12.27 -3.13 23.60
N TYR A 914 -12.72 -2.07 22.91
CA TYR A 914 -13.96 -1.41 23.28
C TYR A 914 -15.15 -2.36 23.15
N ASN A 915 -15.21 -3.12 22.06
CA ASN A 915 -16.34 -4.00 21.81
C ASN A 915 -16.35 -5.17 22.77
N LYS A 916 -15.18 -5.61 23.24
CA LYS A 916 -15.13 -6.62 24.28
C LYS A 916 -15.56 -6.05 25.62
N ASN A 917 -15.11 -4.84 25.94
CA ASN A 917 -15.30 -4.32 27.30
C ASN A 917 -16.64 -3.63 27.50
N ASN A 918 -17.35 -3.29 26.42
CA ASN A 918 -18.53 -2.46 26.58
C ASN A 918 -19.75 -3.07 25.90
N PRO A 919 -20.95 -2.86 26.45
CA PRO A 919 -22.16 -3.36 25.77
C PRO A 919 -22.46 -2.64 24.47
N GLU A 920 -22.13 -1.35 24.38
CA GLU A 920 -22.23 -0.64 23.12
C GLU A 920 -21.13 -1.13 22.18
N THR A 921 -21.51 -1.52 20.98
CA THR A 921 -20.57 -2.01 19.99
C THR A 921 -20.39 -1.00 18.87
N ILE A 922 -19.15 -0.87 18.40
CA ILE A 922 -18.82 0.02 17.30
C ILE A 922 -18.74 -0.83 16.04
N GLU A 923 -19.64 -0.59 15.11
CA GLU A 923 -19.73 -1.40 13.91
C GLU A 923 -18.65 -0.99 12.91
N LEU A 924 -18.53 -1.77 11.85
CA LEU A 924 -17.65 -1.40 10.76
C LEU A 924 -18.26 -0.24 9.98
N GLY A 925 -17.44 0.76 9.68
CA GLY A 925 -17.92 1.98 9.08
C GLY A 925 -18.46 2.99 10.05
N GLU A 926 -18.60 2.64 11.32
CA GLU A 926 -19.01 3.59 12.33
C GLU A 926 -17.90 4.59 12.60
N ARG A 927 -18.28 5.84 12.76
CA ARG A 927 -17.35 6.85 13.23
C ARG A 927 -17.49 6.94 14.74
N TYR A 928 -16.40 6.68 15.45
CA TYR A 928 -16.38 6.71 16.89
C TYR A 928 -15.53 7.89 17.33
N TYR A 929 -15.79 8.37 18.53
CA TYR A 929 -14.98 9.40 19.14
C TYR A 929 -13.91 8.78 20.02
N PHE A 930 -12.67 9.21 19.82
CA PHE A 930 -11.57 8.80 20.67
C PHE A 930 -10.81 10.04 21.13
N ALA A 931 -10.24 9.94 22.32
CA ALA A 931 -9.39 10.99 22.86
C ALA A 931 -8.14 10.38 23.47
N TYR A 932 -7.08 11.18 23.52
CA TYR A 932 -5.85 10.79 24.20
C TYR A 932 -6.03 11.04 25.69
N ILE A 933 -6.15 9.96 26.46
CA ILE A 933 -6.38 10.04 27.90
C ILE A 933 -5.20 9.38 28.60
N CYS A 934 -4.60 10.10 29.52
CA CYS A 934 -3.49 9.65 30.34
C CYS A 934 -3.86 9.87 31.79
N PRO A 935 -3.20 9.18 32.74
CA PRO A 935 -3.46 9.45 34.17
C PRO A 935 -3.10 10.88 34.55
N ALA A 936 -3.87 11.41 35.51
CA ALA A 936 -3.80 12.83 35.86
C ALA A 936 -2.52 13.20 36.61
N ASN A 937 -1.83 12.24 37.22
CA ASN A 937 -0.57 12.53 37.89
C ASN A 937 0.60 12.67 36.93
N VAL A 938 0.39 12.36 35.65
CA VAL A 938 1.46 12.50 34.65
C VAL A 938 1.68 13.98 34.37
N PRO A 939 2.92 14.48 34.48
CA PRO A 939 3.18 15.90 34.19
C PRO A 939 3.25 16.19 32.71
N TRP A 940 3.68 17.41 32.36
CA TRP A 940 3.94 17.76 30.97
C TRP A 940 5.03 16.87 30.40
N THR A 941 4.66 15.98 29.48
CA THR A 941 5.58 15.04 28.89
C THR A 941 6.28 15.70 27.71
N LYS A 942 7.61 15.69 27.74
CA LYS A 942 8.36 16.34 26.65
C LYS A 942 8.35 15.47 25.39
N LYS A 943 8.96 14.30 25.46
CA LYS A 943 9.05 13.41 24.31
C LYS A 943 7.83 12.50 24.29
N LEU A 944 7.07 12.56 23.19
CA LEU A 944 5.80 11.88 23.07
C LEU A 944 6.01 10.55 22.34
N VAL A 945 5.92 9.46 23.10
CA VAL A 945 6.05 8.11 22.55
C VAL A 945 4.87 7.28 23.06
N ASN A 946 4.57 6.21 22.31
CA ASN A 946 3.43 5.32 22.53
C ASN A 946 2.12 6.11 22.59
N ILE A 947 1.96 7.01 21.62
CA ILE A 947 0.84 7.94 21.60
C ILE A 947 -0.48 7.21 21.35
N LYS A 948 -0.47 6.22 20.45
CA LYS A 948 -1.67 5.44 20.15
C LYS A 948 -2.11 4.56 21.31
N THR A 949 -1.22 4.27 22.27
CA THR A 949 -1.62 3.53 23.46
C THR A 949 -2.44 4.38 24.42
N TYR A 950 -2.37 5.70 24.30
CA TYR A 950 -3.16 6.60 25.13
C TYR A 950 -4.52 6.90 24.55
N GLU A 951 -4.85 6.35 23.38
CA GLU A 951 -6.16 6.56 22.80
C GLU A 951 -7.23 5.82 23.62
N THR A 952 -8.29 6.54 23.95
CA THR A 952 -9.43 5.97 24.66
C THR A 952 -10.67 6.34 23.87
N ILE A 953 -11.49 5.35 23.54
CA ILE A 953 -12.71 5.61 22.79
C ILE A 953 -13.73 6.28 23.72
N ILE A 954 -14.21 7.46 23.31
CA ILE A 954 -15.16 8.22 24.08
C ILE A 954 -16.54 7.98 23.50
N ASP A 955 -17.48 7.60 24.35
CA ASP A 955 -18.87 7.50 23.94
C ASP A 955 -19.72 8.47 24.76
N ARG A 956 -21.05 8.35 24.61
CA ARG A 956 -21.96 9.28 25.28
C ARG A 956 -21.96 9.10 26.78
N SER A 957 -21.68 7.90 27.27
CA SER A 957 -21.70 7.60 28.69
C SER A 957 -20.32 7.66 29.32
N PHE A 958 -19.29 8.06 28.58
CA PHE A 958 -17.95 8.11 29.13
C PHE A 958 -17.79 9.39 29.94
N LYS A 959 -17.33 9.24 31.17
CA LYS A 959 -16.98 10.37 32.03
C LYS A 959 -15.49 10.29 32.30
N LEU A 960 -14.80 11.43 32.18
CA LEU A 960 -13.38 11.48 32.50
C LEU A 960 -13.19 11.35 34.01
N GLY A 961 -12.39 10.38 34.42
CA GLY A 961 -12.22 10.12 35.83
C GLY A 961 -11.36 11.15 36.53
N SER A 962 -11.40 11.11 37.86
CA SER A 962 -10.55 11.99 38.66
C SER A 962 -9.07 11.60 38.51
N ASN A 963 -8.80 10.30 38.40
CA ASN A 963 -7.43 9.83 38.17
C ASN A 963 -6.97 10.04 36.75
N GLN A 964 -7.89 10.27 35.81
CA GLN A 964 -7.55 10.45 34.41
C GLN A 964 -7.58 11.92 34.03
N ARG A 965 -6.94 12.22 32.90
CA ARG A 965 -6.97 13.56 32.33
C ARG A 965 -6.80 13.44 30.82
N ILE A 966 -7.16 14.52 30.13
CA ILE A 966 -6.88 14.61 28.70
C ILE A 966 -5.37 14.73 28.51
N PHE A 967 -4.82 13.91 27.64
CA PHE A 967 -3.38 13.95 27.41
C PHE A 967 -3.15 15.13 26.47
N TYR A 968 -2.98 16.31 27.08
CA TYR A 968 -3.01 17.57 26.36
C TYR A 968 -1.82 17.75 25.42
N GLU A 969 -0.73 17.03 25.65
CA GLU A 969 0.52 17.29 24.92
C GLU A 969 0.42 16.91 23.46
N VAL A 970 -0.39 15.90 23.13
CA VAL A 970 -0.54 15.48 21.73
C VAL A 970 -1.28 16.53 20.92
N TYR A 971 -2.42 16.99 21.45
CA TYR A 971 -3.19 18.06 20.82
C TYR A 971 -2.39 19.34 20.75
N PHE A 972 -1.63 19.64 21.81
CA PHE A 972 -0.83 20.85 21.84
C PHE A 972 0.32 20.78 20.84
N LYS A 973 0.90 19.60 20.65
CA LYS A 973 1.96 19.43 19.66
C LYS A 973 1.44 19.61 18.25
N ARG A 974 0.26 19.04 17.95
CA ARG A 974 -0.33 19.23 16.61
C ARG A 974 -0.73 20.69 16.37
N LEU A 975 -1.30 21.33 17.40
CA LEU A 975 -1.70 22.72 17.32
C LEU A 975 -0.50 23.64 17.10
N THR A 976 0.54 23.48 17.92
CA THR A 976 1.77 24.25 17.79
C THR A 976 2.46 23.98 16.47
N SER A 977 2.36 22.74 15.97
CA SER A 977 2.93 22.41 14.67
C SER A 977 2.27 23.21 13.55
N GLU A 978 0.92 23.33 13.57
CA GLU A 978 0.32 24.03 12.44
C GLU A 978 0.53 25.54 12.58
N ILE A 979 0.58 26.05 13.82
CA ILE A 979 0.92 27.47 14.03
C ILE A 979 2.35 27.78 13.57
N VAL A 980 3.32 26.92 13.86
CA VAL A 980 4.67 27.21 13.39
C VAL A 980 4.82 26.98 11.90
N ASN A 981 3.93 26.22 11.26
CA ASN A 981 3.84 26.32 9.80
C ASN A 981 3.19 27.63 9.35
N LEU A 982 2.33 28.25 10.16
CA LEU A 982 1.76 29.54 9.78
C LEU A 982 2.77 30.67 9.91
N LEU A 983 3.72 30.57 10.84
CA LEU A 983 4.58 31.69 11.18
C LEU A 983 5.90 31.64 10.41
N ASP A 984 6.57 32.80 10.40
CA ASP A 984 7.95 32.91 9.96
C ASP A 984 8.85 32.74 11.18
N ASN A 985 10.14 33.07 11.03
CA ASN A 985 11.18 32.97 12.06
C ASN A 985 11.29 31.53 12.57
N LYS A 986 11.78 30.68 11.67
CA LYS A 986 11.77 29.23 11.89
C LYS A 986 12.66 28.79 13.05
N VAL A 987 13.75 29.51 13.31
CA VAL A 987 14.69 29.12 14.36
C VAL A 987 14.07 29.25 15.74
N LEU A 988 13.34 30.35 15.97
CA LEU A 988 12.60 30.53 17.21
C LEU A 988 11.47 29.51 17.36
N CYS A 989 10.86 29.13 16.23
CA CYS A 989 9.83 28.09 16.25
C CYS A 989 10.41 26.74 16.64
N ILE A 990 11.60 26.41 16.13
CA ILE A 990 12.29 25.18 16.54
C ILE A 990 12.65 25.22 18.01
N SER A 991 13.13 26.38 18.49
CA SER A 991 13.52 26.51 19.90
C SER A 991 12.32 26.36 20.84
N PHE A 992 11.20 26.98 20.49
CA PHE A 992 10.02 26.90 21.35
C PHE A 992 9.41 25.50 21.27
N PHE A 993 9.44 24.88 20.08
CA PHE A 993 8.91 23.54 19.93
C PHE A 993 9.78 22.52 20.66
N GLN A 994 11.08 22.78 20.77
CA GLN A 994 11.95 21.92 21.57
C GLN A 994 11.76 22.13 23.06
N ARG A 995 11.50 23.37 23.50
CA ARG A 995 11.33 23.55 24.94
C ARG A 995 9.94 23.14 25.42
N MET A 996 8.96 22.96 24.52
CA MET A 996 7.68 22.39 24.92
C MET A 996 7.53 20.91 24.61
N PHE A 997 7.95 20.44 23.44
CA PHE A 997 7.69 19.06 23.03
C PHE A 997 8.95 18.29 22.68
N GLY A 998 10.13 18.86 22.93
CA GLY A 998 11.38 18.11 22.88
C GLY A 998 11.79 17.56 21.53
N SER A 999 11.23 18.08 20.44
CA SER A 999 11.48 17.50 19.13
C SER A 999 11.52 18.60 18.08
N ARG A 1000 12.10 18.27 16.93
CA ARG A 1000 12.20 19.17 15.81
C ARG A 1000 10.85 19.26 15.11
N PRO A 1001 10.28 20.45 14.94
CA PRO A 1001 9.01 20.58 14.22
C PRO A 1001 9.21 20.38 12.72
N THR A 1002 8.18 19.82 12.08
CA THR A 1002 8.21 19.62 10.64
C THR A 1002 7.68 20.86 9.93
N PHE A 1003 8.48 21.40 9.02
CA PHE A 1003 8.11 22.60 8.28
C PHE A 1003 7.83 22.26 6.82
N TYR A 1004 6.74 22.81 6.31
CA TYR A 1004 6.37 22.61 4.91
C TYR A 1004 7.31 23.41 4.00
N GLU A 1005 7.71 22.78 2.90
CA GLU A 1005 8.60 23.41 1.93
C GLU A 1005 7.79 23.82 0.70
N ALA A 1006 7.94 25.07 0.29
CA ALA A 1006 7.25 25.59 -0.88
C ALA A 1006 7.89 25.06 -2.16
N MET B 1 -27.68 -7.33 0.09
CA MET B 1 -28.84 -7.66 0.92
C MET B 1 -28.97 -9.16 1.08
N HIS B 2 -30.13 -9.64 1.52
CA HIS B 2 -30.27 -11.07 1.77
C HIS B 2 -30.54 -11.87 0.50
N HIS B 3 -30.75 -11.21 -0.64
CA HIS B 3 -30.60 -11.84 -1.94
C HIS B 3 -29.17 -11.79 -2.45
N HIS B 4 -28.28 -11.09 -1.74
CA HIS B 4 -26.91 -10.90 -2.19
C HIS B 4 -25.87 -11.15 -1.10
N HIS B 5 -26.20 -11.98 -0.09
CA HIS B 5 -25.37 -12.38 1.05
C HIS B 5 -25.06 -11.25 2.01
N HIS B 6 -24.62 -11.61 3.23
CA HIS B 6 -24.13 -10.60 4.16
C HIS B 6 -22.83 -9.99 3.66
N HIS B 7 -22.00 -10.77 2.97
CA HIS B 7 -20.85 -10.22 2.28
C HIS B 7 -20.61 -11.05 1.03
N GLY B 8 -20.22 -10.40 -0.05
CA GLY B 8 -19.93 -11.09 -1.30
C GLY B 8 -18.75 -12.03 -1.22
N THR B 9 -19.03 -13.33 -1.23
CA THR B 9 -18.01 -14.37 -1.14
C THR B 9 -17.90 -15.09 -2.47
N GLY B 10 -16.67 -15.21 -2.97
CA GLY B 10 -16.42 -15.93 -4.19
C GLY B 10 -16.39 -17.43 -3.97
N SER B 11 -16.27 -18.15 -5.09
CA SER B 11 -16.15 -19.61 -5.05
C SER B 11 -14.73 -19.96 -4.62
N MET B 12 -14.53 -19.99 -3.31
CA MET B 12 -13.21 -20.26 -2.72
C MET B 12 -12.95 -21.76 -2.55
N THR B 13 -13.90 -22.61 -2.94
CA THR B 13 -13.83 -24.04 -2.66
C THR B 13 -13.83 -24.88 -3.92
N SER B 14 -13.56 -24.30 -5.07
CA SER B 14 -13.61 -25.02 -6.33
C SER B 14 -12.32 -25.81 -6.55
N SER B 15 -12.32 -26.64 -7.59
CA SER B 15 -11.11 -27.35 -7.98
C SER B 15 -10.08 -26.41 -8.56
N ALA B 16 -10.51 -25.30 -9.16
CA ALA B 16 -9.58 -24.28 -9.64
C ALA B 16 -8.84 -23.61 -8.50
N ASP B 17 -9.55 -23.35 -7.38
CA ASP B 17 -8.91 -22.79 -6.20
C ASP B 17 -7.93 -23.77 -5.58
N LEU B 18 -8.27 -25.06 -5.59
CA LEU B 18 -7.37 -26.09 -5.09
C LEU B 18 -6.13 -26.20 -5.97
N THR B 19 -6.30 -26.11 -7.29
CA THR B 19 -5.17 -26.14 -8.21
C THR B 19 -4.27 -24.92 -8.03
N ASN B 20 -4.89 -23.74 -7.82
CA ASN B 20 -4.12 -22.54 -7.55
C ASN B 20 -3.35 -22.63 -6.23
N LEU B 21 -3.97 -23.22 -5.22
CA LEU B 21 -3.31 -23.40 -3.92
C LEU B 21 -2.17 -24.40 -4.01
N LYS B 22 -2.36 -25.48 -4.78
CA LYS B 22 -1.29 -26.45 -4.96
C LYS B 22 -0.13 -25.88 -5.77
N GLU B 23 -0.44 -25.05 -6.78
CA GLU B 23 0.59 -24.35 -7.52
C GLU B 23 1.33 -23.35 -6.63
N LEU B 24 0.60 -22.69 -5.73
CA LEU B 24 1.20 -21.78 -4.76
C LEU B 24 2.14 -22.52 -3.82
N LEU B 25 1.72 -23.71 -3.37
CA LEU B 25 2.58 -24.53 -2.51
C LEU B 25 3.82 -25.01 -3.24
N SER B 26 3.68 -25.41 -4.52
CA SER B 26 4.82 -25.87 -5.31
C SER B 26 5.79 -24.72 -5.58
N LEU B 27 5.28 -23.51 -5.83
CA LEU B 27 6.17 -22.37 -6.03
C LEU B 27 6.78 -21.90 -4.72
N TYR B 28 6.10 -22.13 -3.60
CA TYR B 28 6.68 -21.84 -2.29
C TYR B 28 7.82 -22.79 -1.96
N LYS B 29 7.68 -24.06 -2.34
CA LYS B 29 8.72 -25.04 -2.09
C LYS B 29 9.96 -24.82 -2.97
N SER B 30 9.85 -24.02 -4.02
CA SER B 30 10.95 -23.70 -4.92
C SER B 30 11.11 -22.19 -5.07
N LEU B 31 11.02 -21.45 -3.96
CA LEU B 31 11.21 -20.00 -4.01
C LEU B 31 12.66 -19.62 -4.26
N ARG B 32 13.59 -20.35 -3.64
CA ARG B 32 15.01 -20.07 -3.80
C ARG B 32 15.57 -20.57 -5.12
N PHE B 33 14.74 -21.23 -5.94
CA PHE B 33 15.24 -21.95 -7.10
C PHE B 33 14.67 -21.40 -8.41
N SER B 34 13.73 -20.46 -8.35
CA SER B 34 12.92 -20.08 -9.49
C SER B 34 13.40 -18.77 -10.12
N ASP B 35 12.86 -18.48 -11.30
CA ASP B 35 13.12 -17.22 -11.99
C ASP B 35 12.19 -16.14 -11.44
N SER B 36 12.33 -14.92 -11.95
CA SER B 36 11.51 -13.81 -11.48
C SER B 36 10.07 -13.93 -11.96
N VAL B 37 9.85 -14.64 -13.06
CA VAL B 37 8.49 -14.89 -13.55
C VAL B 37 7.74 -15.78 -12.56
N ALA B 38 8.38 -16.82 -12.06
CA ALA B 38 7.73 -17.70 -11.10
C ALA B 38 7.62 -17.05 -9.72
N ILE B 39 8.54 -16.15 -9.38
CA ILE B 39 8.39 -15.35 -8.16
C ILE B 39 7.20 -14.42 -8.26
N GLU B 40 6.99 -13.79 -9.43
CA GLU B 40 5.82 -12.95 -9.62
C GLU B 40 4.54 -13.76 -9.65
N LYS B 41 4.58 -14.97 -10.20
CA LYS B 41 3.42 -15.86 -10.16
C LYS B 41 3.11 -16.32 -8.74
N TYR B 42 4.17 -16.56 -7.95
CA TYR B 42 4.00 -16.88 -6.53
C TYR B 42 3.38 -15.71 -5.78
N ASN B 43 3.83 -14.48 -6.07
CA ASN B 43 3.29 -13.31 -5.40
C ASN B 43 1.84 -13.06 -5.80
N SER B 44 1.51 -13.32 -7.07
CA SER B 44 0.13 -13.24 -7.54
C SER B 44 -0.74 -14.29 -6.85
N LEU B 45 -0.21 -15.49 -6.65
CA LEU B 45 -0.98 -16.52 -5.96
C LEU B 45 -1.09 -16.24 -4.46
N VAL B 46 -0.08 -15.60 -3.86
CA VAL B 46 -0.17 -15.15 -2.48
C VAL B 46 -1.25 -14.08 -2.34
N GLU B 47 -1.27 -13.12 -3.27
CA GLU B 47 -2.29 -12.08 -3.26
C GLU B 47 -3.68 -12.65 -3.48
N TRP B 48 -3.80 -13.64 -4.37
CA TRP B 48 -5.08 -14.32 -4.57
C TRP B 48 -5.50 -15.08 -3.32
N GLY B 49 -4.57 -15.77 -2.68
CA GLY B 49 -4.90 -16.53 -1.47
C GLY B 49 -5.27 -15.65 -0.30
N THR B 50 -4.65 -14.47 -0.20
CA THR B 50 -4.96 -13.51 0.85
C THR B 50 -6.26 -12.76 0.54
N SER B 51 -6.61 -12.60 -0.74
CA SER B 51 -7.92 -12.05 -1.08
C SER B 51 -9.02 -13.09 -0.91
N THR B 52 -8.69 -14.37 -1.11
CA THR B 52 -9.69 -15.43 -1.16
C THR B 52 -9.98 -15.99 0.22
N TYR B 53 -8.96 -16.46 0.91
CA TYR B 53 -9.00 -16.76 2.32
C TYR B 53 -8.43 -15.57 3.06
N TRP B 54 -8.88 -15.36 4.30
CA TRP B 54 -8.51 -14.12 4.99
C TRP B 54 -7.03 -14.09 5.37
N LYS B 55 -6.42 -15.26 5.54
CA LYS B 55 -4.99 -15.35 5.81
C LYS B 55 -4.46 -16.61 5.13
N ILE B 56 -3.19 -16.57 4.75
CA ILE B 56 -2.50 -17.75 4.27
C ILE B 56 -1.15 -17.83 4.97
N GLY B 57 -0.57 -19.04 4.98
CA GLY B 57 0.67 -19.25 5.69
C GLY B 57 1.88 -18.66 5.00
N VAL B 58 1.78 -18.41 3.70
CA VAL B 58 2.89 -17.89 2.92
C VAL B 58 2.67 -16.40 2.67
N GLN B 59 3.77 -15.67 2.54
CA GLN B 59 3.73 -14.22 2.36
C GLN B 59 4.38 -13.85 1.04
N LYS B 60 4.17 -12.59 0.65
CA LYS B 60 4.83 -12.05 -0.53
C LYS B 60 6.33 -11.93 -0.30
N VAL B 61 7.09 -12.16 -1.36
CA VAL B 61 8.54 -11.99 -1.33
C VAL B 61 8.91 -10.86 -2.27
N THR B 62 9.85 -10.01 -1.84
CA THR B 62 10.33 -8.91 -2.65
C THR B 62 11.65 -9.26 -3.33
N ASN B 63 12.64 -9.68 -2.54
CA ASN B 63 13.89 -10.20 -3.06
C ASN B 63 14.19 -11.56 -2.45
N VAL B 64 14.68 -12.47 -3.28
CA VAL B 64 14.99 -13.84 -2.87
C VAL B 64 16.46 -14.10 -3.18
N GLU B 65 17.21 -14.51 -2.16
CA GLU B 65 18.57 -14.96 -2.37
C GLU B 65 18.54 -16.32 -3.06
N THR B 66 18.83 -16.34 -4.36
CA THR B 66 18.77 -17.57 -5.15
C THR B 66 19.96 -18.43 -4.81
N SER B 67 19.72 -19.50 -4.05
CA SER B 67 20.77 -20.42 -3.66
C SER B 67 20.24 -21.85 -3.73
N ILE B 68 21.12 -22.78 -4.10
CA ILE B 68 20.76 -24.18 -4.23
C ILE B 68 21.47 -25.01 -3.17
N SER B 69 21.78 -24.38 -2.04
CA SER B 69 22.49 -25.03 -0.94
C SER B 69 21.60 -25.96 -0.11
N ASP B 70 20.30 -26.06 -0.44
CA ASP B 70 19.45 -27.05 0.24
C ASP B 70 19.84 -28.47 -0.14
N TYR B 71 20.24 -28.69 -1.39
CA TYR B 71 20.68 -30.00 -1.84
C TYR B 71 22.20 -30.15 -1.79
N TYR B 72 22.89 -29.19 -1.19
CA TYR B 72 24.33 -29.29 -0.98
C TYR B 72 24.66 -29.05 0.48
N ASP B 73 25.95 -29.05 0.83
CA ASP B 73 26.36 -28.89 2.22
C ASP B 73 27.72 -28.18 2.24
N GLU B 74 28.39 -28.26 3.38
CA GLU B 74 29.69 -27.61 3.54
C GLU B 74 30.75 -28.36 2.73
N VAL B 75 31.47 -27.61 1.91
CA VAL B 75 32.57 -28.20 1.13
C VAL B 75 33.81 -28.28 2.03
N LYS B 76 34.48 -29.42 2.00
CA LYS B 76 35.63 -29.68 2.86
C LYS B 76 36.89 -29.75 2.00
N ASN B 77 37.89 -28.96 2.38
CA ASN B 77 39.15 -28.94 1.65
C ASN B 77 40.09 -30.05 2.06
N LYS B 78 39.81 -30.72 3.16
CA LYS B 78 40.61 -31.78 3.76
C LYS B 78 40.20 -33.14 3.20
N PRO B 79 41.13 -34.09 3.13
CA PRO B 79 40.77 -35.46 2.77
C PRO B 79 39.89 -36.11 3.82
N PHE B 80 39.04 -37.04 3.36
CA PHE B 80 38.10 -37.70 4.25
C PHE B 80 37.84 -39.11 3.73
N ASN B 81 37.22 -39.92 4.57
CA ASN B 81 36.94 -41.32 4.27
C ASN B 81 35.53 -41.46 3.68
N ILE B 82 35.41 -42.30 2.66
CA ILE B 82 34.15 -42.54 1.98
C ILE B 82 33.37 -43.62 2.73
N ASP B 83 32.05 -43.64 2.53
CA ASP B 83 31.21 -44.73 2.99
C ASP B 83 31.03 -45.74 1.85
N PRO B 84 30.90 -47.02 2.17
CA PRO B 84 30.68 -48.02 1.11
C PRO B 84 29.30 -47.91 0.47
N GLY B 85 29.24 -48.25 -0.80
CA GLY B 85 27.99 -48.21 -1.54
C GLY B 85 28.23 -47.92 -3.00
N TYR B 86 27.12 -47.79 -3.73
CA TYR B 86 27.12 -47.46 -5.15
C TYR B 86 26.99 -45.95 -5.29
N TYR B 87 27.94 -45.33 -5.97
CA TYR B 87 28.05 -43.88 -6.00
C TYR B 87 27.96 -43.38 -7.44
N ILE B 88 27.53 -42.12 -7.59
CA ILE B 88 27.37 -41.48 -8.89
C ILE B 88 28.26 -40.23 -8.89
N PHE B 89 29.37 -40.28 -9.62
CA PHE B 89 30.36 -39.22 -9.61
C PHE B 89 30.10 -38.18 -10.70
N LEU B 90 30.24 -36.91 -10.34
CA LEU B 90 30.02 -35.80 -11.25
C LEU B 90 31.21 -34.84 -11.20
N PRO B 91 31.54 -34.22 -12.32
CA PRO B 91 32.52 -33.13 -12.29
C PRO B 91 31.85 -31.77 -12.10
N VAL B 92 32.48 -30.88 -11.35
CA VAL B 92 32.00 -29.53 -11.22
C VAL B 92 32.88 -28.61 -12.06
N TYR B 93 32.25 -27.84 -12.94
CA TYR B 93 32.96 -27.03 -13.91
C TYR B 93 33.12 -25.60 -13.41
N PHE B 94 34.00 -24.87 -14.11
CA PHE B 94 34.43 -23.54 -13.67
C PHE B 94 33.37 -22.48 -13.89
N GLY B 95 32.56 -22.59 -14.94
CA GLY B 95 31.71 -21.50 -15.36
C GLY B 95 30.56 -21.20 -14.40
N SER B 96 29.82 -20.16 -14.75
CA SER B 96 28.76 -19.64 -13.88
C SER B 96 27.64 -20.65 -13.74
N VAL B 97 27.20 -20.84 -12.49
CA VAL B 97 26.18 -21.84 -12.19
C VAL B 97 24.81 -21.29 -12.56
N PHE B 98 24.06 -22.07 -13.33
CA PHE B 98 22.70 -21.72 -13.70
C PHE B 98 21.78 -22.88 -13.37
N ILE B 99 20.52 -22.57 -13.12
CA ILE B 99 19.51 -23.58 -12.81
C ILE B 99 18.31 -23.39 -13.72
N TYR B 100 17.81 -24.48 -14.27
CA TYR B 100 16.63 -24.49 -15.14
C TYR B 100 15.52 -25.19 -14.36
N SER B 101 14.80 -24.41 -13.56
CA SER B 101 13.78 -24.94 -12.66
C SER B 101 12.45 -25.13 -13.42
N LYS B 102 11.38 -25.33 -12.66
CA LYS B 102 10.04 -25.46 -13.21
C LYS B 102 9.48 -24.16 -13.77
N GLY B 103 10.15 -23.02 -13.52
CA GLY B 103 9.80 -21.75 -14.11
C GLY B 103 10.26 -21.55 -15.53
N LYS B 104 10.80 -22.59 -16.15
CA LYS B 104 11.06 -22.73 -17.59
C LYS B 104 12.14 -21.76 -18.08
N ASN B 105 12.96 -21.23 -17.18
CA ASN B 105 13.96 -20.22 -17.52
C ASN B 105 15.31 -20.65 -16.95
N MET B 106 16.36 -20.00 -17.45
CA MET B 106 17.73 -20.20 -16.98
C MET B 106 18.03 -19.16 -15.92
N VAL B 107 18.10 -19.59 -14.67
CA VAL B 107 18.20 -18.69 -13.52
C VAL B 107 19.66 -18.63 -13.07
N GLU B 108 20.19 -17.42 -12.95
CA GLU B 108 21.56 -17.23 -12.49
C GLU B 108 21.62 -17.32 -10.98
N LEU B 109 22.59 -18.08 -10.48
CA LEU B 109 22.79 -18.19 -9.03
C LEU B 109 23.40 -16.90 -8.47
N GLY B 110 22.91 -16.49 -7.31
CA GLY B 110 23.40 -15.30 -6.65
C GLY B 110 22.74 -14.01 -7.09
N SER B 111 21.99 -14.03 -8.18
CA SER B 111 21.31 -12.84 -8.66
C SER B 111 19.84 -13.13 -8.93
N GLY B 112 19.55 -14.36 -9.34
CA GLY B 112 18.19 -14.75 -9.66
C GLY B 112 17.69 -14.26 -11.00
N ASN B 113 18.55 -13.66 -11.81
CA ASN B 113 18.13 -13.09 -13.08
C ASN B 113 17.98 -14.18 -14.13
N SER B 114 16.91 -14.07 -14.92
CA SER B 114 16.71 -14.98 -16.04
C SER B 114 17.62 -14.58 -17.18
N PHE B 115 18.39 -15.53 -17.70
CA PHE B 115 19.40 -15.27 -18.71
C PHE B 115 18.94 -15.82 -20.05
N GLN B 116 19.20 -15.07 -21.11
CA GLN B 116 18.73 -15.45 -22.44
C GLN B 116 19.63 -16.55 -22.99
N ILE B 117 19.01 -17.63 -23.45
CA ILE B 117 19.74 -18.82 -23.90
C ILE B 117 19.40 -19.07 -25.37
N PRO B 118 20.24 -19.79 -26.13
CA PRO B 118 19.88 -20.14 -27.51
C PRO B 118 18.68 -21.07 -27.57
N ASP B 119 18.00 -21.03 -28.73
CA ASP B 119 16.72 -21.69 -28.88
C ASP B 119 16.84 -23.21 -28.90
N GLU B 120 17.93 -23.75 -29.44
CA GLU B 120 18.10 -25.20 -29.46
C GLU B 120 18.36 -25.75 -28.06
N ILE B 121 19.16 -25.04 -27.26
CA ILE B 121 19.44 -25.45 -25.89
C ILE B 121 18.18 -25.31 -25.04
N ARG B 122 17.41 -24.24 -25.26
CA ARG B 122 16.14 -24.05 -24.57
C ARG B 122 15.14 -25.14 -24.94
N SER B 123 15.08 -25.51 -26.23
CA SER B 123 14.17 -26.56 -26.67
C SER B 123 14.55 -27.91 -26.10
N ALA B 124 15.85 -28.19 -25.99
CA ALA B 124 16.31 -29.41 -25.34
C ALA B 124 15.97 -29.40 -23.85
N CYS B 125 16.04 -28.23 -23.21
CA CYS B 125 15.65 -28.11 -21.81
C CYS B 125 14.15 -28.36 -21.63
N ASN B 126 13.33 -27.86 -22.55
CA ASN B 126 11.90 -28.14 -22.48
C ASN B 126 11.60 -29.62 -22.73
N LYS B 127 12.37 -30.26 -23.63
CA LYS B 127 12.19 -31.69 -23.87
C LYS B 127 12.56 -32.51 -22.63
N VAL B 128 13.64 -32.12 -21.94
CA VAL B 128 14.04 -32.80 -20.71
C VAL B 128 12.99 -32.59 -19.61
N LEU B 129 12.48 -31.37 -19.48
CA LEU B 129 11.50 -31.08 -18.43
C LEU B 129 10.15 -31.73 -18.72
N ASP B 130 9.74 -31.81 -19.99
CA ASP B 130 8.49 -32.45 -20.34
C ASP B 130 8.60 -33.95 -20.41
N SER B 131 9.82 -34.50 -20.45
CA SER B 131 9.99 -35.95 -20.40
C SER B 131 9.59 -36.51 -19.03
N ASP B 132 9.98 -35.82 -17.96
CA ASP B 132 9.66 -36.25 -16.60
C ASP B 132 9.52 -35.00 -15.74
N ASN B 133 8.44 -34.95 -14.94
CA ASN B 133 8.10 -33.76 -14.18
C ASN B 133 8.64 -33.76 -12.76
N GLY B 134 9.37 -34.81 -12.35
CA GLY B 134 9.85 -34.89 -10.98
C GLY B 134 11.11 -34.09 -10.69
N ILE B 135 11.72 -33.50 -11.71
CA ILE B 135 13.00 -32.82 -11.57
C ILE B 135 12.76 -31.41 -11.06
N ASP B 136 13.44 -31.05 -9.97
CA ASP B 136 13.33 -29.69 -9.43
C ASP B 136 13.99 -28.67 -10.36
N PHE B 137 15.24 -28.90 -10.74
CA PHE B 137 15.97 -27.95 -11.58
C PHE B 137 17.11 -28.66 -12.28
N LEU B 138 17.60 -28.04 -13.35
CA LEU B 138 18.73 -28.55 -14.12
C LEU B 138 19.94 -27.66 -13.84
N ARG B 139 20.95 -28.19 -13.15
CA ARG B 139 22.12 -27.40 -12.81
C ARG B 139 22.98 -27.20 -14.04
N PHE B 140 23.08 -25.96 -14.51
CA PHE B 140 23.78 -25.65 -15.75
C PHE B 140 25.03 -24.85 -15.47
N VAL B 141 25.99 -24.96 -16.38
CA VAL B 141 27.27 -24.26 -16.30
C VAL B 141 27.48 -23.48 -17.58
N LEU B 142 27.75 -22.18 -17.44
CA LEU B 142 28.06 -21.32 -18.58
C LEU B 142 29.54 -20.94 -18.52
N LEU B 143 30.35 -21.61 -19.33
CA LEU B 143 31.76 -21.29 -19.49
C LEU B 143 32.08 -21.19 -20.97
N ASN B 144 32.60 -20.03 -21.40
CA ASN B 144 32.97 -19.74 -22.78
C ASN B 144 31.81 -19.93 -23.75
N ASN B 145 30.61 -19.56 -23.29
CA ASN B 145 29.33 -19.68 -24.00
C ASN B 145 29.12 -21.14 -24.44
N ARG B 146 29.28 -22.04 -23.47
CA ARG B 146 29.01 -23.46 -23.67
C ARG B 146 28.06 -23.91 -22.56
N TRP B 147 26.83 -24.22 -22.93
CA TRP B 147 25.84 -24.70 -21.98
C TRP B 147 25.97 -26.21 -21.83
N ILE B 148 26.63 -26.64 -20.75
CA ILE B 148 26.73 -28.05 -20.39
C ILE B 148 25.79 -28.32 -19.22
N MET B 149 25.07 -29.42 -19.28
CA MET B 149 24.14 -29.79 -18.21
C MET B 149 24.91 -30.61 -17.19
N GLU B 150 25.39 -29.93 -16.15
CA GLU B 150 26.20 -30.58 -15.12
C GLU B 150 25.39 -31.59 -14.30
N ASP B 151 24.24 -31.17 -13.77
CA ASP B 151 23.48 -31.99 -12.85
C ASP B 151 21.99 -31.81 -13.10
N ALA B 152 21.23 -32.86 -12.79
CA ALA B 152 19.78 -32.86 -12.89
C ALA B 152 19.24 -33.38 -11.58
N ILE B 153 19.06 -32.47 -10.61
CA ILE B 153 18.62 -32.84 -9.27
C ILE B 153 17.12 -33.11 -9.31
N SER B 154 16.75 -34.37 -9.09
CA SER B 154 15.36 -34.82 -9.13
C SER B 154 14.95 -35.36 -7.77
N LYS B 155 13.71 -35.11 -7.39
CA LYS B 155 13.25 -35.47 -6.05
C LYS B 155 12.97 -36.97 -5.94
N TYR B 156 12.45 -37.60 -7.00
CA TYR B 156 12.00 -38.98 -6.92
C TYR B 156 12.81 -39.97 -7.74
N GLN B 157 13.48 -39.54 -8.81
CA GLN B 157 14.09 -40.46 -9.75
C GLN B 157 15.60 -40.30 -9.75
N SER B 158 16.29 -41.40 -10.03
CA SER B 158 17.74 -41.41 -10.01
C SER B 158 18.29 -40.66 -11.21
N PRO B 159 19.36 -39.87 -11.03
CA PRO B 159 19.81 -38.97 -12.10
C PRO B 159 20.62 -39.62 -13.21
N VAL B 160 20.77 -40.94 -13.21
CA VAL B 160 21.61 -41.60 -14.22
C VAL B 160 20.96 -41.55 -15.60
N ASN B 161 19.67 -41.90 -15.68
CA ASN B 161 19.02 -42.09 -16.97
C ASN B 161 18.67 -40.78 -17.67
N ILE B 162 18.59 -39.68 -16.94
CA ILE B 162 18.23 -38.40 -17.56
C ILE B 162 19.42 -37.81 -18.32
N PHE B 163 20.65 -38.20 -17.95
CA PHE B 163 21.83 -37.58 -18.54
C PHE B 163 22.02 -38.00 -20.00
N LYS B 164 21.87 -39.29 -20.27
CA LYS B 164 21.93 -39.78 -21.65
C LYS B 164 20.72 -39.31 -22.46
N LEU B 165 19.56 -39.16 -21.82
CA LEU B 165 18.39 -38.62 -22.50
C LEU B 165 18.60 -37.17 -22.91
N ALA B 166 19.23 -36.37 -22.05
CA ALA B 166 19.57 -35.00 -22.40
C ALA B 166 20.65 -34.95 -23.48
N SER B 167 21.61 -35.87 -23.43
CA SER B 167 22.60 -35.98 -24.50
C SER B 167 21.98 -36.40 -25.83
N GLU B 168 20.84 -37.11 -25.80
CA GLU B 168 20.11 -37.39 -27.03
C GLU B 168 19.46 -36.15 -27.61
N TYR B 169 19.09 -35.18 -26.77
CA TYR B 169 18.47 -33.95 -27.21
C TYR B 169 19.48 -32.86 -27.59
N GLY B 170 20.76 -33.21 -27.69
CA GLY B 170 21.78 -32.26 -28.07
C GLY B 170 22.34 -31.42 -26.94
N LEU B 171 21.92 -31.66 -25.71
CA LEU B 171 22.51 -30.96 -24.57
C LEU B 171 23.92 -31.49 -24.32
N ASN B 172 24.83 -30.56 -24.01
CA ASN B 172 26.21 -30.92 -23.75
C ASN B 172 26.32 -31.65 -22.41
N ILE B 173 27.10 -32.71 -22.38
CA ILE B 173 27.11 -33.63 -21.23
C ILE B 173 28.53 -33.90 -20.81
N PRO B 174 28.75 -34.16 -19.53
CA PRO B 174 30.04 -34.68 -19.06
C PRO B 174 30.04 -36.21 -19.00
N ASN B 175 31.24 -36.74 -18.79
CA ASN B 175 31.45 -38.18 -18.61
C ASN B 175 31.32 -38.55 -17.13
N TYR B 176 30.96 -39.81 -16.88
CA TYR B 176 30.58 -40.25 -15.55
C TYR B 176 31.36 -41.48 -15.15
N LEU B 177 31.61 -41.61 -13.85
CA LEU B 177 32.30 -42.74 -13.24
C LEU B 177 31.39 -43.32 -12.17
N GLU B 178 30.54 -44.28 -12.57
CA GLU B 178 29.59 -44.91 -11.65
C GLU B 178 30.17 -46.24 -11.19
N ILE B 179 31.06 -46.17 -10.19
CA ILE B 179 31.79 -47.33 -9.69
C ILE B 179 31.42 -47.53 -8.23
N GLU B 180 31.13 -48.77 -7.85
CA GLU B 180 30.84 -49.13 -6.46
C GLU B 180 32.17 -49.24 -5.72
N ILE B 181 32.40 -48.33 -4.78
CA ILE B 181 33.63 -48.37 -3.98
C ILE B 181 33.62 -49.54 -3.01
N GLU B 182 32.48 -49.75 -2.33
CA GLU B 182 32.16 -50.86 -1.40
C GLU B 182 33.17 -51.04 -0.26
N GLU B 183 34.02 -50.04 -0.01
CA GLU B 183 35.01 -50.11 1.05
C GLU B 183 35.41 -48.70 1.44
N ASP B 184 36.09 -48.60 2.57
CA ASP B 184 36.55 -47.29 3.07
C ASP B 184 37.78 -46.88 2.27
N THR B 185 37.67 -45.76 1.56
CA THR B 185 38.76 -45.25 0.73
C THR B 185 38.97 -43.78 1.06
N LEU B 186 40.22 -43.41 1.34
CA LEU B 186 40.55 -42.03 1.64
C LEU B 186 40.85 -41.28 0.34
N PHE B 187 40.20 -40.12 0.16
CA PHE B 187 40.40 -39.28 -1.02
C PHE B 187 41.72 -38.53 -0.88
N ASP B 188 42.80 -39.16 -1.33
CA ASP B 188 44.05 -38.42 -1.46
C ASP B 188 44.02 -37.58 -2.73
N ASP B 189 44.97 -36.66 -2.85
CA ASP B 189 45.05 -35.81 -4.02
C ASP B 189 45.47 -36.59 -5.26
N GLU B 190 46.22 -37.68 -5.09
CA GLU B 190 46.60 -38.53 -6.22
C GLU B 190 45.38 -39.28 -6.77
N LEU B 191 44.51 -39.76 -5.86
CA LEU B 191 43.23 -40.32 -6.28
C LEU B 191 42.34 -39.27 -6.94
N TYR B 192 42.41 -38.03 -6.46
CA TYR B 192 41.67 -36.93 -7.08
C TYR B 192 42.16 -36.67 -8.50
N SER B 193 43.48 -36.73 -8.71
CA SER B 193 44.03 -36.57 -10.05
C SER B 193 43.65 -37.72 -10.96
N ILE B 194 43.63 -38.95 -10.41
CA ILE B 194 43.18 -40.13 -11.15
C ILE B 194 41.72 -39.94 -11.58
N MET B 195 40.89 -39.45 -10.65
CA MET B 195 39.47 -39.26 -10.90
C MET B 195 39.22 -38.17 -11.94
N GLU B 196 39.97 -37.07 -11.85
CA GLU B 196 39.83 -35.97 -12.80
C GLU B 196 40.28 -36.37 -14.19
N ARG B 197 41.37 -37.13 -14.31
CA ARG B 197 41.76 -37.64 -15.62
C ARG B 197 40.86 -38.75 -16.11
N SER B 198 40.17 -39.46 -15.21
CA SER B 198 39.17 -40.44 -15.61
C SER B 198 37.87 -39.78 -16.08
N PHE B 199 37.63 -38.52 -15.70
CA PHE B 199 36.52 -37.78 -16.29
C PHE B 199 36.77 -37.48 -17.77
N ASP B 200 38.05 -37.41 -18.18
CA ASP B 200 38.49 -37.34 -19.58
C ASP B 200 37.95 -36.10 -20.29
N ASP B 201 37.98 -34.96 -19.60
CA ASP B 201 37.52 -33.70 -20.16
C ASP B 201 38.67 -32.69 -20.19
N THR B 202 38.83 -32.02 -21.33
CA THR B 202 39.73 -30.88 -21.42
C THR B 202 39.10 -29.61 -20.84
N PHE B 203 37.81 -29.66 -20.54
CA PHE B 203 37.11 -28.53 -19.93
C PHE B 203 37.51 -28.40 -18.47
N PRO B 204 37.52 -27.19 -17.93
CA PRO B 204 38.02 -26.98 -16.55
C PRO B 204 37.08 -27.56 -15.52
N LYS B 205 37.52 -28.62 -14.84
CA LYS B 205 36.77 -29.26 -13.77
C LYS B 205 37.37 -28.83 -12.44
N ILE B 206 36.56 -28.19 -11.60
CA ILE B 206 37.08 -27.53 -10.41
C ILE B 206 36.73 -28.26 -9.11
N SER B 207 35.71 -29.11 -9.11
CA SER B 207 35.34 -29.89 -7.94
C SER B 207 34.67 -31.17 -8.41
N ILE B 208 34.42 -32.07 -7.48
CA ILE B 208 33.79 -33.35 -7.75
C ILE B 208 32.66 -33.54 -6.76
N SER B 209 31.45 -33.79 -7.26
CA SER B 209 30.30 -34.05 -6.42
C SER B 209 29.84 -35.48 -6.65
N TYR B 210 29.51 -36.19 -5.56
CA TYR B 210 29.08 -37.57 -5.65
C TYR B 210 27.64 -37.70 -5.16
N ILE B 211 26.90 -38.62 -5.76
CA ILE B 211 25.51 -38.90 -5.41
C ILE B 211 25.43 -40.31 -4.87
N LYS B 212 24.72 -40.48 -3.77
CA LYS B 212 24.34 -41.80 -3.29
C LYS B 212 22.96 -42.16 -3.84
N LEU B 213 22.76 -43.45 -4.11
CA LEU B 213 21.49 -43.89 -4.69
C LEU B 213 20.36 -43.81 -3.66
N GLY B 214 20.61 -44.21 -2.43
CA GLY B 214 19.62 -44.18 -1.38
C GLY B 214 19.60 -42.93 -0.52
N GLU B 215 20.41 -41.92 -0.85
CA GLU B 215 20.52 -40.73 -0.03
C GLU B 215 20.44 -39.48 -0.90
N LEU B 216 19.68 -38.50 -0.43
CA LEU B 216 19.56 -37.21 -1.09
C LEU B 216 20.59 -36.27 -0.46
N LYS B 217 20.60 -34.99 -0.87
CA LYS B 217 21.49 -33.92 -0.38
C LYS B 217 22.96 -34.29 -0.62
N ARG B 218 23.29 -34.37 -1.91
CA ARG B 218 24.61 -34.77 -2.36
C ARG B 218 25.67 -33.73 -2.01
N GLN B 219 26.90 -34.20 -1.87
CA GLN B 219 28.00 -33.42 -1.33
C GLN B 219 29.05 -33.16 -2.41
N VAL B 220 29.56 -31.93 -2.45
CA VAL B 220 30.61 -31.53 -3.37
C VAL B 220 31.95 -31.62 -2.64
N VAL B 221 32.99 -32.04 -3.35
CA VAL B 221 34.32 -32.26 -2.78
C VAL B 221 35.33 -31.46 -3.58
N ASP B 222 36.13 -30.65 -2.90
CA ASP B 222 37.17 -29.84 -3.53
C ASP B 222 38.45 -29.94 -2.71
N PHE B 223 39.55 -30.31 -3.37
CA PHE B 223 40.89 -30.16 -2.82
C PHE B 223 41.67 -29.15 -3.64
N PHE B 224 42.29 -28.20 -2.95
CA PHE B 224 43.03 -27.10 -3.55
C PHE B 224 43.96 -26.53 -2.50
N LYS B 225 44.71 -25.51 -2.90
CA LYS B 225 45.45 -24.68 -1.96
C LYS B 225 45.33 -23.22 -2.39
N PHE B 226 45.11 -22.32 -1.43
CA PHE B 226 44.99 -20.91 -1.75
C PHE B 226 46.36 -20.33 -2.03
N SER B 227 46.51 -19.64 -3.16
CA SER B 227 47.78 -19.09 -3.58
C SER B 227 47.63 -17.61 -3.89
N PHE B 228 48.76 -16.95 -4.11
CA PHE B 228 48.82 -15.52 -4.45
C PHE B 228 50.03 -15.34 -5.35
N MET B 229 49.84 -15.34 -6.67
CA MET B 229 50.97 -15.05 -7.54
C MET B 229 50.72 -13.76 -8.32
N TYR B 230 51.82 -13.23 -8.84
CA TYR B 230 51.84 -11.90 -9.45
C TYR B 230 51.17 -11.94 -10.82
N ILE B 231 50.50 -10.84 -11.17
CA ILE B 231 49.76 -10.72 -12.42
C ILE B 231 50.53 -9.78 -13.35
N GLU B 232 50.83 -10.26 -14.55
CA GLU B 232 51.53 -9.43 -15.51
C GLU B 232 50.55 -8.58 -16.33
N SER B 233 49.55 -9.21 -16.93
CA SER B 233 48.62 -8.49 -17.79
C SER B 233 47.29 -9.23 -17.86
N ILE B 234 46.27 -8.51 -18.32
CA ILE B 234 44.95 -9.07 -18.57
C ILE B 234 44.70 -9.03 -20.06
N LYS B 235 44.46 -10.20 -20.65
CA LYS B 235 44.23 -10.34 -22.08
C LYS B 235 42.86 -10.97 -22.32
N VAL B 236 42.45 -10.97 -23.59
CA VAL B 236 41.18 -11.55 -23.99
C VAL B 236 41.45 -12.68 -24.98
N ASP B 237 40.54 -13.65 -25.00
CA ASP B 237 40.62 -14.79 -25.91
C ASP B 237 39.28 -14.96 -26.60
N ARG B 238 39.32 -15.10 -27.93
CA ARG B 238 38.09 -15.16 -28.71
C ARG B 238 37.40 -16.51 -28.52
N ILE B 239 36.14 -16.48 -28.13
CA ILE B 239 35.34 -17.66 -27.86
C ILE B 239 34.07 -17.71 -28.70
N GLY B 240 33.94 -16.81 -29.67
CA GLY B 240 32.76 -16.77 -30.50
C GLY B 240 32.99 -15.89 -31.71
N ASP B 241 31.87 -15.52 -32.35
CA ASP B 241 31.97 -14.61 -33.49
C ASP B 241 32.36 -13.21 -33.05
N ASN B 242 31.88 -12.78 -31.89
CA ASN B 242 32.18 -11.45 -31.37
C ASN B 242 32.60 -11.44 -29.90
N ILE B 243 32.29 -12.46 -29.13
CA ILE B 243 32.52 -12.43 -27.70
C ILE B 243 33.92 -12.93 -27.36
N PHE B 244 34.49 -12.36 -26.30
CA PHE B 244 35.80 -12.74 -25.78
C PHE B 244 35.71 -13.02 -24.29
N ILE B 245 36.52 -13.97 -23.83
CA ILE B 245 36.60 -14.32 -22.41
C ILE B 245 37.76 -13.55 -21.80
N PRO B 246 37.66 -13.10 -20.55
CA PRO B 246 38.83 -12.54 -19.87
C PRO B 246 39.73 -13.64 -19.31
N SER B 247 41.04 -13.37 -19.32
CA SER B 247 42.03 -14.32 -18.81
C SER B 247 43.26 -13.51 -18.38
N VAL B 248 43.49 -13.45 -17.07
CA VAL B 248 44.68 -12.77 -16.55
C VAL B 248 45.90 -13.66 -16.74
N ILE B 249 47.05 -13.01 -16.93
CA ILE B 249 48.30 -13.70 -17.25
C ILE B 249 49.31 -13.38 -16.16
N THR B 250 49.97 -14.40 -15.64
CA THR B 250 50.98 -14.24 -14.62
C THR B 250 52.30 -13.76 -15.21
N LYS B 251 53.24 -13.43 -14.32
CA LYS B 251 54.59 -13.11 -14.75
C LYS B 251 55.30 -14.34 -15.30
N SER B 252 55.05 -15.51 -14.70
CA SER B 252 55.65 -16.74 -15.18
C SER B 252 55.07 -17.16 -16.52
N GLY B 253 53.77 -16.93 -16.73
CA GLY B 253 53.14 -17.27 -17.99
C GLY B 253 51.92 -18.15 -17.85
N LYS B 254 51.59 -18.52 -16.61
CA LYS B 254 50.41 -19.33 -16.37
C LYS B 254 49.14 -18.49 -16.57
N LYS B 255 48.13 -19.11 -17.18
CA LYS B 255 46.88 -18.43 -17.49
C LYS B 255 45.84 -18.80 -16.44
N ILE B 256 45.57 -17.88 -15.51
CA ILE B 256 44.50 -18.08 -14.55
C ILE B 256 43.17 -17.79 -15.24
N LEU B 257 42.25 -18.75 -15.17
CA LEU B 257 40.97 -18.61 -15.84
C LEU B 257 40.05 -17.71 -15.03
N VAL B 258 39.32 -16.84 -15.74
CA VAL B 258 38.36 -15.92 -15.14
C VAL B 258 36.96 -16.38 -15.54
N LYS B 259 36.04 -16.38 -14.57
CA LYS B 259 34.69 -16.91 -14.79
C LYS B 259 33.94 -16.08 -15.81
N ASP B 260 33.68 -14.81 -15.49
CA ASP B 260 32.99 -13.89 -16.39
C ASP B 260 33.72 -12.56 -16.41
N VAL B 261 33.15 -11.58 -17.11
CA VAL B 261 33.59 -10.20 -16.94
C VAL B 261 33.16 -9.69 -15.56
N ASP B 262 31.99 -10.14 -15.08
CA ASP B 262 31.54 -9.78 -13.74
C ASP B 262 32.47 -10.33 -12.67
N HIS B 263 33.05 -11.51 -12.89
CA HIS B 263 34.08 -12.04 -12.00
C HIS B 263 35.35 -11.20 -12.08
N LEU B 264 35.67 -10.70 -13.28
CA LEU B 264 36.85 -9.85 -13.45
C LEU B 264 36.70 -8.53 -12.70
N ILE B 265 35.50 -7.94 -12.76
CA ILE B 265 35.22 -6.68 -12.08
C ILE B 265 35.14 -6.90 -10.57
N ARG B 266 34.47 -7.97 -10.13
CA ARG B 266 34.18 -8.20 -8.72
C ARG B 266 35.45 -8.45 -7.92
N SER B 267 36.42 -9.15 -8.50
CA SER B 267 37.71 -9.34 -7.86
C SER B 267 38.55 -8.07 -7.83
N LYS B 268 38.19 -7.06 -8.66
CA LYS B 268 38.87 -5.76 -8.75
C LYS B 268 40.36 -5.90 -9.07
N VAL B 269 40.67 -6.86 -9.93
CA VAL B 269 42.05 -7.11 -10.32
C VAL B 269 42.52 -6.04 -11.30
N ARG B 270 43.73 -5.55 -11.08
CA ARG B 270 44.43 -4.71 -12.04
C ARG B 270 45.78 -5.36 -12.32
N GLU B 271 46.54 -4.74 -13.22
CA GLU B 271 47.86 -5.25 -13.53
C GLU B 271 48.82 -5.01 -12.38
N HIS B 272 49.90 -5.82 -12.37
CA HIS B 272 51.04 -5.69 -11.45
C HIS B 272 50.65 -5.91 -9.99
N THR B 273 49.60 -6.70 -9.73
CA THR B 273 49.12 -6.96 -8.37
C THR B 273 48.88 -8.44 -8.14
N PHE B 274 48.67 -8.79 -6.87
CA PHE B 274 48.43 -10.17 -6.47
C PHE B 274 46.94 -10.48 -6.46
N VAL B 275 46.61 -11.75 -6.68
CA VAL B 275 45.22 -12.20 -6.69
C VAL B 275 45.02 -13.35 -5.72
N LYS B 276 43.78 -13.46 -5.23
CA LYS B 276 43.35 -14.58 -4.40
C LYS B 276 42.89 -15.68 -5.36
N VAL B 277 43.69 -16.72 -5.48
CA VAL B 277 43.53 -17.73 -6.52
C VAL B 277 43.49 -19.10 -5.86
N LYS B 278 42.63 -19.98 -6.36
CA LYS B 278 42.67 -21.38 -5.97
C LYS B 278 43.59 -22.13 -6.92
N LYS B 279 44.36 -23.07 -6.37
CA LYS B 279 45.34 -23.82 -7.15
C LYS B 279 44.87 -25.24 -7.37
N LYS B 280 44.90 -25.69 -8.63
CA LYS B 280 44.58 -27.06 -8.99
C LYS B 280 45.76 -27.68 -9.73
N ASN B 281 45.73 -29.01 -9.82
CA ASN B 281 46.82 -29.74 -10.46
C ASN B 281 46.82 -29.53 -11.97
N THR B 282 45.65 -29.43 -12.59
CA THR B 282 45.57 -29.32 -14.05
C THR B 282 45.71 -27.88 -14.51
N PHE B 283 44.92 -26.97 -13.92
CA PHE B 283 44.81 -25.60 -14.40
C PHE B 283 44.76 -24.67 -13.19
N SER B 284 44.41 -23.41 -13.45
CA SER B 284 44.30 -22.41 -12.39
C SER B 284 42.89 -21.83 -12.38
N ILE B 285 42.32 -21.75 -11.19
CA ILE B 285 41.01 -21.16 -10.92
C ILE B 285 41.14 -19.93 -10.03
N LEU B 286 40.74 -18.78 -10.55
CA LEU B 286 40.63 -17.58 -9.73
C LEU B 286 39.46 -17.73 -8.77
N TYR B 287 39.72 -17.44 -7.49
CA TYR B 287 38.69 -17.56 -6.47
C TYR B 287 37.64 -16.47 -6.65
N ASP B 288 36.41 -16.77 -6.24
CA ASP B 288 35.35 -15.76 -6.24
C ASP B 288 35.33 -14.99 -4.92
N TYR B 289 35.54 -13.68 -5.02
CA TYR B 289 35.64 -12.82 -3.85
C TYR B 289 35.31 -11.41 -4.29
N ASP B 290 35.00 -10.57 -3.31
CA ASP B 290 34.82 -9.14 -3.53
C ASP B 290 36.13 -8.43 -3.20
N GLY B 291 36.66 -7.70 -4.17
CA GLY B 291 37.93 -7.03 -3.97
C GLY B 291 37.85 -5.88 -3.00
N ASN B 292 39.00 -5.55 -2.42
CA ASN B 292 39.10 -4.51 -1.40
C ASN B 292 39.70 -3.22 -1.94
N GLY B 293 39.41 -2.88 -3.19
CA GLY B 293 39.90 -1.63 -3.74
C GLY B 293 39.04 -0.45 -3.31
N THR B 294 39.64 0.74 -3.41
CA THR B 294 38.91 1.97 -3.11
C THR B 294 38.12 2.49 -4.30
N GLU B 295 38.37 1.95 -5.50
CA GLU B 295 37.67 2.41 -6.69
C GLU B 295 36.30 1.74 -6.80
N THR B 296 35.38 2.43 -7.46
CA THR B 296 34.04 1.92 -7.66
C THR B 296 34.02 0.91 -8.81
N ARG B 297 32.82 0.40 -9.12
CA ARG B 297 32.67 -0.55 -10.20
C ARG B 297 32.94 0.09 -11.56
N GLY B 298 32.47 1.33 -11.75
CA GLY B 298 32.67 2.03 -13.01
C GLY B 298 34.13 2.35 -13.28
N GLU B 299 34.87 2.72 -12.23
CA GLU B 299 36.31 2.97 -12.39
C GLU B 299 37.07 1.68 -12.70
N VAL B 300 36.64 0.56 -12.11
CA VAL B 300 37.24 -0.74 -12.43
C VAL B 300 37.00 -1.11 -13.89
N ILE B 301 35.77 -0.90 -14.38
CA ILE B 301 35.45 -1.16 -15.77
C ILE B 301 36.22 -0.22 -16.70
N LYS B 302 36.39 1.04 -16.28
CA LYS B 302 37.18 2.01 -17.05
C LYS B 302 38.63 1.56 -17.19
N ARG B 303 39.23 1.12 -16.09
CA ARG B 303 40.60 0.64 -16.11
C ARG B 303 40.75 -0.63 -16.93
N ILE B 304 39.76 -1.53 -16.84
CA ILE B 304 39.81 -2.79 -17.59
C ILE B 304 39.71 -2.54 -19.09
N ILE B 305 38.79 -1.67 -19.51
CA ILE B 305 38.66 -1.34 -20.92
C ILE B 305 39.88 -0.57 -21.42
N ASP B 306 40.45 0.32 -20.58
CA ASP B 306 41.68 1.00 -20.97
C ASP B 306 42.87 0.06 -21.06
N THR B 307 42.83 -1.07 -20.34
CA THR B 307 43.91 -2.04 -20.42
C THR B 307 43.76 -2.96 -21.64
N ILE B 308 42.60 -3.59 -21.79
CA ILE B 308 42.48 -4.66 -22.79
C ILE B 308 42.24 -4.12 -24.19
N GLY B 309 41.83 -2.86 -24.32
CA GLY B 309 41.56 -2.27 -25.62
C GLY B 309 40.26 -1.48 -25.61
N ARG B 310 40.27 -0.36 -26.32
CA ARG B 310 39.12 0.56 -26.30
C ARG B 310 37.91 0.00 -27.05
N ASP B 311 38.13 -0.84 -28.06
CA ASP B 311 37.02 -1.36 -28.85
C ASP B 311 36.27 -2.51 -28.17
N TYR B 312 36.76 -3.01 -27.03
CA TYR B 312 36.01 -4.00 -26.27
C TYR B 312 35.04 -3.32 -25.32
N TYR B 313 33.88 -3.95 -25.12
CA TYR B 313 32.89 -3.46 -24.17
C TYR B 313 32.31 -4.64 -23.41
N VAL B 314 31.80 -4.35 -22.22
CA VAL B 314 31.20 -5.38 -21.38
C VAL B 314 29.84 -5.77 -21.96
N ASN B 315 29.74 -7.01 -22.44
CA ASN B 315 28.52 -7.53 -23.03
C ASN B 315 28.09 -8.76 -22.24
N GLY B 316 27.37 -8.53 -21.15
CA GLY B 316 26.96 -9.61 -20.27
C GLY B 316 28.12 -10.25 -19.55
N LYS B 317 28.37 -11.53 -19.83
CA LYS B 317 29.48 -12.25 -19.22
C LYS B 317 30.78 -12.12 -20.00
N TYR B 318 30.76 -11.53 -21.20
CA TYR B 318 31.89 -11.57 -22.11
C TYR B 318 32.15 -10.20 -22.69
N PHE B 319 33.39 -9.99 -23.14
CA PHE B 319 33.75 -8.79 -23.89
C PHE B 319 33.41 -8.99 -25.36
N SER B 320 32.67 -8.04 -25.94
CA SER B 320 32.39 -8.05 -27.37
C SER B 320 33.13 -6.90 -28.03
N LYS B 321 33.48 -7.09 -29.30
CA LYS B 321 34.34 -6.17 -30.03
C LYS B 321 33.53 -5.26 -30.94
N VAL B 322 34.22 -4.27 -31.50
CA VAL B 322 33.69 -3.34 -32.48
C VAL B 322 34.36 -3.59 -33.82
N GLY B 323 33.54 -3.79 -34.85
CA GLY B 323 34.04 -3.93 -36.20
C GLY B 323 33.02 -3.44 -37.21
N ILE B 324 33.28 -3.64 -38.50
CA ILE B 324 32.33 -3.24 -39.53
C ILE B 324 31.18 -4.24 -39.55
N ALA B 325 29.96 -3.73 -39.43
CA ALA B 325 28.76 -4.55 -39.37
C ALA B 325 28.01 -4.39 -40.69
N GLY B 326 28.24 -5.33 -41.60
CA GLY B 326 27.59 -5.37 -42.88
C GLY B 326 26.57 -6.49 -42.97
N LEU B 327 26.34 -6.97 -44.19
CA LEU B 327 25.32 -7.99 -44.41
C LEU B 327 25.73 -9.34 -43.85
N LYS B 328 27.04 -9.62 -43.77
CA LYS B 328 27.51 -10.91 -43.31
C LYS B 328 27.24 -11.13 -41.82
N GLN B 329 27.33 -10.07 -41.01
CA GLN B 329 26.99 -10.18 -39.59
C GLN B 329 25.48 -10.38 -39.40
N LEU B 330 24.66 -9.77 -40.26
CA LEU B 330 23.22 -9.97 -40.21
C LEU B 330 22.85 -11.41 -40.60
N THR B 331 23.54 -11.97 -41.60
CA THR B 331 23.28 -13.36 -41.97
C THR B 331 23.83 -14.33 -40.92
N ASN B 332 24.91 -13.96 -40.23
CA ASN B 332 25.42 -14.79 -39.14
C ASN B 332 24.47 -14.78 -37.96
N LYS B 333 23.86 -13.62 -37.66
CA LYS B 333 22.85 -13.56 -36.61
C LYS B 333 21.59 -14.32 -37.00
N LEU B 334 21.17 -14.22 -38.26
CA LEU B 334 19.99 -14.91 -38.74
C LEU B 334 20.23 -16.40 -39.02
N ASP B 335 21.49 -16.84 -38.94
CA ASP B 335 21.90 -18.25 -39.10
C ASP B 335 21.50 -18.80 -40.47
N ILE B 336 21.67 -17.99 -41.51
CA ILE B 336 21.34 -18.40 -42.87
C ILE B 336 22.59 -18.26 -43.73
N ASN B 337 22.45 -18.54 -45.03
CA ASN B 337 23.55 -18.38 -45.96
C ASN B 337 23.91 -16.90 -46.11
N GLU B 338 25.20 -16.64 -46.36
CA GLU B 338 25.68 -15.27 -46.49
C GLU B 338 25.18 -14.64 -47.78
N CYS B 339 24.70 -13.40 -47.67
CA CYS B 339 24.16 -12.67 -48.80
C CYS B 339 24.90 -11.36 -48.95
N ALA B 340 25.06 -10.94 -50.21
CA ALA B 340 25.78 -9.71 -50.52
C ALA B 340 24.85 -8.52 -50.75
N THR B 341 23.63 -8.76 -51.21
CA THR B 341 22.66 -7.70 -51.47
C THR B 341 21.44 -7.88 -50.59
N VAL B 342 20.61 -6.83 -50.57
CA VAL B 342 19.35 -6.89 -49.84
C VAL B 342 18.36 -7.82 -50.55
N ASP B 343 18.44 -7.88 -51.88
CA ASP B 343 17.53 -8.71 -52.68
C ASP B 343 17.76 -10.19 -52.40
N GLU B 344 19.02 -10.62 -52.40
CA GLU B 344 19.35 -12.01 -52.08
C GLU B 344 19.03 -12.33 -50.62
N LEU B 345 19.17 -11.33 -49.74
CA LEU B 345 18.82 -11.52 -48.32
C LEU B 345 17.33 -11.77 -48.14
N VAL B 346 16.48 -10.95 -48.78
CA VAL B 346 15.06 -11.14 -48.59
C VAL B 346 14.56 -12.38 -49.34
N ASP B 347 15.24 -12.76 -50.43
CA ASP B 347 14.92 -14.05 -51.06
C ASP B 347 15.31 -15.22 -50.17
N GLU B 348 16.44 -15.12 -49.47
CA GLU B 348 16.87 -16.20 -48.58
C GLU B 348 15.95 -16.32 -47.38
N ILE B 349 15.48 -15.19 -46.84
CA ILE B 349 14.51 -15.25 -45.76
C ILE B 349 13.14 -15.72 -46.28
N ASN B 350 12.84 -15.45 -47.56
CA ASN B 350 11.65 -16.02 -48.17
C ASN B 350 11.75 -17.53 -48.31
N LYS B 351 12.97 -18.06 -48.46
CA LYS B 351 13.14 -19.51 -48.52
C LYS B 351 12.89 -20.17 -47.16
N SER B 352 13.37 -19.55 -46.08
CA SER B 352 13.32 -20.13 -44.75
C SER B 352 12.16 -19.54 -43.95
N GLY B 353 11.13 -20.37 -43.71
CA GLY B 353 9.95 -19.88 -43.01
C GLY B 353 10.17 -19.66 -41.52
N THR B 354 11.09 -20.42 -40.92
CA THR B 354 11.36 -20.29 -39.49
C THR B 354 12.07 -18.96 -39.19
N VAL B 355 13.02 -18.59 -40.06
CA VAL B 355 13.71 -17.31 -39.92
C VAL B 355 12.74 -16.15 -40.16
N LYS B 356 11.82 -16.34 -41.12
CA LYS B 356 10.80 -15.33 -41.40
C LYS B 356 9.87 -15.14 -40.21
N ARG B 357 9.46 -16.24 -39.57
CA ARG B 357 8.63 -16.16 -38.36
C ARG B 357 9.39 -15.52 -37.20
N LYS B 358 10.70 -15.79 -37.11
CA LYS B 358 11.53 -15.15 -36.09
C LYS B 358 11.61 -13.64 -36.32
N ILE B 359 11.70 -13.22 -37.58
CA ILE B 359 11.71 -11.80 -37.92
C ILE B 359 10.35 -11.16 -37.60
N LYS B 360 9.26 -11.90 -37.78
CA LYS B 360 7.94 -11.43 -37.31
C LYS B 360 7.90 -11.26 -35.78
N ASN B 361 8.47 -12.20 -35.04
CA ASN B 361 8.23 -12.23 -33.59
C ASN B 361 8.97 -11.12 -32.86
N GLN B 362 10.18 -10.76 -33.30
CA GLN B 362 10.96 -9.74 -32.63
C GLN B 362 11.22 -8.56 -33.55
N SER B 363 11.25 -7.36 -32.97
CA SER B 363 11.19 -6.11 -33.71
C SER B 363 12.51 -5.78 -34.41
N VAL B 364 12.49 -4.66 -35.12
CA VAL B 364 13.65 -4.20 -35.88
C VAL B 364 14.78 -3.81 -34.93
N PHE B 365 14.45 -3.13 -33.83
CA PHE B 365 15.45 -2.69 -32.86
C PHE B 365 16.10 -3.89 -32.17
N ASP B 366 15.31 -4.92 -31.84
CA ASP B 366 15.87 -6.11 -31.21
C ASP B 366 16.74 -6.91 -32.17
N LEU B 367 16.31 -7.00 -33.44
CA LEU B 367 17.13 -7.66 -34.47
C LEU B 367 18.44 -6.92 -34.69
N SER B 368 18.40 -5.60 -34.74
CA SER B 368 19.61 -4.83 -34.98
C SER B 368 20.52 -4.81 -33.74
N ARG B 369 19.94 -4.90 -32.55
CA ARG B 369 20.78 -4.97 -31.35
C ARG B 369 21.42 -6.34 -31.20
N GLU B 370 20.68 -7.41 -31.48
CA GLU B 370 21.23 -8.75 -31.37
C GLU B 370 22.18 -9.09 -32.52
N CYS B 371 22.02 -8.43 -33.67
CA CYS B 371 23.01 -8.58 -34.75
C CYS B 371 24.34 -7.96 -34.36
N LEU B 372 24.31 -6.79 -33.71
CA LEU B 372 25.53 -6.14 -33.27
C LEU B 372 26.09 -6.76 -31.99
N GLY B 373 25.30 -7.58 -31.30
CA GLY B 373 25.74 -8.14 -30.03
C GLY B 373 25.88 -7.12 -28.92
N TYR B 374 24.99 -6.14 -28.87
CA TYR B 374 25.00 -5.18 -27.78
C TYR B 374 24.30 -5.76 -26.55
N PRO B 375 24.69 -5.34 -25.35
CA PRO B 375 23.86 -5.63 -24.18
C PRO B 375 22.54 -4.88 -24.26
N GLU B 376 21.52 -5.41 -23.58
CA GLU B 376 20.20 -4.79 -23.65
C GLU B 376 20.17 -3.49 -22.85
N ALA B 377 20.52 -3.56 -21.57
CA ALA B 377 20.34 -2.42 -20.68
C ALA B 377 21.27 -1.26 -21.01
N ASP B 378 22.52 -1.57 -21.39
CA ASP B 378 23.48 -0.52 -21.74
C ASP B 378 23.09 0.19 -23.03
N PHE B 379 22.59 -0.57 -24.01
CA PHE B 379 22.15 0.05 -25.25
C PHE B 379 20.87 0.85 -25.07
N ILE B 380 19.96 0.38 -24.22
CA ILE B 380 18.76 1.15 -23.90
C ILE B 380 19.13 2.44 -23.19
N THR B 381 20.11 2.38 -22.28
CA THR B 381 20.62 3.57 -21.61
C THR B 381 21.28 4.54 -22.59
N LEU B 382 21.99 4.01 -23.59
CA LEU B 382 22.61 4.87 -24.60
C LEU B 382 21.57 5.56 -25.47
N VAL B 383 20.63 4.79 -26.01
CA VAL B 383 19.63 5.32 -26.94
C VAL B 383 18.67 6.26 -26.22
N ASN B 384 18.41 6.02 -24.94
CA ASN B 384 17.57 6.90 -24.14
C ASN B 384 18.23 8.24 -23.83
N ASN B 385 19.50 8.43 -24.16
CA ASN B 385 20.17 9.72 -24.00
C ASN B 385 20.67 10.28 -25.33
N MET B 386 20.10 9.85 -26.45
CA MET B 386 20.45 10.36 -27.77
C MET B 386 19.24 11.02 -28.40
N ARG B 387 19.46 11.54 -29.61
CA ARG B 387 18.40 12.14 -30.40
C ARG B 387 18.49 11.62 -31.83
N PHE B 388 17.35 11.52 -32.49
CA PHE B 388 17.27 10.88 -33.79
C PHE B 388 16.48 11.73 -34.76
N LYS B 389 16.90 11.67 -36.03
CA LYS B 389 16.12 12.18 -37.14
C LYS B 389 15.70 10.98 -37.98
N ILE B 390 14.39 10.84 -38.19
CA ILE B 390 13.82 9.64 -38.79
C ILE B 390 13.14 10.02 -40.09
N GLU B 391 13.51 9.33 -41.17
CA GLU B 391 12.85 9.45 -42.46
C GLU B 391 12.58 8.04 -42.97
N ASN B 392 11.29 7.66 -43.01
CA ASN B 392 10.82 6.34 -43.41
C ASN B 392 11.45 5.22 -42.57
N CYS B 393 11.39 5.41 -41.24
CA CYS B 393 11.91 4.48 -40.22
C CYS B 393 13.42 4.23 -40.37
N LYS B 394 14.15 5.23 -40.85
CA LYS B 394 15.59 5.14 -41.03
C LYS B 394 16.26 6.29 -40.29
N VAL B 395 17.45 6.03 -39.75
CA VAL B 395 18.19 7.05 -39.01
C VAL B 395 19.03 7.82 -40.03
N VAL B 396 18.57 9.01 -40.39
CA VAL B 396 19.35 9.84 -41.30
C VAL B 396 20.31 10.74 -40.54
N ASN B 397 20.09 10.95 -39.25
CA ASN B 397 20.98 11.77 -38.43
C ASN B 397 20.79 11.36 -36.97
N PHE B 398 21.89 11.16 -36.26
CA PHE B 398 21.84 10.88 -34.84
C PHE B 398 22.80 11.79 -34.10
N ASN B 399 22.41 12.21 -32.91
CA ASN B 399 23.24 13.02 -32.04
C ASN B 399 22.87 12.70 -30.60
N ILE B 400 23.88 12.72 -29.73
CA ILE B 400 23.68 12.38 -28.33
C ILE B 400 23.25 13.63 -27.58
N GLU B 401 22.24 13.47 -26.73
CA GLU B 401 21.70 14.60 -25.96
C GLU B 401 22.39 14.74 -24.62
N ASN B 402 22.43 13.66 -23.84
CA ASN B 402 23.09 13.65 -22.54
C ASN B 402 24.37 12.84 -22.65
N THR B 403 25.50 13.48 -22.35
CA THR B 403 26.80 12.84 -22.41
C THR B 403 27.24 12.25 -21.08
N ASN B 404 26.37 12.27 -20.08
CA ASN B 404 26.70 11.67 -18.79
C ASN B 404 26.76 10.15 -18.86
N CYS B 405 26.03 9.54 -19.80
CA CYS B 405 26.10 8.09 -20.00
C CYS B 405 27.37 7.67 -20.71
N LEU B 406 28.09 8.61 -21.34
CA LEU B 406 29.34 8.31 -22.02
C LEU B 406 30.50 8.04 -21.07
N ASN B 407 30.33 8.30 -19.76
CA ASN B 407 31.33 7.91 -18.79
C ASN B 407 31.42 6.40 -18.65
N ASN B 408 30.35 5.69 -18.91
CA ASN B 408 30.41 4.23 -19.01
C ASN B 408 31.18 3.85 -20.27
N PRO B 409 32.26 3.07 -20.16
CA PRO B 409 33.04 2.72 -21.36
C PRO B 409 32.29 1.84 -22.34
N SER B 410 31.38 0.99 -21.85
CA SER B 410 30.57 0.17 -22.75
C SER B 410 29.64 1.03 -23.58
N ILE B 411 29.01 2.03 -22.96
CA ILE B 411 28.09 2.92 -23.66
C ILE B 411 28.85 3.78 -24.66
N GLU B 412 30.05 4.25 -24.28
CA GLU B 412 30.87 5.04 -25.20
C GLU B 412 31.36 4.21 -26.38
N THR B 413 31.72 2.95 -26.14
CA THR B 413 32.16 2.07 -27.22
C THR B 413 31.02 1.74 -28.18
N ILE B 414 29.82 1.50 -27.64
CA ILE B 414 28.65 1.26 -28.50
C ILE B 414 28.25 2.54 -29.24
N TYR B 415 28.44 3.71 -28.62
CA TYR B 415 28.23 4.98 -29.33
C TYR B 415 29.23 5.17 -30.45
N GLY B 416 30.45 4.65 -30.29
CA GLY B 416 31.39 4.61 -31.40
C GLY B 416 30.93 3.69 -32.52
N ASN B 417 30.35 2.55 -32.17
CA ASN B 417 29.84 1.58 -33.15
C ASN B 417 28.42 1.90 -33.62
N PHE B 418 27.86 3.03 -33.20
CA PHE B 418 26.48 3.36 -33.52
C PHE B 418 26.26 3.64 -35.00
N ASN B 419 27.29 4.05 -35.74
CA ASN B 419 27.14 4.19 -37.20
C ASN B 419 26.86 2.84 -37.87
N GLN B 420 27.58 1.80 -37.43
CA GLN B 420 27.29 0.45 -37.92
C GLN B 420 25.95 -0.05 -37.42
N PHE B 421 25.54 0.38 -36.22
CA PHE B 421 24.19 0.06 -35.75
C PHE B 421 23.12 0.70 -36.64
N VAL B 422 23.36 1.95 -37.07
CA VAL B 422 22.45 2.65 -37.98
C VAL B 422 22.38 1.92 -39.32
N SER B 423 23.53 1.47 -39.84
CA SER B 423 23.55 0.73 -41.10
C SER B 423 22.76 -0.58 -41.00
N ILE B 424 22.96 -1.32 -39.92
CA ILE B 424 22.24 -2.58 -39.72
C ILE B 424 20.76 -2.33 -39.48
N PHE B 425 20.43 -1.27 -38.74
CA PHE B 425 19.04 -0.92 -38.45
C PHE B 425 18.28 -0.55 -39.72
N ASN B 426 18.90 0.26 -40.59
CA ASN B 426 18.27 0.61 -41.86
C ASN B 426 18.15 -0.60 -42.78
N THR B 427 19.14 -1.49 -42.75
CA THR B 427 19.07 -2.71 -43.55
C THR B 427 17.92 -3.61 -43.10
N VAL B 428 17.78 -3.82 -41.79
CA VAL B 428 16.70 -4.65 -41.25
C VAL B 428 15.35 -3.98 -41.49
N THR B 429 15.29 -2.65 -41.44
CA THR B 429 14.06 -1.91 -41.75
C THR B 429 13.65 -2.12 -43.21
N ASP B 430 14.63 -2.09 -44.13
CA ASP B 430 14.35 -2.36 -45.54
C ASP B 430 13.89 -3.80 -45.76
N VAL B 431 14.48 -4.75 -45.01
CA VAL B 431 14.06 -6.14 -45.09
C VAL B 431 12.63 -6.32 -44.62
N LYS B 432 12.25 -5.63 -43.53
CA LYS B 432 10.88 -5.67 -43.04
C LYS B 432 9.89 -5.03 -44.02
N LYS B 433 10.29 -3.94 -44.67
CA LYS B 433 9.40 -3.30 -45.63
C LYS B 433 9.23 -4.16 -46.88
N ARG B 434 10.30 -4.81 -47.32
CA ARG B 434 10.22 -5.57 -48.56
C ARG B 434 9.51 -6.92 -48.36
N LEU B 435 9.73 -7.55 -47.21
CA LEU B 435 9.18 -8.89 -47.02
C LEU B 435 7.68 -8.87 -46.71
N PHE B 436 7.25 -7.95 -45.86
CA PHE B 436 5.90 -8.02 -45.29
C PHE B 436 5.02 -6.84 -45.69
N GLU B 437 5.57 -5.85 -46.37
CA GLU B 437 4.76 -4.75 -46.88
C GLU B 437 4.88 -4.66 -48.40
N MET C 1 -8.08 -28.53 33.19
CA MET C 1 -9.48 -28.91 33.04
C MET C 1 -10.29 -28.22 34.13
N ASN C 2 -10.45 -26.90 34.00
CA ASN C 2 -11.12 -26.12 35.02
C ASN C 2 -12.64 -26.18 34.83
N SER C 3 -13.36 -25.64 35.81
CA SER C 3 -14.81 -25.57 35.77
C SER C 3 -15.28 -24.31 36.49
N VAL C 4 -16.36 -23.73 36.00
CA VAL C 4 -17.01 -22.58 36.61
C VAL C 4 -18.47 -22.91 36.88
N THR C 5 -19.13 -22.02 37.60
CA THR C 5 -20.54 -22.18 37.96
C THR C 5 -21.35 -21.06 37.28
N ILE C 6 -22.47 -21.44 36.67
CA ILE C 6 -23.39 -20.49 36.08
C ILE C 6 -24.76 -20.68 36.73
N SER C 7 -25.59 -19.65 36.62
CA SER C 7 -26.82 -19.58 37.39
C SER C 7 -28.00 -20.30 36.72
N HIS C 8 -27.84 -20.78 35.50
CA HIS C 8 -28.94 -21.38 34.77
C HIS C 8 -28.62 -22.83 34.39
N ALA C 9 -29.55 -23.48 33.68
CA ALA C 9 -29.74 -24.93 33.56
C ALA C 9 -28.55 -25.84 33.25
N PRO C 10 -27.47 -25.40 32.58
CA PRO C 10 -26.25 -26.24 32.64
C PRO C 10 -25.67 -26.35 34.03
N TYR C 11 -25.64 -25.24 34.78
CA TYR C 11 -25.23 -25.06 36.18
C TYR C 11 -23.73 -25.19 36.40
N THR C 12 -23.00 -25.61 35.37
CA THR C 12 -21.54 -25.71 35.38
C THR C 12 -21.07 -25.80 33.94
N ILE C 13 -19.86 -25.30 33.70
CA ILE C 13 -19.21 -25.42 32.41
C ILE C 13 -17.82 -25.99 32.65
N THR C 14 -17.64 -27.24 32.23
CA THR C 14 -16.33 -27.87 32.28
C THR C 14 -15.56 -27.52 31.02
N TYR C 15 -14.39 -26.92 31.17
CA TYR C 15 -13.66 -26.38 30.03
C TYR C 15 -12.17 -26.70 30.17
N HIS C 16 -11.51 -26.79 29.03
CA HIS C 16 -10.07 -26.96 28.99
C HIS C 16 -9.37 -25.66 29.37
N ASP C 17 -8.09 -25.79 29.73
CA ASP C 17 -7.30 -24.63 30.15
C ASP C 17 -7.02 -23.66 29.00
N ASP C 18 -7.16 -24.11 27.76
CA ASP C 18 -6.97 -23.22 26.62
C ASP C 18 -8.14 -22.27 26.43
N TRP C 19 -9.28 -22.54 27.06
CA TRP C 19 -10.47 -21.71 26.97
C TRP C 19 -10.50 -20.64 28.05
N GLU C 20 -9.49 -20.57 28.91
CA GLU C 20 -9.41 -19.61 30.01
C GLU C 20 -9.56 -18.13 29.65
N PRO C 21 -8.97 -17.56 28.58
CA PRO C 21 -9.12 -16.11 28.37
C PRO C 21 -10.52 -15.64 27.99
N VAL C 22 -11.46 -16.54 27.70
CA VAL C 22 -12.79 -16.15 27.26
C VAL C 22 -13.89 -16.71 28.15
N MET C 23 -13.57 -17.25 29.33
CA MET C 23 -14.61 -17.94 30.09
C MET C 23 -15.48 -16.99 30.90
N SER C 24 -14.88 -16.00 31.57
CA SER C 24 -15.66 -15.09 32.42
C SER C 24 -16.61 -14.24 31.59
N GLN C 25 -16.16 -13.82 30.40
CA GLN C 25 -17.04 -13.14 29.46
C GLN C 25 -18.13 -14.07 28.96
N LEU C 26 -17.81 -15.34 28.72
CA LEU C 26 -18.83 -16.33 28.37
C LEU C 26 -19.79 -16.57 29.53
N VAL C 27 -19.29 -16.55 30.77
CA VAL C 27 -20.17 -16.69 31.94
C VAL C 27 -21.16 -15.54 32.03
N GLU C 28 -20.70 -14.30 31.84
CA GLU C 28 -21.62 -13.18 31.95
C GLU C 28 -22.59 -13.10 30.76
N PHE C 29 -22.12 -13.46 29.55
CA PHE C 29 -23.00 -13.49 28.40
C PHE C 29 -24.06 -14.59 28.52
N TYR C 30 -23.66 -15.79 28.96
CA TYR C 30 -24.63 -16.85 29.13
C TYR C 30 -25.55 -16.59 30.31
N ASN C 31 -25.08 -15.92 31.36
CA ASN C 31 -25.97 -15.56 32.46
C ASN C 31 -26.97 -14.50 32.05
N GLU C 32 -26.62 -13.62 31.11
CA GLU C 32 -27.60 -12.66 30.67
C GLU C 32 -28.56 -13.21 29.61
N VAL C 33 -28.16 -14.24 28.83
CA VAL C 33 -29.07 -14.74 27.80
C VAL C 33 -29.75 -16.06 28.14
N ALA C 34 -29.34 -16.75 29.20
CA ALA C 34 -29.75 -18.14 29.41
C ALA C 34 -31.17 -18.26 29.93
N SER C 35 -31.62 -17.31 30.75
CA SER C 35 -32.99 -17.36 31.26
C SER C 35 -34.02 -17.19 30.15
N TRP C 36 -33.63 -16.55 29.05
CA TRP C 36 -34.50 -16.48 27.88
C TRP C 36 -34.24 -17.64 26.93
N LEU C 37 -33.01 -18.17 26.93
CA LEU C 37 -32.64 -19.28 26.06
C LEU C 37 -33.37 -20.55 26.45
N LEU C 38 -33.43 -20.86 27.73
CA LEU C 38 -33.79 -22.19 28.19
C LEU C 38 -35.29 -22.38 28.37
N ARG C 39 -36.09 -21.36 28.05
CA ARG C 39 -37.53 -21.58 27.95
C ARG C 39 -37.87 -22.50 26.78
N ASP C 40 -37.18 -22.34 25.66
CA ASP C 40 -37.38 -23.20 24.51
C ASP C 40 -36.69 -24.54 24.73
N GLU C 41 -37.30 -25.61 24.22
CA GLU C 41 -36.68 -26.92 24.26
C GLU C 41 -35.55 -26.98 23.24
N THR C 42 -34.32 -26.85 23.70
CA THR C 42 -33.16 -26.71 22.84
C THR C 42 -32.78 -28.04 22.20
N SER C 43 -32.13 -27.96 21.04
CA SER C 43 -31.88 -29.14 20.24
C SER C 43 -30.78 -30.05 20.81
N PRO C 44 -29.70 -29.53 21.41
CA PRO C 44 -29.04 -30.33 22.44
C PRO C 44 -29.64 -30.00 23.80
N ILE C 45 -29.50 -30.92 24.74
CA ILE C 45 -29.99 -30.67 26.09
C ILE C 45 -29.03 -29.66 26.71
N PRO C 46 -29.46 -28.85 27.68
CA PRO C 46 -28.56 -27.81 28.22
C PRO C 46 -27.31 -28.33 28.90
N ASP C 47 -27.29 -29.60 29.32
CA ASP C 47 -26.11 -30.16 29.97
C ASP C 47 -24.97 -30.38 28.99
N LYS C 48 -25.24 -30.37 27.69
CA LYS C 48 -24.22 -30.60 26.68
C LYS C 48 -24.08 -29.44 25.70
N PHE C 49 -24.34 -28.21 26.16
CA PHE C 49 -24.09 -27.04 25.32
C PHE C 49 -22.60 -26.82 25.09
N PHE C 50 -21.79 -27.10 26.10
CA PHE C 50 -20.38 -26.73 26.12
C PHE C 50 -19.46 -27.95 26.16
N ILE C 51 -19.77 -28.96 25.35
CA ILE C 51 -18.92 -30.15 25.27
C ILE C 51 -17.58 -29.82 24.62
N GLN C 52 -17.61 -28.98 23.59
CA GLN C 52 -16.40 -28.65 22.84
C GLN C 52 -15.43 -27.78 23.62
N LEU C 53 -15.85 -27.21 24.74
CA LEU C 53 -14.93 -26.50 25.62
C LEU C 53 -14.06 -27.47 26.41
N LYS C 54 -14.48 -28.72 26.57
CA LYS C 54 -13.60 -29.73 27.15
C LYS C 54 -12.44 -30.07 26.24
N GLN C 55 -12.58 -29.86 24.94
CA GLN C 55 -11.51 -30.17 24.01
C GLN C 55 -10.39 -29.14 24.11
N PRO C 56 -9.13 -29.55 24.00
CA PRO C 56 -8.04 -28.58 23.97
C PRO C 56 -8.01 -27.82 22.65
N LEU C 57 -7.30 -26.69 22.66
CA LEU C 57 -7.20 -25.84 21.49
C LEU C 57 -5.79 -25.69 20.94
N ARG C 58 -4.76 -26.06 21.69
CA ARG C 58 -3.39 -25.95 21.18
C ARG C 58 -3.10 -27.02 20.12
N ASN C 59 -3.64 -28.23 20.31
CA ASN C 59 -3.44 -29.29 19.33
C ASN C 59 -4.31 -29.11 18.09
N LYS C 60 -5.34 -28.28 18.15
CA LYS C 60 -6.21 -28.05 17.01
C LYS C 60 -5.58 -27.04 16.07
N ARG C 61 -5.53 -27.40 14.79
CA ARG C 61 -5.13 -26.47 13.74
C ARG C 61 -6.23 -26.18 12.75
N VAL C 62 -7.31 -26.96 12.74
CA VAL C 62 -8.42 -26.78 11.81
C VAL C 62 -9.71 -26.70 12.61
N CYS C 63 -10.49 -25.65 12.36
CA CYS C 63 -11.83 -25.53 12.92
C CYS C 63 -12.85 -25.82 11.81
N VAL C 64 -13.66 -26.83 12.02
CA VAL C 64 -14.76 -27.16 11.12
C VAL C 64 -16.03 -26.58 11.74
N CYS C 65 -16.57 -25.52 11.13
CA CYS C 65 -17.58 -24.68 11.75
C CYS C 65 -18.92 -24.85 11.04
N GLY C 66 -19.94 -25.24 11.80
CA GLY C 66 -21.31 -25.16 11.35
C GLY C 66 -22.00 -24.02 12.04
N ILE C 67 -23.17 -23.60 11.56
CA ILE C 67 -23.79 -22.41 12.14
C ILE C 67 -24.55 -22.75 13.41
N ASP C 68 -25.02 -23.99 13.55
CA ASP C 68 -25.86 -24.39 14.68
C ASP C 68 -25.79 -25.90 14.79
N PRO C 69 -26.30 -26.48 15.91
CA PRO C 69 -26.52 -27.93 15.92
C PRO C 69 -27.61 -28.37 14.96
N TYR C 70 -27.78 -29.68 14.85
CA TYR C 70 -28.89 -30.22 14.08
C TYR C 70 -30.20 -29.83 14.76
N PRO C 71 -31.26 -29.54 13.98
CA PRO C 71 -32.53 -29.10 14.60
C PRO C 71 -33.15 -30.12 15.53
N LYS C 72 -32.97 -31.41 15.27
CA LYS C 72 -33.31 -32.46 16.20
C LYS C 72 -32.08 -33.30 16.49
N ASP C 73 -32.09 -33.93 17.66
CA ASP C 73 -31.12 -34.98 18.06
C ASP C 73 -29.68 -34.47 18.09
N GLY C 74 -29.50 -33.19 18.41
CA GLY C 74 -28.15 -32.66 18.57
C GLY C 74 -27.50 -33.21 19.82
N THR C 75 -26.28 -33.72 19.69
CA THR C 75 -25.60 -34.42 20.76
C THR C 75 -24.58 -33.55 21.48
N GLY C 76 -24.54 -32.25 21.18
CA GLY C 76 -23.57 -31.36 21.77
C GLY C 76 -22.26 -31.28 21.03
N VAL C 77 -21.83 -32.36 20.41
CA VAL C 77 -20.67 -32.36 19.52
C VAL C 77 -21.16 -32.04 18.12
N PRO C 78 -20.59 -31.03 17.45
CA PRO C 78 -21.05 -30.67 16.11
C PRO C 78 -20.71 -31.74 15.09
N PHE C 79 -21.65 -31.96 14.16
CA PHE C 79 -21.58 -32.99 13.13
C PHE C 79 -21.34 -34.37 13.73
N GLU C 80 -22.06 -34.68 14.81
CA GLU C 80 -22.00 -35.99 15.44
C GLU C 80 -23.39 -36.59 15.44
N SER C 81 -23.51 -37.80 14.93
CA SER C 81 -24.77 -38.52 14.91
C SER C 81 -24.52 -40.00 15.21
N PRO C 82 -24.87 -40.47 16.42
CA PRO C 82 -24.74 -41.91 16.71
C PRO C 82 -25.59 -42.80 15.84
N ASN C 83 -26.77 -42.32 15.43
CA ASN C 83 -27.59 -43.06 14.46
C ASN C 83 -27.09 -42.89 13.03
N PHE C 84 -26.25 -41.87 12.79
CA PHE C 84 -25.73 -41.50 11.47
C PHE C 84 -26.87 -41.26 10.47
N THR C 85 -27.92 -40.59 10.92
CA THR C 85 -29.05 -40.25 10.08
C THR C 85 -29.05 -38.79 9.64
N LYS C 86 -28.11 -37.99 10.11
CA LYS C 86 -28.07 -36.57 9.75
C LYS C 86 -27.49 -36.41 8.36
N LYS C 87 -28.14 -35.54 7.57
CA LYS C 87 -27.74 -35.33 6.17
C LYS C 87 -26.37 -34.69 6.07
N SER C 88 -26.07 -33.74 6.97
CA SER C 88 -24.83 -32.98 6.89
C SER C 88 -23.61 -33.86 7.13
N ILE C 89 -23.67 -34.70 8.17
CA ILE C 89 -22.54 -35.60 8.43
C ILE C 89 -22.48 -36.70 7.39
N LYS C 90 -23.61 -37.03 6.75
CA LYS C 90 -23.61 -38.00 5.65
C LYS C 90 -22.88 -37.45 4.43
N GLU C 91 -23.14 -36.20 4.06
CA GLU C 91 -22.41 -35.62 2.93
C GLU C 91 -20.95 -35.32 3.28
N ILE C 92 -20.66 -35.02 4.56
CA ILE C 92 -19.28 -34.89 5.00
C ILE C 92 -18.54 -36.21 4.85
N ALA C 93 -19.18 -37.31 5.27
CA ALA C 93 -18.59 -38.63 5.13
C ALA C 93 -18.44 -39.03 3.67
N SER C 94 -19.39 -38.62 2.83
CA SER C 94 -19.30 -38.88 1.40
C SER C 94 -18.12 -38.14 0.77
N SER C 95 -17.92 -36.88 1.16
CA SER C 95 -16.79 -36.12 0.64
C SER C 95 -15.45 -36.68 1.12
N ILE C 96 -15.38 -37.10 2.39
CA ILE C 96 -14.15 -37.68 2.90
C ILE C 96 -13.90 -39.05 2.27
N SER C 97 -14.96 -39.82 1.98
CA SER C 97 -14.80 -41.11 1.31
C SER C 97 -14.35 -40.92 -0.14
N ARG C 98 -14.82 -39.86 -0.80
CA ARG C 98 -14.32 -39.55 -2.13
C ARG C 98 -12.87 -39.08 -2.09
N LEU C 99 -12.49 -38.39 -1.01
CA LEU C 99 -11.10 -37.97 -0.83
C LEU C 99 -10.16 -39.16 -0.62
N THR C 100 -10.51 -40.05 0.32
CA THR C 100 -9.57 -41.04 0.82
C THR C 100 -9.80 -42.44 0.26
N GLY C 101 -10.95 -42.70 -0.35
CA GLY C 101 -11.26 -44.03 -0.83
C GLY C 101 -11.82 -44.97 0.19
N VAL C 102 -11.97 -44.53 1.44
CA VAL C 102 -12.51 -45.37 2.52
C VAL C 102 -14.03 -45.37 2.35
N ILE C 103 -14.56 -46.40 1.69
CA ILE C 103 -16.00 -46.50 1.45
C ILE C 103 -16.69 -47.46 2.40
N ASP C 104 -15.94 -48.25 3.17
CA ASP C 104 -16.51 -49.22 4.09
C ASP C 104 -16.50 -48.62 5.49
N TYR C 105 -17.52 -47.81 5.78
CA TYR C 105 -17.65 -47.16 7.07
C TYR C 105 -19.09 -47.21 7.54
N LYS C 106 -19.26 -47.19 8.88
CA LYS C 106 -20.58 -47.14 9.49
C LYS C 106 -21.02 -45.70 9.75
N GLY C 107 -20.08 -44.83 10.12
CA GLY C 107 -20.40 -43.44 10.38
C GLY C 107 -19.16 -42.59 10.34
N TYR C 108 -19.34 -41.31 10.63
CA TYR C 108 -18.25 -40.33 10.62
C TYR C 108 -18.34 -39.46 11.85
N ASN C 109 -17.19 -38.95 12.29
CA ASN C 109 -17.13 -38.08 13.46
C ASN C 109 -15.96 -37.13 13.29
N LEU C 110 -16.26 -35.84 13.16
CA LEU C 110 -15.21 -34.83 13.06
C LEU C 110 -14.52 -34.55 14.40
N ASN C 111 -15.05 -35.07 15.50
CA ASN C 111 -14.45 -34.86 16.81
C ASN C 111 -13.22 -35.74 17.03
N ILE C 112 -13.22 -36.96 16.47
CA ILE C 112 -12.14 -37.90 16.74
C ILE C 112 -10.95 -37.72 15.80
N ILE C 113 -10.92 -36.64 15.02
CA ILE C 113 -9.77 -36.35 14.18
C ILE C 113 -8.80 -35.47 14.95
N ASP C 114 -7.52 -35.83 14.90
CA ASP C 114 -6.49 -35.00 15.53
C ASP C 114 -6.29 -33.72 14.74
N GLY C 115 -6.27 -32.59 15.45
CA GLY C 115 -6.09 -31.29 14.82
C GLY C 115 -7.36 -30.65 14.31
N VAL C 116 -8.50 -31.33 14.39
CA VAL C 116 -9.78 -30.81 13.94
C VAL C 116 -10.69 -30.70 15.15
N ILE C 117 -11.19 -29.49 15.39
CA ILE C 117 -12.29 -29.28 16.35
C ILE C 117 -13.56 -28.98 15.55
N PRO C 118 -14.59 -29.83 15.63
CA PRO C 118 -15.87 -29.46 15.05
C PRO C 118 -16.53 -28.40 15.89
N TRP C 119 -17.07 -27.38 15.23
CA TRP C 119 -17.63 -26.24 15.95
C TRP C 119 -19.02 -25.92 15.43
N ASN C 120 -19.91 -25.60 16.36
CA ASN C 120 -21.16 -24.94 16.05
C ASN C 120 -21.00 -23.48 16.43
N TYR C 121 -21.33 -22.57 15.51
CA TYR C 121 -21.26 -21.15 15.79
C TYR C 121 -22.25 -20.78 16.89
N TYR C 122 -23.53 -20.88 16.60
CA TYR C 122 -24.53 -20.81 17.66
C TYR C 122 -24.60 -22.17 18.33
N LEU C 123 -24.48 -22.17 19.66
CA LEU C 123 -24.26 -23.41 20.39
C LEU C 123 -25.53 -24.22 20.59
N SER C 124 -26.69 -23.68 20.23
CA SER C 124 -27.94 -24.41 20.33
C SER C 124 -28.94 -23.79 19.37
N CYS C 125 -30.09 -24.45 19.25
CA CYS C 125 -31.24 -23.94 18.52
C CYS C 125 -32.47 -24.62 19.09
N LYS C 126 -33.63 -24.04 18.78
CA LYS C 126 -34.89 -24.66 19.15
C LYS C 126 -35.09 -25.95 18.35
N LEU C 127 -35.87 -26.87 18.92
CA LEU C 127 -36.11 -28.15 18.27
C LEU C 127 -36.92 -27.97 16.99
N GLY C 128 -36.33 -28.38 15.87
CA GLY C 128 -36.95 -28.23 14.57
C GLY C 128 -36.74 -26.90 13.89
N GLU C 129 -35.89 -26.04 14.44
CA GLU C 129 -35.67 -24.71 13.89
C GLU C 129 -34.19 -24.47 13.70
N THR C 130 -33.84 -23.80 12.61
CA THR C 130 -32.46 -23.51 12.24
C THR C 130 -32.16 -22.05 12.53
N LYS C 131 -31.08 -21.81 13.29
CA LYS C 131 -30.60 -20.49 13.70
C LYS C 131 -31.66 -19.72 14.50
N SER C 132 -32.48 -20.44 15.26
CA SER C 132 -33.50 -19.80 16.08
C SER C 132 -32.91 -19.19 17.36
N HIS C 133 -31.73 -19.65 17.77
CA HIS C 133 -31.07 -19.15 18.97
C HIS C 133 -29.85 -18.30 18.65
N ALA C 134 -29.80 -17.73 17.43
CA ALA C 134 -28.79 -16.74 17.10
C ALA C 134 -28.90 -15.52 17.99
N ILE C 135 -30.14 -15.17 18.37
CA ILE C 135 -30.44 -14.10 19.32
C ILE C 135 -29.68 -14.29 20.63
N TYR C 136 -29.67 -15.51 21.16
CA TYR C 136 -29.03 -15.76 22.43
C TYR C 136 -27.54 -16.03 22.30
N TRP C 137 -27.12 -16.60 21.17
CA TRP C 137 -25.75 -17.07 21.03
C TRP C 137 -24.85 -16.14 20.22
N ASP C 138 -25.32 -14.93 19.87
CA ASP C 138 -24.51 -14.04 19.01
C ASP C 138 -23.19 -13.63 19.67
N LYS C 139 -23.26 -13.09 20.90
CA LYS C 139 -22.06 -12.61 21.58
C LYS C 139 -21.14 -13.76 21.96
N ILE C 140 -21.72 -14.86 22.45
CA ILE C 140 -20.96 -16.06 22.82
C ILE C 140 -20.28 -16.64 21.59
N SER C 141 -21.00 -16.70 20.46
CA SER C 141 -20.47 -17.24 19.23
C SER C 141 -19.31 -16.42 18.70
N LYS C 142 -19.45 -15.09 18.75
CA LYS C 142 -18.35 -14.22 18.35
C LYS C 142 -17.13 -14.42 19.23
N LEU C 143 -17.33 -14.42 20.57
CA LEU C 143 -16.23 -14.56 21.51
C LEU C 143 -15.51 -15.89 21.37
N LEU C 144 -16.27 -16.98 21.29
CA LEU C 144 -15.69 -18.31 21.24
C LEU C 144 -15.04 -18.59 19.89
N LEU C 145 -15.59 -18.03 18.80
CA LEU C 145 -14.95 -18.28 17.51
C LEU C 145 -13.69 -17.45 17.32
N GLN C 146 -13.62 -16.21 17.84
CA GLN C 146 -12.32 -15.54 17.85
C GLN C 146 -11.32 -16.24 18.76
N HIS C 147 -11.79 -16.85 19.86
CA HIS C 147 -10.86 -17.63 20.68
C HIS C 147 -10.34 -18.86 19.94
N ILE C 148 -11.19 -19.51 19.14
CA ILE C 148 -10.74 -20.64 18.34
C ILE C 148 -9.75 -20.19 17.27
N THR C 149 -10.09 -19.14 16.53
CA THR C 149 -9.24 -18.69 15.43
C THR C 149 -7.95 -18.02 15.90
N LYS C 150 -7.85 -17.68 17.20
CA LYS C 150 -6.54 -17.34 17.76
C LYS C 150 -5.63 -18.56 17.80
N HIS C 151 -6.19 -19.76 17.96
CA HIS C 151 -5.41 -20.98 18.12
C HIS C 151 -5.27 -21.78 16.83
N VAL C 152 -6.37 -22.04 16.14
CA VAL C 152 -6.30 -22.87 14.94
C VAL C 152 -5.69 -22.08 13.78
N SER C 153 -5.19 -22.83 12.79
CA SER C 153 -4.58 -22.24 11.62
C SER C 153 -5.59 -21.96 10.53
N VAL C 154 -6.48 -22.92 10.27
CA VAL C 154 -7.45 -22.86 9.19
C VAL C 154 -8.84 -22.95 9.80
N LEU C 155 -9.73 -22.03 9.45
CA LEU C 155 -11.13 -22.09 9.84
C LEU C 155 -11.96 -22.48 8.63
N TYR C 156 -12.72 -23.56 8.77
CA TYR C 156 -13.58 -24.05 7.69
C TYR C 156 -15.03 -23.88 8.12
N CYS C 157 -15.80 -23.17 7.30
CA CYS C 157 -17.18 -22.82 7.61
C CYS C 157 -18.11 -23.48 6.61
N LEU C 158 -19.12 -24.17 7.13
CA LEU C 158 -20.04 -24.95 6.28
C LEU C 158 -21.34 -24.18 6.05
N GLY C 159 -21.23 -23.09 5.31
CA GLY C 159 -22.41 -22.41 4.81
C GLY C 159 -22.03 -21.13 4.10
N LYS C 160 -22.56 -20.93 2.89
CA LYS C 160 -22.30 -19.69 2.18
C LYS C 160 -23.12 -18.54 2.74
N THR C 161 -24.40 -18.78 3.02
CA THR C 161 -25.25 -17.73 3.57
C THR C 161 -24.98 -17.52 5.06
N ASP C 162 -24.65 -18.59 5.78
CA ASP C 162 -24.47 -18.49 7.22
C ASP C 162 -23.17 -17.80 7.58
N PHE C 163 -22.14 -17.99 6.77
CA PHE C 163 -20.80 -17.51 7.10
C PHE C 163 -20.24 -16.59 6.04
N SER C 164 -21.10 -15.83 5.35
CA SER C 164 -20.59 -14.82 4.44
C SER C 164 -19.97 -13.65 5.20
N ASN C 165 -20.47 -13.35 6.39
CA ASN C 165 -19.98 -12.27 7.22
C ASN C 165 -19.02 -12.72 8.30
N ILE C 166 -18.45 -13.92 8.16
CA ILE C 166 -17.61 -14.47 9.23
C ILE C 166 -16.26 -13.76 9.30
N ARG C 167 -15.87 -13.05 8.24
CA ARG C 167 -14.72 -12.15 8.32
C ARG C 167 -15.05 -10.87 9.08
N ALA C 168 -16.32 -10.60 9.36
CA ALA C 168 -16.72 -9.49 10.20
C ALA C 168 -17.02 -9.94 11.62
N LYS C 169 -17.51 -11.17 11.79
CA LYS C 169 -17.68 -11.72 13.13
C LYS C 169 -16.35 -11.98 13.82
N LEU C 170 -15.30 -12.24 13.06
CA LEU C 170 -13.94 -12.22 13.57
C LEU C 170 -13.28 -10.91 13.18
N GLU C 171 -12.21 -10.56 13.88
CA GLU C 171 -11.43 -9.39 13.49
C GLU C 171 -9.96 -9.68 13.29
N SER C 172 -9.41 -10.68 13.97
CA SER C 172 -8.07 -11.15 13.64
C SER C 172 -8.14 -12.05 12.41
N PRO C 173 -7.35 -11.79 11.38
CA PRO C 173 -7.36 -12.66 10.19
C PRO C 173 -6.85 -14.07 10.51
N VAL C 174 -7.60 -15.05 10.02
CA VAL C 174 -7.27 -16.46 10.11
C VAL C 174 -7.55 -17.02 8.71
N THR C 175 -6.96 -18.17 8.40
CA THR C 175 -7.29 -18.82 7.13
C THR C 175 -8.73 -19.29 7.17
N THR C 176 -9.59 -18.59 6.46
CA THR C 176 -11.03 -18.83 6.50
C THR C 176 -11.48 -19.42 5.17
N ILE C 177 -12.17 -20.55 5.23
CA ILE C 177 -12.74 -21.20 4.07
C ILE C 177 -14.25 -21.24 4.28
N VAL C 178 -14.97 -20.36 3.59
CA VAL C 178 -16.42 -20.34 3.63
C VAL C 178 -16.88 -21.31 2.55
N GLY C 179 -17.21 -22.53 2.96
CA GLY C 179 -17.63 -23.57 2.04
C GLY C 179 -19.13 -23.68 1.92
N TYR C 180 -19.55 -24.53 1.00
CA TYR C 180 -20.96 -24.80 0.81
C TYR C 180 -21.49 -25.67 1.95
N HIS C 181 -22.75 -25.48 2.27
CA HIS C 181 -23.42 -26.37 3.21
C HIS C 181 -23.61 -27.75 2.57
N PRO C 182 -23.53 -28.82 3.37
CA PRO C 182 -23.80 -30.15 2.83
C PRO C 182 -25.22 -30.34 2.30
N ALA C 183 -26.20 -29.63 2.85
CA ALA C 183 -27.57 -29.71 2.38
C ALA C 183 -27.90 -28.67 1.33
N ALA C 184 -26.89 -28.10 0.67
CA ALA C 184 -27.14 -27.14 -0.40
C ALA C 184 -27.66 -27.86 -1.63
N ARG C 185 -28.52 -27.16 -2.39
CA ARG C 185 -29.10 -27.72 -3.60
C ARG C 185 -28.06 -27.71 -4.72
N ASP C 186 -28.41 -28.41 -5.82
CA ASP C 186 -27.61 -28.53 -7.04
C ASP C 186 -26.24 -29.18 -6.80
N HIS C 187 -26.08 -29.88 -5.67
CA HIS C 187 -24.91 -30.71 -5.35
C HIS C 187 -23.61 -29.92 -5.34
N GLN C 188 -23.65 -28.67 -4.88
CA GLN C 188 -22.40 -27.90 -4.79
C GLN C 188 -21.51 -28.42 -3.67
N PHE C 189 -22.05 -29.13 -2.69
CA PHE C 189 -21.19 -29.84 -1.76
C PHE C 189 -20.62 -31.13 -2.37
N GLU C 190 -21.28 -31.70 -3.37
CA GLU C 190 -20.67 -32.80 -4.11
C GLU C 190 -19.52 -32.31 -4.98
N LYS C 191 -19.66 -31.12 -5.57
CA LYS C 191 -18.54 -30.52 -6.29
C LYS C 191 -17.56 -29.80 -5.36
N ASP C 192 -17.83 -29.77 -4.06
CA ASP C 192 -16.94 -29.13 -3.11
C ASP C 192 -15.69 -29.99 -2.89
N ARG C 193 -14.52 -29.36 -2.97
CA ARG C 193 -13.26 -30.05 -2.72
C ARG C 193 -12.49 -29.31 -1.64
N SER C 194 -13.19 -28.98 -0.54
CA SER C 194 -12.67 -28.09 0.49
C SER C 194 -11.71 -28.74 1.47
N PHE C 195 -11.78 -30.07 1.66
CA PHE C 195 -10.89 -30.72 2.62
C PHE C 195 -9.47 -30.82 2.07
N GLU C 196 -9.34 -31.02 0.76
CA GLU C 196 -8.03 -30.91 0.10
C GLU C 196 -7.48 -29.50 0.22
N ILE C 197 -8.37 -28.51 0.10
CA ILE C 197 -7.98 -27.11 0.23
C ILE C 197 -7.52 -26.81 1.65
N ILE C 198 -8.18 -27.44 2.65
CA ILE C 198 -7.77 -27.36 4.05
C ILE C 198 -6.37 -27.91 4.22
N ASN C 199 -6.11 -29.10 3.64
CA ASN C 199 -4.81 -29.74 3.78
C ASN C 199 -3.70 -28.93 3.11
N VAL C 200 -3.98 -28.38 1.93
CA VAL C 200 -2.97 -27.59 1.21
C VAL C 200 -2.70 -26.28 1.94
N LEU C 201 -3.74 -25.65 2.50
CA LEU C 201 -3.54 -24.42 3.27
C LEU C 201 -2.81 -24.70 4.59
N LEU C 202 -2.96 -25.91 5.14
CA LEU C 202 -2.15 -26.30 6.28
C LEU C 202 -0.68 -26.47 5.91
N GLU C 203 -0.42 -27.10 4.76
CA GLU C 203 0.96 -27.21 4.27
C GLU C 203 1.55 -25.86 3.87
N LEU C 204 0.72 -24.88 3.54
CA LEU C 204 1.22 -23.52 3.31
C LEU C 204 1.60 -22.83 4.61
N ASP C 205 0.97 -23.23 5.72
CA ASP C 205 1.25 -22.67 7.03
C ASP C 205 2.31 -23.47 7.79
N ASN C 206 2.99 -24.41 7.10
CA ASN C 206 3.95 -25.35 7.69
C ASN C 206 3.33 -26.15 8.83
N LYS C 207 2.08 -26.57 8.63
CA LYS C 207 1.35 -27.37 9.61
C LYS C 207 1.12 -28.77 9.07
N THR C 208 0.84 -29.68 10.00
CA THR C 208 0.56 -31.06 9.62
C THR C 208 -0.78 -31.14 8.92
N PRO C 209 -0.89 -31.84 7.79
CA PRO C 209 -2.18 -32.01 7.14
C PRO C 209 -3.11 -32.86 7.99
N ILE C 210 -4.40 -32.60 7.84
CA ILE C 210 -5.41 -33.36 8.57
C ILE C 210 -5.60 -34.70 7.88
N ASN C 211 -5.36 -35.78 8.61
CA ASN C 211 -5.67 -37.11 8.09
C ASN C 211 -7.16 -37.26 8.32
N TRP C 212 -7.94 -37.02 7.27
CA TRP C 212 -9.40 -37.01 7.35
C TRP C 212 -9.98 -38.40 7.53
N ALA C 213 -9.20 -39.46 7.31
CA ALA C 213 -9.67 -40.82 7.49
C ALA C 213 -9.78 -41.23 8.96
N GLN C 214 -9.24 -40.42 9.88
CA GLN C 214 -9.40 -40.69 11.31
C GLN C 214 -10.84 -40.53 11.78
N GLY C 215 -11.66 -39.78 11.05
CA GLY C 215 -13.01 -39.54 11.47
C GLY C 215 -14.00 -40.63 11.17
N PHE C 216 -13.60 -41.64 10.39
CA PHE C 216 -14.52 -42.70 10.02
C PHE C 216 -14.77 -43.63 11.19
N ILE C 217 -16.03 -44.04 11.35
CA ILE C 217 -16.44 -44.97 12.40
C ILE C 217 -16.74 -46.30 11.72
N TYR C 218 -16.01 -47.34 12.12
CA TYR C 218 -16.17 -48.65 11.50
C TYR C 218 -16.94 -49.59 12.41
N ARG D 136 56.55 -10.39 -5.72
CA ARG D 136 56.36 -10.97 -7.05
C ARG D 136 56.44 -12.49 -7.00
N SER D 137 56.55 -13.09 -8.19
CA SER D 137 56.66 -14.55 -8.41
C SER D 137 55.41 -15.21 -7.83
N ASP D 138 55.54 -16.29 -7.07
CA ASP D 138 54.41 -17.00 -6.49
C ASP D 138 54.51 -16.98 -4.98
N LEU D 139 53.36 -16.76 -4.32
CA LEU D 139 53.29 -16.76 -2.86
C LEU D 139 52.06 -17.54 -2.43
N SER D 140 52.13 -18.10 -1.23
CA SER D 140 51.01 -18.76 -0.59
C SER D 140 51.01 -18.39 0.88
N ASP D 141 49.81 -18.32 1.46
CA ASP D 141 49.58 -17.90 2.86
C ASP D 141 50.16 -16.50 3.10
N LEU D 142 49.52 -15.52 2.45
CA LEU D 142 50.00 -14.13 2.36
C LEU D 142 50.05 -13.40 3.70
N LYS D 143 49.59 -14.02 4.80
CA LYS D 143 49.69 -13.40 6.12
C LYS D 143 51.15 -13.23 6.57
N VAL D 144 52.04 -14.11 6.13
CA VAL D 144 53.46 -13.91 6.46
C VAL D 144 54.07 -12.75 5.67
N ALA D 145 53.62 -12.54 4.42
CA ALA D 145 54.06 -11.36 3.68
C ALA D 145 53.47 -10.08 4.26
N THR D 146 52.25 -10.17 4.78
CA THR D 146 51.66 -9.05 5.51
C THR D 146 52.45 -8.74 6.77
N ASP D 147 52.88 -9.77 7.50
CA ASP D 147 53.71 -9.56 8.68
C ASP D 147 55.07 -8.98 8.31
N ASN D 148 55.63 -9.40 7.17
CA ASN D 148 56.90 -8.85 6.71
C ASN D 148 56.78 -7.37 6.35
N ILE D 149 55.68 -6.98 5.70
CA ILE D 149 55.57 -5.57 5.32
C ILE D 149 55.11 -4.72 6.52
N VAL D 150 54.43 -5.33 7.50
CA VAL D 150 54.20 -4.66 8.77
C VAL D 150 55.52 -4.41 9.50
N LYS D 151 56.44 -5.38 9.45
CA LYS D 151 57.78 -5.20 10.02
C LYS D 151 58.57 -4.11 9.28
N ASP D 152 58.39 -4.03 7.96
CA ASP D 152 59.02 -2.95 7.19
C ASP D 152 58.44 -1.58 7.57
N LEU D 153 57.13 -1.52 7.79
CA LEU D 153 56.53 -0.29 8.32
C LEU D 153 56.99 0.01 9.74
N LYS D 154 57.27 -1.02 10.55
CA LYS D 154 57.86 -0.80 11.86
C LYS D 154 59.24 -0.17 11.75
N LYS D 155 60.04 -0.66 10.78
CA LYS D 155 61.36 -0.09 10.54
C LYS D 155 61.27 1.36 10.08
N ILE D 156 60.32 1.68 9.21
CA ILE D 156 60.23 3.06 8.75
C ILE D 156 59.59 3.96 9.82
N ILE D 157 58.78 3.40 10.73
CA ILE D 157 58.24 4.17 11.84
C ILE D 157 59.34 4.53 12.84
N THR D 158 60.21 3.56 13.14
CA THR D 158 61.39 3.85 13.96
C THR D 158 62.34 4.81 13.25
N ARG D 159 62.41 4.74 11.91
CA ARG D 159 63.25 5.66 11.15
C ARG D 159 62.74 7.10 11.24
N ILE D 160 61.44 7.31 11.06
CA ILE D 160 60.93 8.69 11.15
C ILE D 160 60.88 9.17 12.59
N SER D 161 60.75 8.25 13.56
CA SER D 161 60.87 8.65 14.96
C SER D 161 62.30 9.06 15.29
N ALA D 162 63.27 8.40 14.67
CA ALA D 162 64.66 8.81 14.78
C ALA D 162 64.88 10.19 14.18
N VAL D 163 64.28 10.45 13.01
CA VAL D 163 64.38 11.76 12.37
C VAL D 163 63.74 12.84 13.24
N SER D 164 62.58 12.54 13.84
CA SER D 164 61.90 13.52 14.70
C SER D 164 62.68 13.78 15.98
N THR D 165 63.23 12.73 16.60
CA THR D 165 63.95 12.90 17.86
C THR D 165 65.36 13.46 17.69
N VAL D 166 65.94 13.39 16.49
CA VAL D 166 67.15 14.20 16.24
C VAL D 166 66.80 15.59 15.74
N LEU D 167 65.61 15.78 15.16
CA LEU D 167 65.17 17.10 14.74
C LEU D 167 64.85 17.98 15.94
N GLU D 168 64.28 17.38 16.99
CA GLU D 168 64.05 18.09 18.23
C GLU D 168 65.37 18.54 18.87
N ASP D 169 66.39 17.67 18.80
CA ASP D 169 67.69 18.01 19.35
C ASP D 169 68.39 19.11 18.53
N VAL D 170 68.30 19.05 17.20
CA VAL D 170 68.94 20.08 16.39
C VAL D 170 68.17 21.39 16.43
N GLN D 171 66.86 21.36 16.76
CA GLN D 171 66.14 22.60 17.01
C GLN D 171 66.46 23.17 18.39
N ALA D 172 66.69 22.30 19.37
CA ALA D 172 67.09 22.75 20.70
C ALA D 172 68.55 23.20 20.74
N ALA D 173 69.34 22.83 19.73
CA ALA D 173 70.74 23.28 19.67
C ALA D 173 70.83 24.78 19.37
N GLY D 174 69.83 25.35 18.70
CA GLY D 174 69.80 26.77 18.42
C GLY D 174 70.33 27.18 17.07
N ILE D 175 70.53 26.24 16.15
CA ILE D 175 71.03 26.57 14.82
C ILE D 175 69.87 27.07 13.97
N SER D 176 70.18 27.97 13.03
CA SER D 176 69.18 28.50 12.13
C SER D 176 69.05 27.60 10.91
N ARG D 177 67.82 27.15 10.63
CA ARG D 177 67.55 26.24 9.53
C ARG D 177 66.37 26.74 8.71
N GLN D 178 66.41 26.44 7.42
CA GLN D 178 65.32 26.75 6.49
C GLN D 178 64.72 25.44 6.02
N PHE D 179 63.44 25.22 6.31
CA PHE D 179 62.78 23.94 6.10
C PHE D 179 61.58 24.07 5.17
N THR D 180 61.70 24.90 4.13
CA THR D 180 60.62 24.98 3.15
C THR D 180 60.58 23.74 2.26
N SER D 181 61.75 23.31 1.76
CA SER D 181 61.81 22.08 1.00
C SER D 181 61.57 20.86 1.87
N MET D 182 61.96 20.94 3.15
CA MET D 182 61.59 19.90 4.10
C MET D 182 60.08 19.82 4.30
N THR D 183 59.42 20.97 4.39
CA THR D 183 57.95 21.00 4.52
C THR D 183 57.29 20.45 3.26
N LYS D 184 57.86 20.74 2.09
CA LYS D 184 57.35 20.16 0.84
C LYS D 184 57.52 18.65 0.82
N ALA D 185 58.65 18.15 1.34
CA ALA D 185 58.90 16.71 1.39
C ALA D 185 57.92 16.01 2.34
N ILE D 186 57.66 16.61 3.51
CA ILE D 186 56.67 16.06 4.44
C ILE D 186 55.26 16.13 3.85
N THR D 187 54.92 17.19 3.12
CA THR D 187 53.60 17.30 2.50
C THR D 187 53.40 16.23 1.42
N THR D 188 54.40 16.04 0.57
CA THR D 188 54.32 15.01 -0.46
C THR D 188 54.32 13.61 0.14
N LEU D 189 55.08 13.38 1.21
CA LEU D 189 55.09 12.05 1.83
C LEU D 189 53.77 11.79 2.55
N SER D 190 53.14 12.83 3.11
CA SER D 190 51.84 12.67 3.74
C SER D 190 50.75 12.40 2.71
N ASP D 191 50.84 13.03 1.54
CA ASP D 191 49.94 12.71 0.44
C ASP D 191 50.15 11.28 -0.04
N LEU D 192 51.41 10.82 -0.06
CA LEU D 192 51.73 9.44 -0.39
C LEU D 192 51.14 8.46 0.63
N VAL D 193 51.22 8.81 1.91
CA VAL D 193 50.65 7.99 2.98
C VAL D 193 49.13 7.94 2.86
N THR D 194 48.49 9.06 2.55
CA THR D 194 47.03 9.09 2.35
C THR D 194 46.61 8.25 1.15
N GLU D 195 47.38 8.33 0.06
CA GLU D 195 47.09 7.53 -1.14
C GLU D 195 47.27 6.04 -0.87
N GLY D 196 48.31 5.66 -0.13
CA GLY D 196 48.47 4.27 0.25
C GLY D 196 47.48 3.79 1.30
N LYS D 197 46.97 4.69 2.14
CA LYS D 197 46.00 4.31 3.14
C LYS D 197 44.62 4.07 2.54
N SER D 198 44.18 4.96 1.64
CA SER D 198 42.79 5.07 1.23
C SER D 198 42.23 3.82 0.55
N LYS D 199 43.08 2.91 0.09
CA LYS D 199 42.63 1.65 -0.47
C LYS D 199 42.27 0.61 0.60
N VAL D 200 42.66 0.81 1.86
CA VAL D 200 42.55 -0.26 2.84
C VAL D 200 41.91 0.27 4.13
N VAL D 201 41.24 1.42 4.05
CA VAL D 201 40.64 2.01 5.24
C VAL D 201 39.38 1.27 5.65
N ARG D 202 38.35 1.30 4.80
CA ARG D 202 36.98 0.99 5.20
C ARG D 202 36.54 -0.34 4.63
N LYS D 203 35.93 -1.17 5.48
CA LYS D 203 35.28 -2.40 5.07
C LYS D 203 33.78 -2.23 5.16
N LYS D 204 33.06 -2.88 4.24
CA LYS D 204 31.59 -2.83 4.02
C LYS D 204 30.94 -1.46 4.23
N SER E 140 73.41 18.37 4.49
CA SER E 140 72.19 17.89 3.86
C SER E 140 71.99 16.40 4.12
N ASP E 141 72.35 15.97 5.32
CA ASP E 141 72.16 14.57 5.70
C ASP E 141 70.68 14.23 5.85
N LEU E 142 69.90 15.16 6.41
CA LEU E 142 68.47 14.95 6.55
C LEU E 142 67.76 14.93 5.22
N LYS E 143 68.27 15.68 4.23
CA LYS E 143 67.63 15.71 2.91
C LYS E 143 67.75 14.37 2.20
N VAL E 144 68.95 13.79 2.16
CA VAL E 144 69.12 12.48 1.54
C VAL E 144 68.50 11.38 2.40
N ALA E 145 68.42 11.59 3.72
CA ALA E 145 67.76 10.62 4.59
C ALA E 145 66.27 10.56 4.31
N THR E 146 65.61 11.72 4.22
CA THR E 146 64.20 11.73 3.88
C THR E 146 63.95 11.32 2.43
N ASP E 147 64.92 11.56 1.53
CA ASP E 147 64.78 11.08 0.15
C ASP E 147 64.81 9.55 0.09
N ASN E 148 65.70 8.92 0.87
CA ASN E 148 65.70 7.48 1.00
C ASN E 148 64.42 6.97 1.66
N ILE E 149 63.87 7.74 2.61
CA ILE E 149 62.60 7.40 3.22
C ILE E 149 61.47 7.43 2.19
N VAL E 150 61.47 8.45 1.31
CA VAL E 150 60.49 8.54 0.22
C VAL E 150 60.60 7.36 -0.73
N LYS E 151 61.83 6.97 -1.10
CA LYS E 151 62.02 5.87 -2.04
C LYS E 151 61.60 4.53 -1.43
N ASP E 152 62.01 4.27 -0.19
CA ASP E 152 61.65 3.03 0.49
C ASP E 152 60.14 2.96 0.74
N LEU E 153 59.53 4.08 1.12
CA LEU E 153 58.09 4.07 1.34
C LEU E 153 57.32 4.01 0.03
N LYS E 154 57.90 4.48 -1.07
CA LYS E 154 57.32 4.24 -2.39
C LYS E 154 57.28 2.75 -2.69
N LYS E 155 58.35 2.03 -2.36
CA LYS E 155 58.35 0.58 -2.51
C LYS E 155 57.30 -0.07 -1.61
N ILE E 156 57.15 0.42 -0.37
CA ILE E 156 56.16 -0.15 0.54
C ILE E 156 54.73 0.09 0.04
N ILE E 157 54.44 1.31 -0.44
CA ILE E 157 53.11 1.62 -0.95
C ILE E 157 52.79 0.87 -2.24
N THR E 158 53.77 0.64 -3.13
CA THR E 158 53.42 -0.19 -4.29
C THR E 158 53.24 -1.65 -3.90
N ARG E 159 53.89 -2.12 -2.84
CA ARG E 159 53.56 -3.46 -2.34
C ARG E 159 52.18 -3.52 -1.69
N ILE E 160 51.77 -2.45 -0.99
CA ILE E 160 50.38 -2.32 -0.52
C ILE E 160 49.41 -2.35 -1.70
N SER E 161 49.73 -1.64 -2.78
CA SER E 161 48.89 -1.64 -3.97
C SER E 161 48.85 -3.03 -4.61
N ALA E 162 49.93 -3.78 -4.50
CA ALA E 162 49.95 -5.15 -5.01
C ALA E 162 49.06 -6.08 -4.19
N VAL E 163 49.10 -5.99 -2.86
CA VAL E 163 48.47 -7.02 -2.04
C VAL E 163 47.13 -6.61 -1.43
N SER E 164 46.74 -5.34 -1.52
CA SER E 164 45.63 -4.83 -0.72
C SER E 164 44.26 -5.21 -1.26
N THR E 165 44.17 -5.72 -2.49
CA THR E 165 42.86 -6.11 -3.02
C THR E 165 42.38 -7.41 -2.38
N VAL E 166 43.31 -8.27 -1.95
CA VAL E 166 42.99 -9.63 -1.54
C VAL E 166 43.29 -9.86 -0.06
N LEU E 167 43.46 -8.79 0.71
CA LEU E 167 43.73 -8.92 2.14
C LEU E 167 42.48 -9.35 2.88
N GLU E 168 42.67 -10.13 3.95
CA GLU E 168 41.57 -10.46 4.84
C GLU E 168 41.30 -9.28 5.77
N ASP E 169 40.24 -9.41 6.59
CA ASP E 169 39.79 -8.28 7.40
C ASP E 169 40.75 -7.96 8.53
N VAL E 170 41.31 -8.98 9.19
CA VAL E 170 42.16 -8.74 10.36
C VAL E 170 43.51 -8.16 9.96
N GLN E 171 44.09 -8.61 8.85
CA GLN E 171 45.37 -8.06 8.43
C GLN E 171 45.22 -6.68 7.80
N ALA E 172 44.08 -6.41 7.15
CA ALA E 172 43.78 -5.06 6.70
C ALA E 172 43.56 -4.13 7.89
N ALA E 173 42.95 -4.64 8.96
CA ALA E 173 42.83 -3.85 10.20
C ALA E 173 44.20 -3.55 10.80
N GLY E 174 45.11 -4.54 10.78
CA GLY E 174 46.44 -4.33 11.31
C GLY E 174 47.24 -3.31 10.49
N ILE E 175 47.15 -3.41 9.17
CA ILE E 175 47.85 -2.44 8.32
C ILE E 175 47.18 -1.06 8.41
N SER E 176 45.89 -1.02 8.77
CA SER E 176 45.23 0.27 8.96
C SER E 176 45.70 0.93 10.26
N ARG E 177 45.92 0.15 11.32
CA ARG E 177 46.53 0.71 12.53
C ARG E 177 47.96 1.16 12.26
N GLN E 178 48.69 0.42 11.41
CA GLN E 178 50.03 0.86 11.01
C GLN E 178 49.98 2.18 10.25
N PHE E 179 48.98 2.36 9.38
CA PHE E 179 48.86 3.62 8.65
C PHE E 179 48.39 4.76 9.55
N THR E 180 47.61 4.45 10.60
CA THR E 180 47.28 5.52 11.55
C THR E 180 48.49 5.94 12.37
N SER E 181 49.35 4.99 12.75
CA SER E 181 50.62 5.35 13.39
C SER E 181 51.52 6.15 12.46
N MET E 182 51.52 5.77 11.17
CA MET E 182 52.18 6.52 10.10
C MET E 182 51.71 7.98 10.06
N THR E 183 50.38 8.19 10.07
CA THR E 183 49.84 9.55 9.99
C THR E 183 50.08 10.36 11.25
N LYS E 184 49.96 9.75 12.43
CA LYS E 184 50.18 10.54 13.64
C LYS E 184 51.66 10.86 13.85
N ALA E 185 52.55 9.95 13.44
CA ALA E 185 53.98 10.26 13.48
C ALA E 185 54.35 11.37 12.50
N ILE E 186 53.76 11.35 11.30
CA ILE E 186 54.10 12.41 10.35
C ILE E 186 53.44 13.73 10.75
N THR E 187 52.30 13.73 11.46
CA THR E 187 51.75 15.00 11.91
C THR E 187 52.53 15.56 13.09
N THR E 188 53.11 14.69 13.94
CA THR E 188 54.05 15.18 14.95
C THR E 188 55.30 15.77 14.31
N LEU E 189 55.79 15.14 13.24
CA LEU E 189 56.93 15.70 12.50
C LEU E 189 56.59 17.04 11.86
N SER E 190 55.36 17.17 11.32
CA SER E 190 54.93 18.42 10.71
C SER E 190 54.74 19.51 11.76
N ASP E 191 54.26 19.14 12.95
CA ASP E 191 54.15 20.10 14.05
C ASP E 191 55.54 20.55 14.52
N LEU E 192 56.51 19.62 14.51
CA LEU E 192 57.88 19.97 14.89
C LEU E 192 58.52 20.91 13.87
N VAL E 193 58.29 20.69 12.57
CA VAL E 193 58.86 21.59 11.57
C VAL E 193 58.06 22.86 11.40
N THR E 194 56.83 22.93 11.92
CA THR E 194 56.03 24.14 11.83
C THR E 194 56.28 25.06 13.03
N GLU E 195 56.11 24.53 14.24
CA GLU E 195 56.30 25.35 15.43
C GLU E 195 57.78 25.63 15.69
N GLY E 196 58.63 24.62 15.52
CA GLY E 196 60.05 24.78 15.73
C GLY E 196 60.45 24.84 17.19
N LEU F 139 66.52 18.98 48.97
CA LEU F 139 66.21 17.67 48.41
C LEU F 139 66.38 16.60 49.49
N SER F 140 65.29 15.90 49.77
CA SER F 140 65.27 14.87 50.81
C SER F 140 64.89 13.53 50.19
N ASP F 141 65.51 12.47 50.72
CA ASP F 141 65.28 11.04 50.45
C ASP F 141 65.69 10.60 49.05
N LEU F 142 66.15 11.51 48.18
CA LEU F 142 66.72 11.27 46.84
C LEU F 142 65.82 10.43 45.90
N LYS F 143 64.52 10.36 46.17
CA LYS F 143 63.63 9.61 45.29
C LYS F 143 63.36 10.35 43.99
N VAL F 144 63.12 11.67 44.09
CA VAL F 144 62.84 12.49 42.91
C VAL F 144 64.08 12.64 42.05
N ALA F 145 65.27 12.75 42.66
CA ALA F 145 66.52 12.86 41.92
C ALA F 145 66.82 11.58 41.14
N THR F 146 66.65 10.43 41.78
CA THR F 146 66.82 9.16 41.08
C THR F 146 65.77 8.98 40.00
N ASP F 147 64.53 9.41 40.26
CA ASP F 147 63.46 9.29 39.29
C ASP F 147 63.73 10.12 38.04
N ASN F 148 64.16 11.37 38.20
CA ASN F 148 64.37 12.21 37.03
C ASN F 148 65.78 12.08 36.44
N ILE F 149 66.66 11.26 37.03
CA ILE F 149 67.83 10.84 36.25
C ILE F 149 67.61 9.50 35.55
N VAL F 150 66.69 8.66 36.04
CA VAL F 150 66.27 7.49 35.27
C VAL F 150 65.42 7.93 34.06
N LYS F 151 64.56 8.93 34.27
CA LYS F 151 63.67 9.40 33.20
C LYS F 151 64.44 10.04 32.05
N ASP F 152 65.52 10.77 32.37
CA ASP F 152 66.31 11.39 31.31
C ASP F 152 67.13 10.37 30.52
N LEU F 153 67.54 9.27 31.17
CA LEU F 153 68.36 8.28 30.49
C LEU F 153 67.58 7.53 29.41
N LYS F 154 66.27 7.37 29.58
CA LYS F 154 65.43 6.79 28.54
C LYS F 154 65.44 7.66 27.29
N LYS F 155 65.32 8.99 27.46
CA LYS F 155 65.39 9.90 26.32
C LYS F 155 66.79 9.92 25.71
N ILE F 156 67.82 9.78 26.54
CA ILE F 156 69.20 9.76 26.03
C ILE F 156 69.46 8.52 25.18
N ILE F 157 69.02 7.34 25.65
CA ILE F 157 69.23 6.13 24.85
C ILE F 157 68.31 6.11 23.64
N THR F 158 67.14 6.76 23.72
CA THR F 158 66.28 6.92 22.56
C THR F 158 66.95 7.79 21.49
N ARG F 159 67.60 8.88 21.91
CA ARG F 159 68.31 9.72 20.95
C ARG F 159 69.58 9.06 20.42
N ILE F 160 70.22 8.20 21.22
CA ILE F 160 71.39 7.46 20.75
C ILE F 160 70.99 6.44 19.69
N SER F 161 69.92 5.69 19.93
CA SER F 161 69.39 4.79 18.91
C SER F 161 68.84 5.56 17.71
N ALA F 162 68.37 6.79 17.93
CA ALA F 162 67.94 7.66 16.84
C ALA F 162 69.10 8.06 15.94
N VAL F 163 70.24 8.42 16.56
CA VAL F 163 71.45 8.76 15.80
C VAL F 163 71.93 7.54 15.02
N SER F 164 71.86 6.36 15.64
CA SER F 164 72.21 5.13 14.95
C SER F 164 71.30 4.84 13.76
N THR F 165 70.00 5.08 13.92
CA THR F 165 69.05 4.80 12.85
C THR F 165 69.18 5.79 11.69
N VAL F 166 69.39 7.08 11.99
CA VAL F 166 69.56 8.03 10.90
C VAL F 166 70.94 7.87 10.25
N LEU F 167 71.93 7.36 10.98
CA LEU F 167 73.22 7.05 10.35
C LEU F 167 73.09 5.84 9.44
N GLU F 168 72.26 4.86 9.84
CA GLU F 168 71.93 3.76 8.94
C GLU F 168 71.18 4.25 7.70
N ASP F 169 70.32 5.25 7.87
CA ASP F 169 69.59 5.83 6.74
C ASP F 169 70.53 6.52 5.77
N VAL F 170 71.46 7.34 6.28
CA VAL F 170 72.38 8.04 5.38
C VAL F 170 73.46 7.12 4.84
N GLN F 171 73.72 5.97 5.47
CA GLN F 171 74.60 4.98 4.86
C GLN F 171 73.89 4.19 3.76
N ALA F 172 72.60 3.88 3.96
CA ALA F 172 71.84 3.14 2.96
C ALA F 172 71.35 4.02 1.82
N ALA F 173 71.40 5.35 1.99
CA ALA F 173 71.00 6.24 0.89
C ALA F 173 72.01 6.22 -0.25
N GLY F 174 73.27 5.92 0.03
CA GLY F 174 74.29 5.83 -0.98
C GLY F 174 75.20 7.03 -1.10
N ILE F 175 75.09 8.02 -0.20
CA ILE F 175 75.94 9.19 -0.25
C ILE F 175 77.21 8.91 0.54
N SER F 176 78.30 9.56 0.13
CA SER F 176 79.59 9.38 0.79
C SER F 176 79.75 10.41 1.91
N ARG F 177 80.10 9.93 3.10
CA ARG F 177 80.27 10.78 4.27
C ARG F 177 81.55 10.40 4.99
N GLN F 178 82.08 11.37 5.74
CA GLN F 178 83.28 11.16 6.56
C GLN F 178 82.93 11.38 8.02
N PHE F 179 83.43 10.51 8.88
CA PHE F 179 83.08 10.54 10.30
C PHE F 179 84.30 10.65 11.20
N THR F 180 85.25 11.53 10.85
CA THR F 180 86.45 11.68 11.67
C THR F 180 86.17 12.44 12.95
N SER F 181 85.52 13.61 12.83
CA SER F 181 85.13 14.37 14.02
C SER F 181 84.06 13.63 14.82
N MET F 182 83.21 12.85 14.14
CA MET F 182 82.27 11.99 14.83
C MET F 182 82.98 10.91 15.63
N THR F 183 84.07 10.34 15.08
CA THR F 183 84.85 9.36 15.80
C THR F 183 85.56 9.99 17.01
N LYS F 184 86.04 11.22 16.85
CA LYS F 184 86.64 11.94 17.98
C LYS F 184 85.63 12.21 19.08
N ALA F 185 84.41 12.61 18.70
CA ALA F 185 83.34 12.84 19.67
C ALA F 185 82.94 11.54 20.36
N ILE F 186 82.90 10.43 19.61
CA ILE F 186 82.62 9.11 20.16
C ILE F 186 83.68 8.71 21.18
N THR F 187 84.95 8.97 20.85
CA THR F 187 86.05 8.60 21.74
C THR F 187 86.04 9.42 23.04
N THR F 188 85.82 10.74 22.94
CA THR F 188 85.81 11.53 24.17
C THR F 188 84.54 11.29 24.99
N LEU F 189 83.41 10.99 24.32
CA LEU F 189 82.20 10.61 25.04
C LEU F 189 82.37 9.29 25.75
N SER F 190 83.08 8.34 25.11
CA SER F 190 83.37 7.06 25.74
C SER F 190 84.29 7.20 26.94
N ASP F 191 85.27 8.10 26.84
CA ASP F 191 86.18 8.35 27.97
C ASP F 191 85.44 8.95 29.17
N LEU F 192 84.60 9.96 28.91
CA LEU F 192 83.82 10.55 30.00
C LEU F 192 82.78 9.58 30.55
N VAL F 193 82.20 8.70 29.72
CA VAL F 193 81.18 7.84 30.30
C VAL F 193 81.82 6.64 31.01
N THR F 194 83.05 6.23 30.64
CA THR F 194 83.70 5.21 31.48
C THR F 194 84.26 5.82 32.76
N GLU F 195 84.54 7.13 32.78
CA GLU F 195 84.71 7.82 34.06
C GLU F 195 83.43 7.77 34.88
N GLY F 196 82.28 7.93 34.21
CA GLY F 196 81.00 7.77 34.87
C GLY F 196 80.76 6.35 35.38
N LYS F 197 81.24 5.35 34.64
CA LYS F 197 81.18 3.96 35.09
C LYS F 197 82.02 3.75 36.34
N SER F 198 83.21 4.38 36.38
CA SER F 198 84.04 4.32 37.57
C SER F 198 83.40 5.04 38.75
N LYS F 199 82.59 6.07 38.48
CA LYS F 199 81.98 6.86 39.55
C LYS F 199 80.63 6.31 40.02
N VAL F 200 79.94 5.51 39.21
CA VAL F 200 78.55 5.15 39.48
C VAL F 200 78.43 3.96 40.44
N VAL F 201 79.52 3.21 40.64
CA VAL F 201 79.45 1.94 41.36
C VAL F 201 79.20 2.16 42.84
N ARG F 202 78.42 1.28 43.45
CA ARG F 202 78.02 1.44 44.85
C ARG F 202 79.01 0.76 45.79
N LYS F 203 79.59 -0.37 45.37
CA LYS F 203 80.55 -1.18 46.12
C LYS F 203 80.02 -1.61 47.49
N SER G 140 75.56 19.66 8.19
CA SER G 140 76.04 20.26 9.42
C SER G 140 74.96 20.22 10.50
N ASP G 141 74.26 19.10 10.58
CA ASP G 141 73.20 18.89 11.55
C ASP G 141 73.52 17.80 12.57
N LEU G 142 74.15 16.71 12.13
CA LEU G 142 74.47 15.62 13.05
C LEU G 142 75.57 16.01 14.03
N LYS G 143 76.55 16.81 13.59
CA LYS G 143 77.63 17.19 14.49
C LYS G 143 77.17 18.18 15.56
N VAL G 144 76.29 19.13 15.20
CA VAL G 144 75.77 20.03 16.22
C VAL G 144 74.74 19.31 17.08
N ALA G 145 74.05 18.30 16.53
CA ALA G 145 73.13 17.49 17.32
C ALA G 145 73.87 16.69 18.38
N THR G 146 74.97 16.03 18.00
CA THR G 146 75.75 15.30 18.99
C THR G 146 76.57 16.22 19.89
N ASP G 147 76.83 17.46 19.47
CA ASP G 147 77.42 18.43 20.39
C ASP G 147 76.43 18.83 21.47
N ASN G 148 75.17 19.05 21.11
CA ASN G 148 74.16 19.31 22.12
C ASN G 148 73.89 18.08 23.00
N ILE G 149 73.98 16.88 22.40
CA ILE G 149 73.84 15.64 23.16
C ILE G 149 74.96 15.50 24.18
N VAL G 150 76.20 15.77 23.77
CA VAL G 150 77.31 15.62 24.70
C VAL G 150 77.35 16.75 25.71
N LYS G 151 76.76 17.91 25.39
CA LYS G 151 76.63 18.96 26.42
C LYS G 151 75.57 18.59 27.46
N ASP G 152 74.45 18.02 27.02
CA ASP G 152 73.44 17.52 27.95
C ASP G 152 74.00 16.38 28.80
N LEU G 153 74.83 15.52 28.21
CA LEU G 153 75.50 14.49 28.99
C LEU G 153 76.58 15.04 29.91
N LYS G 154 77.22 16.17 29.56
CA LYS G 154 78.13 16.84 30.50
C LYS G 154 77.36 17.31 31.73
N LYS G 155 76.18 17.91 31.51
CA LYS G 155 75.32 18.32 32.62
C LYS G 155 74.86 17.12 33.44
N ILE G 156 74.54 16.00 32.76
CA ILE G 156 74.09 14.79 33.45
C ILE G 156 75.21 14.19 34.30
N ILE G 157 76.43 14.11 33.76
CA ILE G 157 77.54 13.55 34.51
C ILE G 157 77.93 14.45 35.68
N THR G 158 77.87 15.78 35.51
CA THR G 158 78.16 16.67 36.62
C THR G 158 77.11 16.59 37.73
N ARG G 159 75.84 16.45 37.37
CA ARG G 159 74.83 16.34 38.43
C ARG G 159 74.86 14.96 39.10
N ILE G 160 75.21 13.90 38.35
CA ILE G 160 75.40 12.58 38.96
C ILE G 160 76.58 12.60 39.92
N SER G 161 77.68 13.26 39.54
CA SER G 161 78.81 13.41 40.44
C SER G 161 78.50 14.29 41.64
N ALA G 162 77.55 15.22 41.49
CA ALA G 162 77.12 16.03 42.63
C ALA G 162 76.31 15.21 43.63
N VAL G 163 75.34 14.43 43.13
CA VAL G 163 74.47 13.68 44.04
C VAL G 163 75.12 12.37 44.51
N SER G 164 76.21 11.93 43.86
CA SER G 164 76.79 10.59 44.09
C SER G 164 77.53 10.44 45.42
N THR G 165 77.44 11.32 46.42
CA THR G 165 77.97 11.00 47.74
C THR G 165 77.17 9.90 48.42
N VAL G 166 75.91 9.70 48.04
CA VAL G 166 75.13 8.54 48.45
C VAL G 166 74.21 8.17 47.29
N LEU G 167 74.09 6.87 47.01
CA LEU G 167 73.30 6.44 45.85
C LEU G 167 72.26 5.39 46.22
N GLU G 168 72.63 4.48 47.15
CA GLU G 168 71.88 3.34 47.68
C GLU G 168 71.72 2.25 46.61
N ASP G 169 71.64 0.98 47.04
CA ASP G 169 72.11 -0.13 46.20
C ASP G 169 71.17 -0.41 45.02
N VAL G 170 69.86 -0.40 45.23
CA VAL G 170 68.95 -0.84 44.17
C VAL G 170 68.84 0.18 43.04
N GLN G 171 68.80 1.48 43.37
CA GLN G 171 68.79 2.50 42.33
C GLN G 171 70.14 2.59 41.63
N ALA G 172 71.24 2.32 42.35
CA ALA G 172 72.56 2.25 41.74
C ALA G 172 72.65 1.09 40.76
N ALA G 173 72.07 -0.06 41.10
CA ALA G 173 72.02 -1.18 40.17
C ALA G 173 71.14 -0.87 38.97
N GLY G 174 70.05 -0.11 39.19
CA GLY G 174 69.20 0.29 38.08
C GLY G 174 69.90 1.21 37.09
N ILE G 175 70.60 2.23 37.60
CA ILE G 175 71.29 3.15 36.69
C ILE G 175 72.51 2.46 36.07
N SER G 176 73.10 1.49 36.78
CA SER G 176 74.18 0.69 36.20
C SER G 176 73.70 -0.18 35.05
N ARG G 177 72.54 -0.81 35.19
CA ARG G 177 72.02 -1.64 34.10
C ARG G 177 71.53 -0.78 32.94
N GLN G 178 71.01 0.42 33.23
CA GLN G 178 70.68 1.36 32.16
C GLN G 178 71.95 1.84 31.45
N PHE G 179 73.04 1.98 32.19
CA PHE G 179 74.32 2.37 31.60
C PHE G 179 74.89 1.24 30.74
N THR G 180 74.69 -0.01 31.14
CA THR G 180 75.15 -1.13 30.32
C THR G 180 74.34 -1.24 29.03
N SER G 181 73.02 -1.00 29.11
CA SER G 181 72.21 -0.93 27.89
C SER G 181 72.63 0.24 27.00
N MET G 182 72.95 1.37 27.62
CA MET G 182 73.37 2.56 26.88
C MET G 182 74.71 2.33 26.19
N THR G 183 75.66 1.68 26.87
CA THR G 183 76.93 1.40 26.24
C THR G 183 76.85 0.22 25.25
N LYS G 184 75.84 -0.63 25.37
CA LYS G 184 75.54 -1.57 24.28
C LYS G 184 75.09 -0.83 23.03
N ALA G 185 74.23 0.18 23.20
CA ALA G 185 73.81 1.03 22.08
C ALA G 185 75.00 1.79 21.50
N ILE G 186 75.89 2.27 22.38
CA ILE G 186 77.10 2.97 21.94
C ILE G 186 78.04 2.03 21.18
N THR G 187 78.14 0.77 21.62
CA THR G 187 78.97 -0.21 20.91
C THR G 187 78.40 -0.54 19.53
N THR G 188 77.07 -0.65 19.43
CA THR G 188 76.45 -0.87 18.12
C THR G 188 76.63 0.35 17.21
N LEU G 189 76.54 1.55 17.76
CA LEU G 189 76.79 2.76 16.98
C LEU G 189 78.25 2.85 16.53
N SER G 190 79.17 2.42 17.39
CA SER G 190 80.58 2.39 17.01
C SER G 190 80.85 1.36 15.92
N ASP G 191 80.13 0.22 15.96
CA ASP G 191 80.22 -0.75 14.88
C ASP G 191 79.67 -0.18 13.58
N LEU G 192 78.56 0.56 13.66
CA LEU G 192 77.98 1.18 12.46
C LEU G 192 78.84 2.31 11.91
N VAL G 193 79.68 2.95 12.73
CA VAL G 193 80.58 3.97 12.18
C VAL G 193 81.94 3.41 11.79
N THR G 194 82.32 2.21 12.26
CA THR G 194 83.56 1.61 11.82
C THR G 194 83.38 0.59 10.69
N GLU G 195 82.14 0.23 10.35
CA GLU G 195 81.95 -0.72 9.26
C GLU G 195 82.22 -0.10 7.90
N GLY G 196 82.05 1.22 7.78
CA GLY G 196 82.33 1.92 6.53
C GLY G 196 81.34 1.64 5.42
PA D3T J . -13.92 18.92 -9.57
O1A D3T J . -12.85 19.88 -9.14
O2A D3T J . -14.73 18.48 -8.38
O5' D3T J . -13.32 17.65 -10.35
C5' D3T J . -12.07 17.69 -11.03
C4' D3T J . -11.69 16.29 -11.49
O4' D3T J . -11.43 15.51 -10.33
C1' D3T J . -12.02 14.22 -10.44
N1 D3T J . -12.77 13.90 -9.24
C6 D3T J . -13.36 14.88 -8.55
C2 D3T J . -12.89 12.57 -8.84
O2 D3T J . -12.32 11.68 -9.51
N3 D3T J . -13.57 12.22 -7.75
C4 D3T J . -14.18 13.15 -7.02
O4 D3T J . -14.82 12.81 -6.00
C5 D3T J . -14.09 14.57 -7.42
C5M D3T J . -14.77 15.65 -6.63
C2' D3T J . -12.99 14.28 -11.59
C3' D3T J . -12.84 15.64 -12.23
O3A D3T J . -14.85 19.64 -10.65
PB D3T J . -15.76 18.83 -11.69
O1B D3T J . -14.87 18.18 -12.71
O2B D3T J . -16.65 17.80 -11.04
O3B D3T J . -16.59 20.02 -12.38
PG D3T J . -17.68 20.90 -11.62
O1G D3T J . -18.10 20.25 -10.34
O2G D3T J . -17.11 22.26 -11.31
O3G D3T J . -18.87 21.08 -12.52
MG MG K . -14.50 21.12 -12.10
#